data_5EWS
#
_entry.id   5EWS
#
_cell.length_a   38.401
_cell.length_b   106.943
_cell.length_c   121.570
_cell.angle_alpha   90.000
_cell.angle_beta   90.000
_cell.angle_gamma   90.000
#
_symmetry.space_group_name_H-M   'P 1'
#
loop_
_entity.id
_entity.type
_entity.pdbx_description
1 polymer Galectin-2
2 branched beta-D-galactopyranose-(1-4)-beta-D-glucopyranose
3 water water
#
_entity_poly.entity_id   1
_entity_poly.type   'polypeptide(L)'
_entity_poly.pdbx_seq_one_letter_code
;GSHMTGELEVKNMDMKPGSTLKITGSIADGTDGFVINLGQGTDKLNLHFNPRFSESTIVCNSLDGSNWGQEQREDHLCFS
PGSEVKFTVTFESDKFKVKLPDGHELTFPNRLGHSHLSYLSVRGGFNMSSFKLK
;
_entity_poly.pdbx_strand_id   B,A,C,D,E,F,G,H,I,J,K,L,M,N,O,P
#
loop_
_chem_comp.id
_chem_comp.type
_chem_comp.name
_chem_comp.formula
BGC D-saccharide, beta linking beta-D-glucopyranose 'C6 H12 O6'
GAL D-saccharide, beta linking beta-D-galactopyranose 'C6 H12 O6'
#
# COMPACT_ATOMS: atom_id res chain seq x y z
N MET A 4 -16.93 28.49 -10.72
CA MET A 4 -16.73 29.84 -11.24
C MET A 4 -17.60 30.86 -10.48
N THR A 5 -18.77 30.43 -10.01
CA THR A 5 -19.58 31.31 -9.18
C THR A 5 -18.86 31.55 -7.86
N GLY A 6 -18.82 32.82 -7.43
CA GLY A 6 -18.09 33.18 -6.24
C GLY A 6 -16.61 33.40 -6.45
N GLU A 7 -16.05 33.01 -7.61
CA GLU A 7 -14.65 33.24 -7.92
C GLU A 7 -14.52 34.66 -8.47
N LEU A 8 -14.49 35.63 -7.56
CA LEU A 8 -14.58 37.03 -7.92
C LEU A 8 -13.43 37.47 -8.81
N GLU A 9 -13.75 38.33 -9.78
CA GLU A 9 -12.78 39.00 -10.63
C GLU A 9 -12.97 40.51 -10.52
N VAL A 10 -11.86 41.22 -10.33
CA VAL A 10 -11.86 42.69 -10.33
C VAL A 10 -10.96 43.13 -11.47
N LYS A 11 -11.54 43.82 -12.46
CA LYS A 11 -10.83 44.23 -13.66
C LYS A 11 -10.76 45.75 -13.74
N ASN A 12 -9.71 46.24 -14.40
CA ASN A 12 -9.50 47.67 -14.66
C ASN A 12 -9.30 48.47 -13.37
N MET A 13 -8.63 47.87 -12.39
CA MET A 13 -8.17 48.65 -11.26
C MET A 13 -7.03 49.56 -11.71
N ASP A 14 -6.68 50.50 -10.85
CA ASP A 14 -5.55 51.38 -11.10
C ASP A 14 -4.72 51.38 -9.82
N MET A 15 -4.01 50.27 -9.62
CA MET A 15 -3.15 50.06 -8.47
C MET A 15 -1.73 50.39 -8.91
N LYS A 16 -1.20 51.48 -8.36
CA LYS A 16 0.04 52.08 -8.79
C LYS A 16 1.11 51.82 -7.75
N PRO A 17 2.39 51.89 -8.12
CA PRO A 17 3.46 51.73 -7.13
C PRO A 17 3.22 52.69 -5.97
N GLY A 18 3.31 52.16 -4.76
CA GLY A 18 2.94 52.92 -3.58
C GLY A 18 1.53 52.66 -3.10
N SER A 19 0.72 51.96 -3.88
CA SER A 19 -0.66 51.72 -3.49
C SER A 19 -0.77 50.46 -2.63
N THR A 20 -1.81 50.41 -1.82
CA THR A 20 -2.04 49.29 -0.92
C THR A 20 -3.43 48.74 -1.18
N LEU A 21 -3.55 47.41 -1.11
CA LEU A 21 -4.80 46.72 -1.37
C LEU A 21 -5.13 45.85 -0.15
N LYS A 22 -6.25 46.14 0.50
CA LYS A 22 -6.68 45.43 1.69
C LYS A 22 -7.89 44.56 1.32
N ILE A 23 -7.75 43.26 1.49
CA ILE A 23 -8.77 42.29 1.12
C ILE A 23 -9.26 41.56 2.36
N THR A 24 -10.57 41.49 2.51
CA THR A 24 -11.23 40.75 3.59
C THR A 24 -12.12 39.67 2.98
N GLY A 25 -12.16 38.52 3.64
CA GLY A 25 -12.99 37.43 3.18
C GLY A 25 -12.97 36.30 4.17
N SER A 26 -13.75 35.26 3.85
CA SER A 26 -13.90 34.10 4.71
C SER A 26 -13.36 32.87 3.99
N ILE A 27 -12.53 32.10 4.69
CA ILE A 27 -12.01 30.85 4.14
C ILE A 27 -13.06 29.77 4.34
N ALA A 28 -13.38 29.05 3.26
CA ALA A 28 -14.42 28.04 3.34
C ALA A 28 -13.93 26.81 4.09
N ASP A 29 -14.86 26.17 4.80
CA ASP A 29 -14.51 25.09 5.72
C ASP A 29 -13.89 23.91 4.96
N GLY A 30 -12.84 23.32 5.55
CA GLY A 30 -12.31 22.10 4.99
C GLY A 30 -11.64 22.22 3.65
N THR A 31 -11.25 23.43 3.25
CA THR A 31 -10.59 23.63 1.97
C THR A 31 -9.10 23.39 2.09
N ASP A 32 -8.51 22.91 0.99
CA ASP A 32 -7.08 22.63 0.94
C ASP A 32 -6.25 23.85 0.59
N GLY A 33 -6.89 24.96 0.23
CA GLY A 33 -6.17 26.17 -0.12
C GLY A 33 -7.08 27.12 -0.86
N PHE A 34 -6.54 28.30 -1.11
CA PHE A 34 -7.21 29.32 -1.91
C PHE A 34 -6.16 30.20 -2.55
N VAL A 35 -6.60 31.05 -3.47
CA VAL A 35 -5.68 31.81 -4.33
C VAL A 35 -6.16 33.25 -4.44
N ILE A 36 -5.23 34.18 -4.26
CA ILE A 36 -5.45 35.59 -4.59
C ILE A 36 -4.44 35.97 -5.66
N ASN A 37 -4.91 36.34 -6.85
CA ASN A 37 -4.06 36.68 -7.98
C ASN A 37 -4.09 38.18 -8.25
N LEU A 38 -2.91 38.74 -8.54
CA LEU A 38 -2.75 40.17 -8.79
C LEU A 38 -1.76 40.38 -9.92
N GLY A 39 -2.15 41.17 -10.92
CA GLY A 39 -1.32 41.38 -12.09
C GLY A 39 -1.94 42.23 -13.18
N GLN A 40 -1.59 41.94 -14.43
CA GLN A 40 -2.08 42.69 -15.59
C GLN A 40 -3.30 42.04 -16.24
N GLY A 41 -3.53 40.77 -15.98
CA GLY A 41 -4.60 40.05 -16.65
C GLY A 41 -4.57 38.60 -16.25
N THR A 42 -5.40 37.80 -16.92
CA THR A 42 -5.52 36.40 -16.54
C THR A 42 -4.24 35.63 -16.80
N ASP A 43 -3.45 36.03 -17.80
CA ASP A 43 -2.22 35.31 -18.15
C ASP A 43 -0.96 36.06 -17.73
N LYS A 44 -1.10 37.23 -17.10
CA LYS A 44 0.04 38.03 -16.65
C LYS A 44 -0.19 38.34 -15.18
N LEU A 45 0.30 37.46 -14.30
CA LEU A 45 0.08 37.55 -12.86
C LEU A 45 1.38 37.93 -12.18
N ASN A 46 1.47 39.19 -11.73
CA ASN A 46 2.65 39.64 -10.98
C ASN A 46 2.76 38.92 -9.64
N LEU A 47 1.63 38.69 -8.96
CA LEU A 47 1.62 38.05 -7.66
C LEU A 47 0.56 36.96 -7.64
N HIS A 48 0.99 35.72 -7.48
CA HIS A 48 0.10 34.58 -7.27
C HIS A 48 0.26 34.15 -5.82
N PHE A 49 -0.76 34.42 -5.00
CA PHE A 49 -0.68 34.25 -3.56
C PHE A 49 -1.60 33.08 -3.19
N ASN A 50 -1.01 31.98 -2.75
CA ASN A 50 -1.71 30.70 -2.67
C ASN A 50 -1.40 30.00 -1.35
N PRO A 51 -2.14 30.35 -0.29
CA PRO A 51 -2.07 29.56 0.94
C PRO A 51 -2.60 28.15 0.70
N ARG A 52 -1.83 27.16 1.13
CA ARG A 52 -2.17 25.75 0.98
C ARG A 52 -2.15 25.09 2.34
N PHE A 53 -3.33 24.71 2.84
CA PHE A 53 -3.44 24.16 4.19
C PHE A 53 -3.06 22.69 4.20
N SER A 54 -3.28 21.99 3.07
CA SER A 54 -2.82 20.62 2.97
C SER A 54 -1.30 20.53 3.04
N GLU A 55 -0.60 21.59 2.66
CA GLU A 55 0.85 21.63 2.71
C GLU A 55 1.42 22.54 3.79
N SER A 56 0.58 23.17 4.61
CA SER A 56 1.01 24.04 5.71
C SER A 56 2.05 25.07 5.27
N THR A 57 1.82 25.69 4.12
CA THR A 57 2.74 26.67 3.58
C THR A 57 1.97 27.61 2.67
N ILE A 58 2.57 28.77 2.40
CA ILE A 58 1.99 29.76 1.49
C ILE A 58 2.90 29.86 0.27
N VAL A 59 2.37 29.48 -0.88
CA VAL A 59 3.11 29.56 -2.13
C VAL A 59 2.85 30.91 -2.79
N CYS A 60 3.93 31.60 -3.15
CA CYS A 60 3.87 32.79 -3.98
C CYS A 60 4.60 32.52 -5.28
N ASN A 61 4.04 32.98 -6.40
CA ASN A 61 4.65 32.76 -7.69
C ASN A 61 4.19 33.85 -8.66
N SER A 62 4.74 33.79 -9.87
CA SER A 62 4.36 34.69 -10.96
C SER A 62 4.00 33.87 -12.19
N LEU A 63 3.21 34.46 -13.07
CA LEU A 63 2.78 33.81 -14.30
C LEU A 63 2.92 34.80 -15.45
N ASP A 64 3.75 34.46 -16.43
CA ASP A 64 3.96 35.29 -17.62
C ASP A 64 3.51 34.46 -18.82
N GLY A 65 2.32 34.75 -19.32
CA GLY A 65 1.73 33.95 -20.38
C GLY A 65 1.34 32.59 -19.86
N SER A 66 2.00 31.55 -20.37
CA SER A 66 1.81 30.19 -19.89
C SER A 66 3.01 29.70 -19.08
N ASN A 67 3.94 30.60 -18.75
CA ASN A 67 5.17 30.24 -18.07
C ASN A 67 5.07 30.64 -16.61
N TRP A 68 5.05 29.65 -15.72
CA TRP A 68 5.16 29.93 -14.30
C TRP A 68 6.62 30.16 -13.92
N GLY A 69 6.84 31.07 -12.99
CA GLY A 69 8.15 31.29 -12.44
C GLY A 69 8.50 30.22 -11.43
N GLN A 70 9.52 30.50 -10.61
CA GLN A 70 9.89 29.63 -9.51
C GLN A 70 9.04 29.98 -8.30
N GLU A 71 8.45 28.95 -7.68
CA GLU A 71 7.65 29.18 -6.49
C GLU A 71 8.51 29.59 -5.30
N GLN A 72 7.92 30.43 -4.45
CA GLN A 72 8.51 30.84 -3.19
C GLN A 72 7.54 30.46 -2.08
N ARG A 73 7.95 29.52 -1.23
CA ARG A 73 7.10 29.02 -0.16
C ARG A 73 7.50 29.66 1.16
N GLU A 74 6.50 30.09 1.93
CA GLU A 74 6.71 30.75 3.21
C GLU A 74 6.00 29.92 4.27
N ASP A 75 6.78 29.33 5.17
CA ASP A 75 6.20 28.51 6.22
C ASP A 75 5.62 29.37 7.33
N HIS A 76 4.73 30.29 6.99
CA HIS A 76 4.04 31.10 7.98
C HIS A 76 2.56 31.12 7.57
N LEU A 77 1.91 29.98 7.75
CA LEU A 77 0.49 29.79 7.51
C LEU A 77 -0.13 29.60 8.89
N CYS A 78 -0.65 30.68 9.48
CA CYS A 78 -1.10 30.67 10.86
C CYS A 78 -2.57 31.02 10.99
N PHE A 79 -3.36 30.75 9.94
CA PHE A 79 -4.81 30.86 10.00
C PHE A 79 -5.43 29.57 9.49
N SER A 80 -6.69 29.35 9.84
CA SER A 80 -7.34 28.06 9.65
C SER A 80 -8.63 28.24 8.88
N PRO A 81 -9.09 27.17 8.21
CA PRO A 81 -10.34 27.24 7.45
C PRO A 81 -11.55 27.57 8.31
N GLY A 82 -12.51 28.26 7.71
CA GLY A 82 -13.69 28.72 8.41
C GLY A 82 -13.53 30.10 9.02
N SER A 83 -12.29 30.56 9.16
CA SER A 83 -12.00 31.84 9.75
C SER A 83 -12.14 32.96 8.72
N GLU A 84 -12.34 34.17 9.22
CA GLU A 84 -12.40 35.37 8.39
C GLU A 84 -11.06 36.08 8.52
N VAL A 85 -10.28 36.07 7.45
CA VAL A 85 -8.95 36.64 7.45
C VAL A 85 -8.95 37.93 6.65
N LYS A 86 -7.87 38.71 6.81
CA LYS A 86 -7.71 39.97 6.11
C LYS A 86 -6.26 40.13 5.69
N PHE A 87 -6.05 40.48 4.41
CA PHE A 87 -4.72 40.64 3.84
C PHE A 87 -4.57 42.07 3.34
N THR A 88 -3.38 42.63 3.52
CA THR A 88 -3.04 43.93 2.94
C THR A 88 -1.84 43.73 2.04
N VAL A 89 -2.02 44.01 0.75
CA VAL A 89 -0.95 43.89 -0.24
C VAL A 89 -0.51 45.29 -0.61
N THR A 90 0.78 45.59 -0.40
CA THR A 90 1.37 46.86 -0.79
C THR A 90 2.24 46.64 -2.02
N PHE A 91 1.99 47.44 -3.06
CA PHE A 91 2.62 47.27 -4.37
C PHE A 91 3.76 48.28 -4.54
N GLU A 92 4.99 47.78 -4.58
CA GLU A 92 6.15 48.56 -4.96
C GLU A 92 6.67 48.08 -6.29
N SER A 93 7.42 48.94 -6.97
CA SER A 93 8.03 48.54 -8.24
C SER A 93 9.07 47.46 -8.04
N ASP A 94 9.64 47.38 -6.84
CA ASP A 94 10.67 46.40 -6.54
C ASP A 94 10.12 45.08 -6.03
N LYS A 95 9.08 45.12 -5.20
CA LYS A 95 8.58 43.91 -4.56
C LYS A 95 7.16 44.12 -4.08
N PHE A 96 6.52 43.02 -3.71
CA PHE A 96 5.20 43.02 -3.08
C PHE A 96 5.35 42.74 -1.60
N LYS A 97 4.55 43.42 -0.77
CA LYS A 97 4.50 43.17 0.66
C LYS A 97 3.09 42.73 1.03
N VAL A 98 2.98 41.56 1.64
CA VAL A 98 1.69 41.00 2.05
C VAL A 98 1.68 40.91 3.57
N LYS A 99 0.87 41.75 4.21
CA LYS A 99 0.72 41.68 5.66
C LYS A 99 -0.33 40.64 6.00
N LEU A 100 0.07 39.62 6.73
CA LEU A 100 -0.80 38.50 7.09
C LEU A 100 -1.70 38.89 8.26
N PRO A 101 -2.74 38.10 8.53
CA PRO A 101 -3.70 38.49 9.59
C PRO A 101 -3.04 38.70 10.94
N ASP A 102 -1.91 38.06 11.22
CA ASP A 102 -1.20 38.27 12.48
C ASP A 102 -0.10 39.32 12.38
N GLY A 103 0.01 40.00 11.24
CA GLY A 103 0.99 41.06 11.06
C GLY A 103 2.28 40.67 10.38
N HIS A 104 2.56 39.38 10.22
CA HIS A 104 3.80 38.97 9.55
C HIS A 104 3.79 39.42 8.09
N GLU A 105 4.88 40.06 7.67
CA GLU A 105 4.99 40.66 6.36
C GLU A 105 5.81 39.76 5.44
N LEU A 106 5.25 39.42 4.28
CA LEU A 106 5.91 38.59 3.29
C LEU A 106 6.29 39.44 2.09
N THR A 107 7.50 39.21 1.58
CA THR A 107 7.99 39.92 0.40
C THR A 107 8.07 38.97 -0.79
N PHE A 108 7.65 39.44 -1.95
CA PHE A 108 7.73 38.65 -3.16
C PHE A 108 8.15 39.59 -4.27
N PRO A 109 9.16 39.25 -5.05
CA PRO A 109 9.64 40.16 -6.10
C PRO A 109 8.61 40.32 -7.22
N ASN A 110 8.56 41.53 -7.77
CA ASN A 110 7.76 41.81 -8.96
C ASN A 110 8.61 41.52 -10.19
N ARG A 111 8.33 40.39 -10.83
CA ARG A 111 9.14 39.93 -11.96
C ARG A 111 8.58 40.38 -13.30
N LEU A 112 7.42 41.05 -13.32
CA LEU A 112 6.70 41.28 -14.55
C LEU A 112 6.57 42.77 -14.86
N GLY A 113 7.52 43.57 -14.38
CA GLY A 113 7.58 44.98 -14.69
C GLY A 113 6.81 45.85 -13.71
N HIS A 114 7.20 47.14 -13.70
CA HIS A 114 6.63 48.08 -12.75
C HIS A 114 5.19 48.45 -13.09
N SER A 115 4.76 48.18 -14.32
CA SER A 115 3.47 48.60 -14.84
C SER A 115 2.35 48.34 -13.84
N HIS A 116 1.45 49.33 -13.71
CA HIS A 116 0.44 49.33 -12.67
C HIS A 116 -0.41 48.06 -12.70
N LEU A 117 -0.96 47.71 -11.55
CA LEU A 117 -1.75 46.49 -11.40
C LEU A 117 -3.23 46.81 -11.66
N SER A 118 -3.83 46.06 -12.59
CA SER A 118 -5.21 46.30 -12.98
C SER A 118 -6.15 45.13 -12.75
N TYR A 119 -5.63 43.96 -12.36
CA TYR A 119 -6.41 42.73 -12.38
C TYR A 119 -6.28 41.99 -11.06
N LEU A 120 -7.42 41.61 -10.50
CA LEU A 120 -7.47 40.81 -9.27
C LEU A 120 -8.48 39.69 -9.44
N SER A 121 -8.09 38.47 -9.07
CA SER A 121 -8.99 37.33 -9.14
C SER A 121 -8.75 36.45 -7.92
N VAL A 122 -9.82 35.81 -7.45
CA VAL A 122 -9.77 34.92 -6.29
C VAL A 122 -10.30 33.55 -6.70
N ARG A 123 -9.59 32.51 -6.29
CA ARG A 123 -9.95 31.14 -6.60
C ARG A 123 -9.87 30.28 -5.34
N GLY A 124 -10.48 29.10 -5.41
CA GLY A 124 -10.44 28.17 -4.30
C GLY A 124 -11.44 28.52 -3.21
N GLY A 125 -11.16 28.02 -2.01
CA GLY A 125 -12.09 28.16 -0.91
C GLY A 125 -11.96 29.49 -0.19
N PHE A 126 -12.09 30.59 -0.95
CA PHE A 126 -12.08 31.94 -0.41
C PHE A 126 -13.21 32.73 -1.04
N ASN A 127 -14.09 33.30 -0.22
CA ASN A 127 -15.18 34.15 -0.68
C ASN A 127 -14.87 35.58 -0.26
N MET A 128 -14.37 36.37 -1.19
CA MET A 128 -14.02 37.75 -0.88
C MET A 128 -15.26 38.56 -0.60
N SER A 129 -15.28 39.25 0.54
CA SER A 129 -16.41 40.07 0.93
C SER A 129 -16.16 41.56 0.80
N SER A 130 -14.90 41.99 0.74
CA SER A 130 -14.59 43.40 0.57
C SER A 130 -13.15 43.57 0.11
N PHE A 131 -12.89 44.66 -0.62
CA PHE A 131 -11.51 45.12 -0.81
C PHE A 131 -11.52 46.64 -0.77
N LYS A 132 -10.34 47.20 -0.53
CA LYS A 132 -10.18 48.65 -0.48
C LYS A 132 -8.82 49.02 -1.06
N LEU A 133 -8.82 49.92 -2.03
CA LEU A 133 -7.59 50.43 -2.63
C LEU A 133 -7.29 51.81 -2.05
N LYS A 134 -6.05 52.03 -1.66
CA LYS A 134 -5.67 53.27 -1.00
C LYS A 134 -4.37 53.82 -1.58
N MET B 4 -38.63 -27.53 0.22
CA MET B 4 -38.47 -26.37 -0.64
C MET B 4 -39.10 -25.20 0.11
N THR B 5 -40.17 -25.50 0.84
CA THR B 5 -40.78 -24.57 1.77
C THR B 5 -39.93 -24.39 3.02
N GLY B 6 -39.80 -23.16 3.49
CA GLY B 6 -38.98 -22.86 4.63
C GLY B 6 -37.51 -22.69 4.33
N GLU B 7 -37.04 -23.08 3.15
CA GLU B 7 -35.66 -22.84 2.76
C GLU B 7 -35.62 -21.43 2.21
N LEU B 8 -35.59 -20.46 3.12
CA LEU B 8 -35.74 -19.07 2.75
C LEU B 8 -34.63 -18.63 1.81
N GLU B 9 -35.00 -17.80 0.84
CA GLU B 9 -34.05 -17.15 -0.05
C GLU B 9 -34.23 -15.65 0.06
N VAL B 10 -33.13 -14.94 0.27
CA VAL B 10 -33.11 -13.49 0.32
C VAL B 10 -32.18 -13.01 -0.79
N LYS B 11 -32.72 -12.21 -1.70
CA LYS B 11 -31.98 -11.74 -2.86
C LYS B 11 -32.10 -10.23 -2.97
N ASN B 12 -31.12 -9.62 -3.63
CA ASN B 12 -30.99 -8.17 -3.73
C ASN B 12 -30.90 -7.54 -2.35
N MET B 13 -30.27 -8.25 -1.41
CA MET B 13 -29.97 -7.71 -0.10
C MET B 13 -28.86 -6.67 -0.23
N ASP B 14 -28.67 -5.87 0.84
CA ASP B 14 -27.66 -4.82 0.84
C ASP B 14 -26.81 -4.90 2.10
N MET B 15 -25.95 -5.92 2.15
CA MET B 15 -25.02 -6.12 3.24
C MET B 15 -23.63 -5.68 2.80
N LYS B 16 -23.04 -4.73 3.51
CA LYS B 16 -21.79 -4.11 3.13
C LYS B 16 -20.77 -4.22 4.26
N PRO B 17 -19.47 -4.11 3.95
CA PRO B 17 -18.45 -4.25 5.00
C PRO B 17 -18.71 -3.36 6.19
N GLY B 18 -18.58 -3.93 7.39
CA GLY B 18 -18.92 -3.24 8.62
C GLY B 18 -20.30 -3.54 9.14
N SER B 19 -21.12 -4.25 8.35
CA SER B 19 -22.50 -4.55 8.70
C SER B 19 -22.62 -5.83 9.53
N THR B 20 -23.73 -5.92 10.24
CA THR B 20 -24.05 -7.06 11.09
C THR B 20 -25.39 -7.63 10.67
N LEU B 21 -25.50 -8.95 10.70
CA LEU B 21 -26.73 -9.65 10.31
C LEU B 21 -27.17 -10.56 11.44
N LYS B 22 -28.31 -10.26 12.04
CA LYS B 22 -28.89 -11.11 13.07
C LYS B 22 -29.94 -12.03 12.43
N ILE B 23 -29.90 -13.30 12.81
CA ILE B 23 -30.82 -14.30 12.27
C ILE B 23 -31.38 -15.11 13.42
N THR B 24 -32.72 -15.21 13.49
CA THR B 24 -33.41 -16.03 14.47
C THR B 24 -34.28 -17.06 13.77
N GLY B 25 -34.35 -18.24 14.35
CA GLY B 25 -35.15 -19.32 13.80
C GLY B 25 -35.17 -20.50 14.74
N SER B 26 -35.90 -21.53 14.33
CA SER B 26 -36.06 -22.73 15.14
C SER B 26 -35.42 -23.90 14.41
N ILE B 27 -34.61 -24.67 15.14
CA ILE B 27 -33.95 -25.85 14.57
C ILE B 27 -34.93 -27.01 14.58
N ALA B 28 -35.19 -27.58 13.40
CA ALA B 28 -36.19 -28.63 13.28
C ALA B 28 -35.79 -29.87 14.06
N ASP B 29 -36.78 -30.53 14.65
CA ASP B 29 -36.50 -31.71 15.47
C ASP B 29 -36.14 -32.90 14.60
N GLY B 30 -35.14 -33.65 15.03
CA GLY B 30 -34.65 -34.79 14.28
C GLY B 30 -33.82 -34.46 13.06
N THR B 31 -33.36 -33.22 12.93
CA THR B 31 -32.46 -32.88 11.82
C THR B 31 -31.03 -33.09 12.27
N ASP B 32 -30.19 -33.49 11.31
CA ASP B 32 -28.78 -33.69 11.61
C ASP B 32 -27.97 -32.41 11.44
N GLY B 33 -28.61 -31.33 11.01
CA GLY B 33 -27.90 -30.08 10.82
C GLY B 33 -28.75 -29.12 10.01
N PHE B 34 -28.21 -27.92 9.85
CA PHE B 34 -28.84 -26.89 9.03
C PHE B 34 -27.75 -26.01 8.47
N VAL B 35 -28.13 -25.13 7.55
CA VAL B 35 -27.17 -24.37 6.75
C VAL B 35 -27.63 -22.93 6.67
N ILE B 36 -26.71 -22.00 6.92
CA ILE B 36 -26.91 -20.58 6.62
C ILE B 36 -25.86 -20.17 5.60
N ASN B 37 -26.30 -19.80 4.40
CA ASN B 37 -25.42 -19.40 3.32
C ASN B 37 -25.50 -17.90 3.11
N LEU B 38 -24.36 -17.27 2.93
CA LEU B 38 -24.30 -15.82 2.74
C LEU B 38 -23.28 -15.55 1.66
N GLY B 39 -23.70 -14.81 0.63
CA GLY B 39 -22.83 -14.59 -0.50
C GLY B 39 -23.47 -13.82 -1.64
N GLN B 40 -23.06 -14.12 -2.87
CA GLN B 40 -23.53 -13.39 -4.04
C GLN B 40 -24.66 -14.11 -4.76
N GLY B 41 -24.85 -15.40 -4.51
CA GLY B 41 -25.85 -16.17 -5.22
C GLY B 41 -25.78 -17.62 -4.78
N THR B 42 -26.58 -18.46 -5.45
CA THR B 42 -26.71 -19.87 -5.06
C THR B 42 -25.43 -20.68 -5.26
N ASP B 43 -24.63 -20.32 -6.26
CA ASP B 43 -23.40 -21.03 -6.57
C ASP B 43 -22.19 -20.25 -6.07
N LYS B 44 -22.43 -19.13 -5.38
CA LYS B 44 -21.40 -18.12 -5.13
C LYS B 44 -21.53 -17.75 -3.66
N LEU B 45 -20.92 -18.57 -2.80
CA LEU B 45 -21.08 -18.52 -1.34
C LEU B 45 -19.82 -18.07 -0.60
N ASN B 46 -19.84 -16.83 -0.09
CA ASN B 46 -18.76 -16.34 0.75
C ASN B 46 -18.68 -17.07 2.09
N LEU B 47 -19.83 -17.35 2.72
CA LEU B 47 -19.87 -18.04 4.01
C LEU B 47 -20.90 -19.15 3.93
N HIS B 48 -20.44 -20.38 4.08
CA HIS B 48 -21.32 -21.54 4.18
C HIS B 48 -21.24 -22.01 5.63
N PHE B 49 -22.30 -21.77 6.38
CA PHE B 49 -22.33 -21.98 7.83
C PHE B 49 -23.24 -23.16 8.12
N ASN B 50 -22.64 -24.26 8.57
CA ASN B 50 -23.31 -25.55 8.59
C ASN B 50 -23.05 -26.27 9.91
N PRO B 51 -23.83 -25.97 10.95
CA PRO B 51 -23.78 -26.79 12.17
C PRO B 51 -24.27 -28.20 11.87
N ARG B 52 -23.47 -29.19 12.24
CA ARG B 52 -23.77 -30.59 12.00
C ARG B 52 -23.96 -31.29 13.34
N PHE B 53 -25.22 -31.48 13.74
CA PHE B 53 -25.50 -32.18 14.99
C PHE B 53 -25.07 -33.64 14.92
N SER B 54 -25.18 -34.25 13.74
CA SER B 54 -24.74 -35.64 13.57
C SER B 54 -23.24 -35.79 13.78
N GLU B 55 -22.48 -34.74 13.52
CA GLU B 55 -21.03 -34.77 13.71
C GLU B 55 -20.56 -33.94 14.91
N SER B 56 -21.48 -33.35 15.67
CA SER B 56 -21.13 -32.54 16.83
C SER B 56 -20.10 -31.48 16.46
N THR B 57 -20.30 -30.83 15.32
CA THR B 57 -19.35 -29.83 14.82
C THR B 57 -20.09 -28.82 13.96
N ILE B 58 -19.44 -27.68 13.75
CA ILE B 58 -19.95 -26.61 12.90
C ILE B 58 -19.00 -26.45 11.72
N VAL B 59 -19.50 -26.71 10.51
CA VAL B 59 -18.70 -26.54 9.30
C VAL B 59 -18.89 -25.16 8.70
N CYS B 60 -17.77 -24.48 8.46
CA CYS B 60 -17.72 -23.25 7.68
C CYS B 60 -16.90 -23.51 6.42
N ASN B 61 -17.37 -23.00 5.29
CA ASN B 61 -16.68 -23.18 4.02
C ASN B 61 -17.10 -22.07 3.07
N SER B 62 -16.49 -22.08 1.89
CA SER B 62 -16.83 -21.15 0.81
C SER B 62 -17.11 -21.95 -0.46
N LEU B 63 -17.88 -21.34 -1.37
CA LEU B 63 -18.26 -22.00 -2.62
C LEU B 63 -18.10 -21.03 -3.78
N ASP B 64 -17.26 -21.43 -4.75
CA ASP B 64 -17.02 -20.68 -5.99
C ASP B 64 -17.51 -21.54 -7.15
N GLY B 65 -18.68 -21.22 -7.67
CA GLY B 65 -19.26 -22.04 -8.71
C GLY B 65 -19.64 -23.40 -8.16
N SER B 66 -18.96 -24.44 -8.62
CA SER B 66 -19.12 -25.79 -8.11
C SER B 66 -17.92 -26.25 -7.28
N ASN B 67 -16.97 -25.35 -6.99
CA ASN B 67 -15.72 -25.71 -6.32
C ASN B 67 -15.81 -25.27 -4.86
N TRP B 68 -15.84 -26.25 -3.97
CA TRP B 68 -15.81 -25.98 -2.53
C TRP B 68 -14.40 -25.68 -2.05
N GLY B 69 -14.31 -24.77 -1.07
CA GLY B 69 -13.06 -24.48 -0.42
C GLY B 69 -12.72 -25.53 0.63
N GLN B 70 -11.67 -25.24 1.38
CA GLN B 70 -11.26 -26.09 2.50
C GLN B 70 -12.15 -25.82 3.70
N GLU B 71 -12.73 -26.88 4.27
CA GLU B 71 -13.59 -26.72 5.43
C GLU B 71 -12.80 -26.23 6.64
N GLN B 72 -13.47 -25.42 7.46
CA GLN B 72 -12.94 -24.94 8.73
C GLN B 72 -13.93 -25.36 9.81
N ARG B 73 -13.52 -26.27 10.68
CA ARG B 73 -14.43 -26.90 11.63
C ARG B 73 -14.35 -26.30 13.03
N GLU B 74 -15.52 -26.22 13.68
CA GLU B 74 -15.68 -25.70 15.02
C GLU B 74 -16.23 -26.82 15.90
N ASP B 75 -15.76 -26.85 17.14
CA ASP B 75 -16.17 -27.85 18.12
C ASP B 75 -17.15 -27.30 19.15
N HIS B 76 -17.59 -26.07 18.99
CA HIS B 76 -18.32 -25.35 20.02
C HIS B 76 -19.80 -25.27 19.64
N LEU B 77 -20.46 -26.42 19.76
CA LEU B 77 -21.88 -26.56 19.42
C LEU B 77 -22.70 -26.84 20.68
N CYS B 78 -23.33 -25.81 21.24
CA CYS B 78 -24.12 -25.94 22.45
C CYS B 78 -25.58 -25.56 22.23
N PHE B 79 -26.07 -25.78 21.01
CA PHE B 79 -27.48 -25.64 20.72
C PHE B 79 -27.97 -26.95 20.11
N SER B 80 -29.27 -27.20 20.25
CA SER B 80 -29.84 -28.50 19.98
C SER B 80 -31.04 -28.35 19.08
N PRO B 81 -31.46 -29.43 18.41
CA PRO B 81 -32.73 -29.38 17.68
C PRO B 81 -33.85 -29.05 18.67
N GLY B 82 -34.87 -28.35 18.17
CA GLY B 82 -35.91 -27.82 19.01
C GLY B 82 -35.65 -26.41 19.49
N SER B 83 -34.38 -26.02 19.62
CA SER B 83 -34.05 -24.69 20.12
C SER B 83 -34.47 -23.61 19.14
N GLU B 84 -34.66 -22.41 19.67
CA GLU B 84 -34.88 -21.19 18.90
C GLU B 84 -33.67 -20.29 19.12
N VAL B 85 -32.82 -20.18 18.09
CA VAL B 85 -31.47 -19.65 18.23
C VAL B 85 -31.37 -18.31 17.50
N LYS B 86 -30.27 -17.61 17.76
CA LYS B 86 -29.96 -16.31 17.17
C LYS B 86 -28.50 -16.33 16.77
N PHE B 87 -28.19 -15.93 15.54
CA PHE B 87 -26.81 -15.80 15.10
C PHE B 87 -26.54 -14.38 14.66
N THR B 88 -25.35 -13.89 14.96
CA THR B 88 -24.91 -12.58 14.51
C THR B 88 -23.68 -12.73 13.64
N VAL B 89 -23.79 -12.33 12.38
CA VAL B 89 -22.68 -12.37 11.43
C VAL B 89 -22.23 -10.94 11.17
N THR B 90 -20.95 -10.66 11.44
CA THR B 90 -20.35 -9.37 11.13
C THR B 90 -19.43 -9.56 9.92
N PHE B 91 -19.64 -8.75 8.90
CA PHE B 91 -18.95 -8.88 7.61
C PHE B 91 -17.86 -7.82 7.47
N GLU B 92 -16.60 -8.28 7.50
CA GLU B 92 -15.46 -7.49 7.10
C GLU B 92 -14.80 -8.07 5.85
N SER B 93 -14.01 -7.21 5.19
CA SER B 93 -13.24 -7.62 4.02
C SER B 93 -12.20 -8.66 4.35
N ASP B 94 -11.74 -8.69 5.60
CA ASP B 94 -10.76 -9.67 6.05
C ASP B 94 -11.41 -11.00 6.38
N LYS B 95 -12.55 -10.99 7.04
CA LYS B 95 -13.11 -12.20 7.62
C LYS B 95 -14.58 -11.99 7.94
N PHE B 96 -15.25 -13.09 8.23
CA PHE B 96 -16.58 -13.10 8.83
C PHE B 96 -16.45 -13.38 10.31
N LYS B 97 -17.32 -12.77 11.11
CA LYS B 97 -17.40 -13.06 12.54
C LYS B 97 -18.81 -13.53 12.84
N VAL B 98 -18.92 -14.76 13.36
CA VAL B 98 -20.21 -15.39 13.63
C VAL B 98 -20.35 -15.57 15.14
N LYS B 99 -21.34 -14.91 15.73
CA LYS B 99 -21.62 -15.02 17.15
C LYS B 99 -22.73 -16.06 17.36
N LEU B 100 -22.59 -16.87 18.38
CA LEU B 100 -23.41 -18.06 18.53
C LEU B 100 -24.43 -17.88 19.66
N PRO B 101 -25.43 -18.78 19.78
CA PRO B 101 -26.46 -18.60 20.82
C PRO B 101 -25.90 -18.50 22.22
N ASP B 102 -24.73 -19.04 22.44
CA ASP B 102 -24.07 -19.02 23.73
C ASP B 102 -23.13 -17.84 23.90
N GLY B 103 -23.00 -17.00 22.87
CA GLY B 103 -22.11 -15.86 22.92
C GLY B 103 -20.72 -16.11 22.37
N HIS B 104 -20.31 -17.36 22.19
CA HIS B 104 -19.00 -17.62 21.62
C HIS B 104 -18.97 -17.14 20.18
N GLU B 105 -17.80 -16.65 19.77
CA GLU B 105 -17.64 -15.98 18.49
C GLU B 105 -16.54 -16.67 17.71
N LEU B 106 -16.81 -17.00 16.45
CA LEU B 106 -15.85 -17.70 15.61
C LEU B 106 -15.61 -16.90 14.35
N THR B 107 -14.42 -17.10 13.77
CA THR B 107 -13.94 -16.36 12.62
C THR B 107 -13.75 -17.28 11.43
N PHE B 108 -14.11 -16.79 10.25
CA PHE B 108 -13.96 -17.54 9.01
C PHE B 108 -13.43 -16.56 7.97
N PRO B 109 -12.37 -16.92 7.25
CA PRO B 109 -11.82 -15.98 6.27
C PRO B 109 -12.78 -15.76 5.12
N ASN B 110 -12.83 -14.52 4.63
CA ASN B 110 -13.57 -14.22 3.42
C ASN B 110 -12.60 -14.44 2.27
N ARG B 111 -12.76 -15.56 1.57
CA ARG B 111 -11.83 -15.99 0.53
C ARG B 111 -12.25 -15.50 -0.84
N LEU B 112 -13.39 -14.84 -0.95
CA LEU B 112 -14.02 -14.56 -2.23
C LEU B 112 -14.11 -13.07 -2.52
N GLY B 113 -13.21 -12.28 -1.96
CA GLY B 113 -13.15 -10.86 -2.25
C GLY B 113 -14.02 -10.02 -1.33
N HIS B 114 -13.69 -8.73 -1.26
CA HIS B 114 -14.44 -7.80 -0.41
C HIS B 114 -15.69 -7.27 -1.10
N SER B 115 -16.41 -8.17 -1.75
CA SER B 115 -17.65 -7.84 -2.44
C SER B 115 -18.75 -7.51 -1.43
N HIS B 116 -19.61 -6.58 -1.82
CA HIS B 116 -20.98 -6.48 -1.34
C HIS B 116 -21.61 -7.88 -1.27
N LEU B 117 -22.28 -8.18 -0.16
CA LEU B 117 -23.04 -9.42 -0.03
C LEU B 117 -24.52 -9.15 -0.26
N SER B 118 -25.11 -9.87 -1.21
CA SER B 118 -26.49 -9.67 -1.60
C SER B 118 -27.40 -10.88 -1.41
N TYR B 119 -26.86 -12.05 -1.04
CA TYR B 119 -27.63 -13.29 -1.11
C TYR B 119 -27.55 -14.03 0.22
N LEU B 120 -28.70 -14.45 0.73
CA LEU B 120 -28.79 -15.24 1.95
C LEU B 120 -29.75 -16.40 1.72
N SER B 121 -29.35 -17.60 2.15
CA SER B 121 -30.21 -18.76 2.07
C SER B 121 -30.04 -19.62 3.30
N VAL B 122 -31.13 -20.25 3.72
CA VAL B 122 -31.14 -21.16 4.86
C VAL B 122 -31.70 -22.49 4.36
N ARG B 123 -30.97 -23.57 4.65
CA ARG B 123 -31.35 -24.89 4.14
C ARG B 123 -31.14 -25.91 5.26
N GLY B 124 -31.70 -27.10 5.06
CA GLY B 124 -31.70 -28.08 6.13
C GLY B 124 -32.72 -27.72 7.19
N GLY B 125 -32.49 -28.24 8.39
CA GLY B 125 -33.45 -28.10 9.47
C GLY B 125 -33.39 -26.77 10.20
N PHE B 126 -33.51 -25.66 9.46
CA PHE B 126 -33.58 -24.33 10.06
C PHE B 126 -34.73 -23.57 9.45
N ASN B 127 -35.63 -23.09 10.29
CA ASN B 127 -36.78 -22.28 9.89
C ASN B 127 -36.52 -20.86 10.37
N MET B 128 -35.99 -20.02 9.48
CA MET B 128 -35.66 -18.65 9.87
C MET B 128 -36.94 -17.86 10.09
N SER B 129 -37.06 -17.26 11.27
CA SER B 129 -38.23 -16.48 11.63
C SER B 129 -37.99 -14.98 11.59
N SER B 130 -36.73 -14.55 11.61
CA SER B 130 -36.43 -13.13 11.53
C SER B 130 -34.99 -12.96 11.07
N PHE B 131 -34.74 -11.85 10.36
CA PHE B 131 -33.39 -11.38 10.18
C PHE B 131 -33.41 -9.86 10.22
N LYS B 132 -32.22 -9.29 10.42
CA LYS B 132 -32.10 -7.86 10.67
C LYS B 132 -30.71 -7.42 10.26
N LEU B 133 -30.65 -6.39 9.42
CA LEU B 133 -29.41 -5.99 8.77
C LEU B 133 -29.08 -4.56 9.19
N LYS B 134 -27.85 -4.36 9.64
CA LYS B 134 -27.47 -3.09 10.27
C LYS B 134 -26.07 -2.66 9.85
N MET C 4 -15.38 25.55 -3.82
CA MET C 4 -15.65 24.12 -3.86
C MET C 4 -16.56 23.79 -5.05
N THR C 5 -17.38 24.76 -5.45
CA THR C 5 -18.22 24.59 -6.63
C THR C 5 -17.37 24.45 -7.89
N GLY C 6 -17.77 23.54 -8.77
CA GLY C 6 -17.03 23.20 -9.97
C GLY C 6 -15.97 22.14 -9.80
N GLU C 7 -15.61 21.79 -8.56
CA GLU C 7 -14.68 20.70 -8.29
C GLU C 7 -15.48 19.40 -8.23
N LEU C 8 -15.70 18.81 -9.39
CA LEU C 8 -16.66 17.70 -9.53
C LEU C 8 -16.29 16.53 -8.63
N GLU C 9 -17.32 15.92 -8.04
CA GLU C 9 -17.18 14.67 -7.31
C GLU C 9 -18.18 13.69 -7.91
N VAL C 10 -17.69 12.51 -8.29
CA VAL C 10 -18.53 11.45 -8.84
C VAL C 10 -18.42 10.24 -7.91
N LYS C 11 -19.55 9.73 -7.47
CA LYS C 11 -19.56 8.60 -6.54
C LYS C 11 -20.53 7.53 -7.04
N ASN C 12 -20.23 6.28 -6.65
CA ASN C 12 -20.97 5.09 -7.04
C ASN C 12 -20.76 4.71 -8.50
N MET C 13 -19.56 4.96 -9.03
CA MET C 13 -19.19 4.40 -10.33
C MET C 13 -18.92 2.90 -10.18
N ASP C 14 -18.82 2.21 -11.32
CA ASP C 14 -18.47 0.79 -11.34
C ASP C 14 -17.42 0.57 -12.44
N MET C 15 -16.18 0.94 -12.15
CA MET C 15 -15.07 0.82 -13.10
C MET C 15 -14.30 -0.47 -12.83
N LYS C 16 -14.43 -1.46 -13.76
CA LYS C 16 -13.78 -2.76 -13.77
C LYS C 16 -12.52 -2.73 -14.66
N PRO C 17 -11.52 -3.54 -14.34
CA PRO C 17 -10.30 -3.59 -15.16
C PRO C 17 -10.62 -3.84 -16.63
N GLY C 18 -9.92 -3.16 -17.50
CA GLY C 18 -10.20 -3.19 -18.92
C GLY C 18 -11.03 -2.02 -19.38
N SER C 19 -11.52 -1.21 -18.45
CA SER C 19 -12.33 -0.05 -18.75
C SER C 19 -11.44 1.17 -19.00
N THR C 20 -12.00 2.13 -19.71
CA THR C 20 -11.29 3.35 -20.07
C THR C 20 -12.09 4.52 -19.55
N LEU C 21 -11.40 5.57 -19.09
CA LEU C 21 -12.09 6.73 -18.54
C LEU C 21 -11.60 7.97 -19.30
N LYS C 22 -12.45 8.48 -20.19
CA LYS C 22 -12.14 9.63 -21.03
C LYS C 22 -12.60 10.90 -20.33
N ILE C 23 -11.67 11.78 -20.00
CA ILE C 23 -11.96 13.03 -19.30
C ILE C 23 -11.65 14.19 -20.23
N THR C 24 -12.61 15.08 -20.40
CA THR C 24 -12.40 16.33 -21.13
C THR C 24 -12.72 17.50 -20.22
N GLY C 25 -11.94 18.55 -20.33
CA GLY C 25 -12.16 19.75 -19.55
C GLY C 25 -11.18 20.82 -19.97
N SER C 26 -11.35 21.99 -19.36
CA SER C 26 -10.53 23.16 -19.64
C SER C 26 -9.75 23.53 -18.38
N ILE C 27 -8.45 23.75 -18.53
CA ILE C 27 -7.64 24.19 -17.42
C ILE C 27 -7.81 25.69 -17.26
N ALA C 28 -8.20 26.12 -16.06
CA ALA C 28 -8.47 27.53 -15.84
C ALA C 28 -7.20 28.36 -15.96
N ASP C 29 -7.35 29.57 -16.47
CA ASP C 29 -6.22 30.48 -16.53
C ASP C 29 -5.80 30.89 -15.12
N GLY C 30 -4.49 30.96 -14.92
CA GLY C 30 -3.91 31.42 -13.67
C GLY C 30 -3.83 30.39 -12.57
N THR C 31 -4.07 29.11 -12.86
CA THR C 31 -3.84 28.05 -11.89
C THR C 31 -2.45 27.46 -12.13
N ASP C 32 -1.80 27.06 -11.04
CA ASP C 32 -0.50 26.40 -11.14
C ASP C 32 -0.61 24.89 -11.24
N GLY C 33 -1.82 24.32 -11.18
CA GLY C 33 -1.99 22.89 -11.31
C GLY C 33 -3.39 22.45 -10.93
N PHE C 34 -3.65 21.16 -11.14
CA PHE C 34 -4.93 20.56 -10.81
C PHE C 34 -4.74 19.07 -10.53
N VAL C 35 -5.83 18.41 -10.12
CA VAL C 35 -5.80 17.04 -9.64
C VAL C 35 -6.97 16.26 -10.23
N ILE C 36 -6.70 15.07 -10.74
CA ILE C 36 -7.73 14.09 -11.10
C ILE C 36 -7.50 12.84 -10.25
N ASN C 37 -8.49 12.51 -9.41
CA ASN C 37 -8.40 11.38 -8.50
C ASN C 37 -9.31 10.25 -8.97
N LEU C 38 -8.78 9.03 -8.91
CA LEU C 38 -9.51 7.84 -9.37
C LEU C 38 -9.21 6.69 -8.41
N GLY C 39 -10.26 6.03 -7.93
CA GLY C 39 -10.08 4.94 -6.99
C GLY C 39 -11.36 4.34 -6.47
N GLN C 40 -11.30 3.80 -5.24
CA GLN C 40 -12.43 3.12 -4.63
C GLN C 40 -13.23 4.01 -3.70
N GLY C 41 -12.70 5.18 -3.34
CA GLY C 41 -13.40 6.08 -2.45
C GLY C 41 -12.56 7.30 -2.19
N THR C 42 -13.08 8.17 -1.32
CA THR C 42 -12.39 9.41 -1.00
C THR C 42 -11.05 9.15 -0.33
N ASP C 43 -10.93 8.01 0.35
CA ASP C 43 -9.76 7.69 1.15
C ASP C 43 -8.86 6.64 0.50
N LYS C 44 -9.28 6.04 -0.61
CA LYS C 44 -8.49 5.03 -1.29
C LYS C 44 -8.37 5.42 -2.76
N LEU C 45 -7.28 6.10 -3.10
CA LEU C 45 -7.07 6.62 -4.44
C LEU C 45 -6.04 5.74 -5.13
N ASN C 46 -6.51 4.91 -6.05
CA ASN C 46 -5.59 4.08 -6.83
C ASN C 46 -4.71 4.95 -7.73
N LEU C 47 -5.26 6.02 -8.29
CA LEU C 47 -4.53 6.92 -9.17
C LEU C 47 -4.79 8.35 -8.75
N HIS C 48 -3.74 9.04 -8.30
CA HIS C 48 -3.78 10.46 -8.02
C HIS C 48 -2.93 11.15 -9.09
N PHE C 49 -3.59 11.87 -9.99
CA PHE C 49 -2.98 12.45 -11.19
C PHE C 49 -2.94 13.96 -11.02
N ASN C 50 -1.75 14.52 -10.89
CA ASN C 50 -1.57 15.90 -10.43
C ASN C 50 -0.55 16.61 -11.31
N PRO C 51 -0.97 17.15 -12.46
CA PRO C 51 -0.09 18.02 -13.24
C PRO C 51 0.23 19.29 -12.47
N ARG C 52 1.51 19.62 -12.39
CA ARG C 52 1.99 20.83 -11.72
C ARG C 52 2.73 21.68 -12.75
N PHE C 53 2.01 22.64 -13.34
CA PHE C 53 2.66 23.56 -14.28
C PHE C 53 3.77 24.33 -13.59
N SER C 54 3.57 24.67 -12.31
CA SER C 54 4.56 25.40 -11.54
C SER C 54 5.82 24.58 -11.28
N GLU C 55 5.71 23.26 -11.26
CA GLU C 55 6.86 22.39 -11.07
C GLU C 55 7.28 21.71 -12.36
N SER C 56 6.63 22.04 -13.48
CA SER C 56 6.95 21.47 -14.80
C SER C 56 6.99 19.95 -14.75
N THR C 57 6.04 19.36 -14.05
CA THR C 57 5.99 17.91 -13.91
C THR C 57 4.55 17.50 -13.61
N ILE C 58 4.27 16.22 -13.83
CA ILE C 58 3.00 15.61 -13.47
C ILE C 58 3.30 14.58 -12.39
N VAL C 59 2.77 14.82 -11.20
CA VAL C 59 2.94 13.89 -10.09
C VAL C 59 1.82 12.88 -10.11
N CYS C 60 2.19 11.60 -10.09
CA CYS C 60 1.25 10.50 -9.90
C CYS C 60 1.57 9.84 -8.56
N ASN C 61 0.53 9.49 -7.82
CA ASN C 61 0.72 8.84 -6.53
C ASN C 61 -0.53 8.07 -6.17
N SER C 62 -0.48 7.38 -5.04
CA SER C 62 -1.62 6.66 -4.48
C SER C 62 -1.85 7.14 -3.06
N LEU C 63 -3.08 6.97 -2.59
CA LEU C 63 -3.44 7.38 -1.23
C LEU C 63 -4.22 6.25 -0.59
N ASP C 64 -3.64 5.65 0.45
CA ASP C 64 -4.25 4.58 1.22
C ASP C 64 -4.33 5.05 2.67
N GLY C 65 -5.53 5.37 3.13
CA GLY C 65 -5.75 5.96 4.44
C GLY C 65 -5.36 7.43 4.47
N SER C 66 -4.41 7.78 5.34
CA SER C 66 -3.87 9.13 5.38
C SER C 66 -2.43 9.15 4.87
N ASN C 67 -1.97 8.03 4.34
CA ASN C 67 -0.57 7.83 3.95
C ASN C 67 -0.46 7.89 2.43
N TRP C 68 0.28 8.88 1.93
CA TRP C 68 0.59 8.89 0.51
C TRP C 68 1.67 7.85 0.22
N GLY C 69 1.58 7.25 -0.95
CA GLY C 69 2.59 6.32 -1.40
C GLY C 69 3.83 7.05 -1.86
N GLN C 70 4.60 6.37 -2.69
CA GLN C 70 5.80 6.97 -3.27
C GLN C 70 5.43 7.63 -4.59
N GLU C 71 5.83 8.89 -4.75
CA GLU C 71 5.46 9.65 -5.92
C GLU C 71 6.22 9.16 -7.15
N GLN C 72 5.54 9.25 -8.29
CA GLN C 72 6.14 8.99 -9.60
C GLN C 72 5.96 10.25 -10.42
N ARG C 73 7.05 10.92 -10.73
CA ARG C 73 7.01 12.21 -11.42
C ARG C 73 7.29 12.00 -12.90
N GLU C 74 6.49 12.62 -13.74
CA GLU C 74 6.59 12.51 -15.19
C GLU C 74 6.78 13.91 -15.74
N ASP C 75 7.97 14.23 -16.23
CA ASP C 75 8.28 15.58 -16.65
C ASP C 75 7.72 15.94 -18.02
N HIS C 76 6.91 15.07 -18.63
CA HIS C 76 6.27 15.35 -19.91
C HIS C 76 4.96 16.09 -19.68
N LEU C 77 5.09 17.38 -19.39
CA LEU C 77 3.96 18.29 -19.20
C LEU C 77 3.93 19.29 -20.36
N CYS C 78 3.09 19.01 -21.36
CA CYS C 78 3.05 19.81 -22.57
C CYS C 78 1.69 20.46 -22.79
N PHE C 79 0.95 20.72 -21.71
CA PHE C 79 -0.24 21.55 -21.76
C PHE C 79 -0.11 22.63 -20.69
N SER C 80 -0.87 23.69 -20.89
CA SER C 80 -0.72 24.96 -20.15
C SER C 80 -2.06 25.41 -19.60
N PRO C 81 -2.05 26.34 -18.64
CA PRO C 81 -3.33 26.92 -18.20
C PRO C 81 -4.03 27.58 -19.39
N GLY C 82 -5.35 27.51 -19.37
CA GLY C 82 -6.15 27.98 -20.49
C GLY C 82 -6.39 26.93 -21.55
N SER C 83 -5.61 25.85 -21.55
CA SER C 83 -5.67 24.86 -22.60
C SER C 83 -6.82 23.89 -22.40
N GLU C 84 -7.44 23.49 -23.51
CA GLU C 84 -8.42 22.42 -23.51
C GLU C 84 -7.69 21.10 -23.69
N VAL C 85 -7.93 20.15 -22.79
CA VAL C 85 -7.19 18.90 -22.77
C VAL C 85 -8.15 17.73 -22.70
N LYS C 86 -7.73 16.63 -23.32
CA LYS C 86 -8.39 15.34 -23.20
C LYS C 86 -7.46 14.37 -22.48
N PHE C 87 -8.00 13.63 -21.52
CA PHE C 87 -7.27 12.52 -20.91
C PHE C 87 -8.11 11.27 -21.03
N THR C 88 -7.46 10.15 -21.34
CA THR C 88 -8.09 8.84 -21.31
C THR C 88 -7.30 7.97 -20.34
N VAL C 89 -7.97 7.49 -19.30
CA VAL C 89 -7.35 6.63 -18.31
C VAL C 89 -7.87 5.22 -18.53
N THR C 90 -6.97 4.28 -18.75
CA THR C 90 -7.34 2.88 -18.87
C THR C 90 -6.96 2.17 -17.58
N PHE C 91 -7.92 1.50 -16.98
CA PHE C 91 -7.75 0.84 -15.69
C PHE C 91 -7.58 -0.65 -15.93
N GLU C 92 -6.40 -1.17 -15.61
CA GLU C 92 -6.16 -2.59 -15.58
C GLU C 92 -6.00 -3.04 -14.14
N SER C 93 -6.15 -4.35 -13.90
CA SER C 93 -5.98 -4.87 -12.56
C SER C 93 -4.57 -4.64 -12.05
N ASP C 94 -3.61 -4.51 -12.98
CA ASP C 94 -2.21 -4.33 -12.66
C ASP C 94 -1.71 -2.92 -12.93
N LYS C 95 -2.41 -2.12 -13.74
CA LYS C 95 -1.82 -0.91 -14.26
C LYS C 95 -2.86 0.18 -14.51
N PHE C 96 -2.42 1.42 -14.35
CA PHE C 96 -3.10 2.59 -14.90
C PHE C 96 -2.28 3.14 -16.05
N LYS C 97 -2.94 3.43 -17.16
CA LYS C 97 -2.32 4.09 -18.31
C LYS C 97 -3.11 5.35 -18.61
N VAL C 98 -2.43 6.49 -18.55
CA VAL C 98 -3.00 7.79 -18.90
C VAL C 98 -2.35 8.24 -20.19
N LYS C 99 -3.17 8.53 -21.21
CA LYS C 99 -2.66 9.03 -22.48
C LYS C 99 -2.91 10.53 -22.55
N LEU C 100 -1.83 11.29 -22.68
CA LEU C 100 -1.87 12.74 -22.67
C LEU C 100 -2.39 13.25 -24.00
N PRO C 101 -2.79 14.53 -24.08
CA PRO C 101 -3.40 15.03 -25.32
C PRO C 101 -2.54 14.84 -26.56
N ASP C 102 -1.22 14.74 -26.43
CA ASP C 102 -0.37 14.52 -27.59
C ASP C 102 -0.12 13.04 -27.87
N GLY C 103 -0.77 12.15 -27.13
CA GLY C 103 -0.62 10.73 -27.34
C GLY C 103 0.40 10.04 -26.45
N HIS C 104 1.29 10.79 -25.80
CA HIS C 104 2.25 10.17 -24.90
C HIS C 104 1.53 9.55 -23.71
N GLU C 105 1.90 8.31 -23.38
CA GLU C 105 1.21 7.53 -22.35
C GLU C 105 2.07 7.43 -21.10
N LEU C 106 1.44 7.66 -19.94
CA LEU C 106 2.08 7.46 -18.65
C LEU C 106 1.60 6.16 -18.04
N THR C 107 2.51 5.43 -17.40
CA THR C 107 2.16 4.21 -16.68
C THR C 107 2.40 4.42 -15.18
N PHE C 108 1.47 3.94 -14.37
CA PHE C 108 1.55 4.05 -12.93
C PHE C 108 1.04 2.74 -12.32
N PRO C 109 1.78 2.14 -11.39
CA PRO C 109 1.34 0.86 -10.82
C PRO C 109 0.06 1.02 -10.01
N ASN C 110 -0.81 0.00 -10.11
CA ASN C 110 -2.01 -0.08 -9.30
C ASN C 110 -1.67 -0.78 -7.99
N ARG C 111 -1.58 -0.02 -6.91
CA ARG C 111 -1.10 -0.53 -5.64
C ARG C 111 -2.20 -1.01 -4.70
N LEU C 112 -3.48 -0.85 -5.06
CA LEU C 112 -4.58 -1.10 -4.13
C LEU C 112 -5.46 -2.24 -4.58
N GLY C 113 -4.92 -3.18 -5.35
CA GLY C 113 -5.65 -4.39 -5.68
C GLY C 113 -6.51 -4.31 -6.92
N HIS C 114 -7.37 -5.33 -7.05
CA HIS C 114 -8.11 -5.61 -8.27
C HIS C 114 -9.53 -5.07 -8.30
N SER C 115 -10.03 -4.47 -7.21
CA SER C 115 -11.46 -4.20 -7.10
C SER C 115 -11.88 -3.06 -8.02
N HIS C 116 -13.18 -2.78 -8.01
CA HIS C 116 -13.77 -1.82 -8.93
C HIS C 116 -13.57 -0.40 -8.44
N LEU C 117 -13.33 0.51 -9.37
CA LEU C 117 -13.20 1.93 -9.06
C LEU C 117 -14.58 2.57 -9.08
N SER C 118 -14.93 3.25 -8.00
CA SER C 118 -16.24 3.84 -7.84
C SER C 118 -16.23 5.36 -7.69
N TYR C 119 -15.06 5.98 -7.58
CA TYR C 119 -14.96 7.37 -7.16
C TYR C 119 -14.04 8.16 -8.08
N LEU C 120 -14.52 9.33 -8.51
CA LEU C 120 -13.74 10.27 -9.31
C LEU C 120 -13.93 11.67 -8.74
N SER C 121 -12.83 12.41 -8.57
CA SER C 121 -12.89 13.77 -8.07
C SER C 121 -11.86 14.65 -8.79
N VAL C 122 -12.21 15.92 -8.95
CA VAL C 122 -11.34 16.91 -9.57
C VAL C 122 -11.10 18.07 -8.60
N ARG C 123 -9.88 18.58 -8.60
CA ARG C 123 -9.47 19.68 -7.73
C ARG C 123 -8.63 20.69 -8.50
N GLY C 124 -8.60 21.91 -7.97
CA GLY C 124 -7.74 22.93 -8.54
C GLY C 124 -8.33 23.53 -9.80
N GLY C 125 -7.44 24.10 -10.60
CA GLY C 125 -7.86 24.84 -11.77
C GLY C 125 -8.17 23.96 -12.96
N PHE C 126 -9.06 22.99 -12.75
CA PHE C 126 -9.56 22.14 -13.81
C PHE C 126 -11.07 22.09 -13.63
N ASN C 127 -11.81 22.49 -14.66
CA ASN C 127 -13.26 22.47 -14.62
C ASN C 127 -13.69 21.37 -15.58
N MET C 128 -14.03 20.21 -15.03
CA MET C 128 -14.41 19.07 -15.85
C MET C 128 -15.69 19.37 -16.60
N SER C 129 -15.64 19.22 -17.92
CA SER C 129 -16.79 19.51 -18.77
C SER C 129 -17.46 18.26 -19.32
N SER C 130 -16.77 17.13 -19.33
CA SER C 130 -17.40 15.89 -19.82
C SER C 130 -16.69 14.70 -19.21
N PHE C 131 -17.45 13.63 -19.06
CA PHE C 131 -17.02 12.40 -18.40
C PHE C 131 -17.63 11.24 -19.16
N LYS C 132 -16.79 10.37 -19.73
CA LYS C 132 -17.26 9.24 -20.53
C LYS C 132 -16.56 7.98 -20.06
N LEU C 133 -17.32 6.87 -20.05
CA LEU C 133 -16.92 5.64 -19.36
C LEU C 133 -17.25 4.44 -20.23
N LYS C 134 -16.23 3.66 -20.58
CA LYS C 134 -16.41 2.50 -21.44
C LYS C 134 -15.99 1.22 -20.76
N MET D 4 -36.91 -30.89 5.47
CA MET D 4 -37.47 -32.24 5.59
C MET D 4 -38.12 -32.64 4.28
N THR D 5 -38.67 -31.65 3.58
CA THR D 5 -39.18 -31.88 2.22
C THR D 5 -38.02 -32.11 1.27
N GLY D 6 -38.21 -33.08 0.36
CA GLY D 6 -37.16 -33.50 -0.54
C GLY D 6 -36.21 -34.52 0.05
N GLU D 7 -36.23 -34.71 1.37
CA GLU D 7 -35.46 -35.78 2.00
C GLU D 7 -36.34 -37.02 1.93
N LEU D 8 -36.32 -37.64 0.75
CA LEU D 8 -37.26 -38.70 0.45
C LEU D 8 -37.08 -39.88 1.38
N GLU D 9 -38.20 -40.49 1.79
CA GLU D 9 -38.19 -41.73 2.52
C GLU D 9 -39.07 -42.73 1.80
N VAL D 10 -38.52 -43.91 1.52
CA VAL D 10 -39.25 -44.99 0.87
C VAL D 10 -39.27 -46.18 1.83
N LYS D 11 -40.47 -46.64 2.18
CA LYS D 11 -40.63 -47.70 3.16
C LYS D 11 -41.40 -48.88 2.56
N ASN D 12 -41.24 -50.03 3.20
CA ASN D 12 -41.94 -51.27 2.85
C ASN D 12 -41.58 -51.75 1.44
N MET D 13 -40.35 -51.52 1.02
CA MET D 13 -39.86 -52.16 -0.19
C MET D 13 -39.58 -53.64 0.08
N ASP D 14 -39.40 -54.40 -0.99
CA ASP D 14 -39.01 -55.82 -0.90
C ASP D 14 -37.90 -56.05 -1.93
N MET D 15 -36.71 -55.59 -1.62
CA MET D 15 -35.55 -55.72 -2.52
C MET D 15 -34.73 -56.93 -2.11
N LYS D 16 -34.64 -57.91 -3.00
CA LYS D 16 -33.97 -59.18 -2.79
C LYS D 16 -32.60 -59.20 -3.44
N PRO D 17 -31.70 -60.07 -2.99
CA PRO D 17 -30.36 -60.14 -3.59
C PRO D 17 -30.42 -60.41 -5.09
N GLY D 18 -29.61 -59.65 -5.83
CA GLY D 18 -29.58 -59.71 -7.28
C GLY D 18 -30.39 -58.64 -8.00
N SER D 19 -31.24 -57.90 -7.29
CA SER D 19 -32.04 -56.86 -7.90
C SER D 19 -31.30 -55.52 -7.86
N THR D 20 -31.72 -54.60 -8.73
CA THR D 20 -31.08 -53.31 -8.88
C THR D 20 -32.07 -52.18 -8.65
N LEU D 21 -31.56 -51.08 -8.10
CA LEU D 21 -32.36 -49.90 -7.77
C LEU D 21 -31.79 -48.70 -8.51
N LYS D 22 -32.56 -48.14 -9.43
CA LYS D 22 -32.15 -46.96 -10.19
C LYS D 22 -32.68 -45.70 -9.51
N ILE D 23 -31.79 -44.77 -9.22
CA ILE D 23 -32.13 -43.53 -8.54
C ILE D 23 -31.78 -42.35 -9.45
N THR D 24 -32.75 -41.47 -9.70
CA THR D 24 -32.53 -40.24 -10.44
C THR D 24 -32.97 -39.06 -9.60
N GLY D 25 -32.22 -37.96 -9.70
CA GLY D 25 -32.56 -36.77 -8.95
C GLY D 25 -31.66 -35.63 -9.34
N SER D 26 -31.92 -34.47 -8.75
CA SER D 26 -31.17 -33.26 -9.03
C SER D 26 -30.43 -32.83 -7.77
N ILE D 27 -29.14 -32.57 -7.91
CA ILE D 27 -28.33 -32.11 -6.78
C ILE D 27 -28.51 -30.60 -6.64
N ALA D 28 -28.81 -30.15 -5.42
CA ALA D 28 -29.05 -28.74 -5.19
C ALA D 28 -27.80 -27.93 -5.49
N ASP D 29 -28.00 -26.75 -6.09
CA ASP D 29 -26.90 -25.81 -6.22
C ASP D 29 -26.51 -25.30 -4.84
N GLY D 30 -25.23 -25.43 -4.51
CA GLY D 30 -24.72 -24.97 -3.24
C GLY D 30 -24.72 -25.98 -2.12
N THR D 31 -24.93 -27.25 -2.41
CA THR D 31 -24.82 -28.29 -1.40
C THR D 31 -23.41 -28.85 -1.39
N ASP D 32 -22.92 -29.17 -0.18
CA ASP D 32 -21.61 -29.80 -0.05
C ASP D 32 -21.68 -31.32 -0.01
N GLY D 33 -22.87 -31.90 -0.04
CA GLY D 33 -23.02 -33.34 -0.06
C GLY D 33 -24.44 -33.75 0.25
N PHE D 34 -24.68 -35.05 0.10
CA PHE D 34 -25.99 -35.63 0.39
C PHE D 34 -25.79 -37.10 0.72
N VAL D 35 -26.87 -37.77 1.11
CA VAL D 35 -26.83 -39.11 1.65
C VAL D 35 -27.93 -39.94 1.00
N ILE D 36 -27.59 -41.16 0.58
CA ILE D 36 -28.55 -42.17 0.18
C ILE D 36 -28.41 -43.33 1.15
N ASN D 37 -29.46 -43.60 1.93
CA ASN D 37 -29.44 -44.69 2.89
C ASN D 37 -30.32 -45.81 2.36
N LEU D 38 -29.81 -47.03 2.44
CA LEU D 38 -30.50 -48.20 1.93
C LEU D 38 -30.29 -49.35 2.90
N GLY D 39 -31.39 -49.99 3.31
CA GLY D 39 -31.28 -51.04 4.28
C GLY D 39 -32.59 -51.63 4.75
N GLN D 40 -32.59 -52.10 5.99
CA GLN D 40 -33.74 -52.78 6.58
C GLN D 40 -34.61 -51.89 7.45
N GLY D 41 -34.11 -50.71 7.83
CA GLY D 41 -34.87 -49.80 8.66
C GLY D 41 -34.05 -48.56 8.96
N THR D 42 -34.66 -47.65 9.74
CA THR D 42 -34.02 -46.37 10.03
C THR D 42 -32.74 -46.54 10.82
N ASP D 43 -32.65 -47.59 11.62
CA ASP D 43 -31.54 -47.82 12.52
C ASP D 43 -30.62 -48.92 12.01
N LYS D 44 -30.99 -49.61 10.95
CA LYS D 44 -30.25 -50.74 10.40
C LYS D 44 -30.05 -50.51 8.92
N LEU D 45 -28.94 -49.85 8.57
CA LEU D 45 -28.66 -49.40 7.22
C LEU D 45 -27.55 -50.25 6.61
N ASN D 46 -27.91 -51.10 5.66
CA ASN D 46 -26.91 -51.90 4.96
C ASN D 46 -25.98 -51.02 4.12
N LEU D 47 -26.51 -49.98 3.49
CA LEU D 47 -25.71 -49.11 2.64
C LEU D 47 -25.98 -47.64 2.99
N HIS D 48 -24.96 -46.96 3.47
CA HIS D 48 -24.99 -45.51 3.69
C HIS D 48 -24.06 -44.89 2.66
N PHE D 49 -24.64 -44.21 1.67
CA PHE D 49 -23.94 -43.73 0.49
C PHE D 49 -23.91 -42.21 0.55
N ASN D 50 -22.73 -41.61 0.76
CA ASN D 50 -22.61 -40.20 1.10
C ASN D 50 -21.51 -39.52 0.32
N PRO D 51 -21.82 -39.05 -0.90
CA PRO D 51 -20.87 -38.19 -1.62
C PRO D 51 -20.68 -36.86 -0.89
N ARG D 52 -19.43 -36.45 -0.75
CA ARG D 52 -19.07 -35.23 -0.04
C ARG D 52 -18.31 -34.33 -1.01
N PHE D 53 -19.00 -33.34 -1.57
CA PHE D 53 -18.37 -32.45 -2.54
C PHE D 53 -17.24 -31.66 -1.91
N SER D 54 -17.41 -31.24 -0.65
CA SER D 54 -16.36 -30.48 0.01
C SER D 54 -15.11 -31.32 0.26
N GLU D 55 -15.25 -32.64 0.37
CA GLU D 55 -14.12 -33.51 0.59
C GLU D 55 -13.73 -34.28 -0.66
N SER D 56 -14.41 -34.04 -1.79
CA SER D 56 -14.11 -34.68 -3.07
C SER D 56 -14.01 -36.19 -2.92
N THR D 57 -14.93 -36.77 -2.16
CA THR D 57 -14.91 -38.20 -1.90
C THR D 57 -16.33 -38.69 -1.62
N ILE D 58 -16.51 -39.99 -1.75
CA ILE D 58 -17.77 -40.67 -1.43
C ILE D 58 -17.50 -41.61 -0.27
N VAL D 59 -18.12 -41.32 0.87
CA VAL D 59 -18.03 -42.20 2.03
C VAL D 59 -19.19 -43.19 1.99
N CYS D 60 -18.87 -44.47 2.07
CA CYS D 60 -19.85 -45.53 2.26
C CYS D 60 -19.60 -46.20 3.61
N ASN D 61 -20.68 -46.51 4.31
CA ASN D 61 -20.57 -47.19 5.60
C ASN D 61 -21.86 -47.94 5.85
N SER D 62 -21.90 -48.66 6.97
CA SER D 62 -23.08 -49.37 7.42
C SER D 62 -23.40 -48.94 8.83
N LEU D 63 -24.67 -49.13 9.23
CA LEU D 63 -25.10 -48.75 10.57
C LEU D 63 -25.90 -49.90 11.16
N ASP D 64 -25.39 -50.47 12.25
CA ASP D 64 -26.04 -51.55 12.98
C ASP D 64 -26.28 -51.05 14.40
N GLY D 65 -27.52 -50.71 14.71
CA GLY D 65 -27.89 -50.11 15.97
C GLY D 65 -27.39 -48.68 16.09
N SER D 66 -26.54 -48.43 17.08
CA SER D 66 -25.91 -47.13 17.24
C SER D 66 -24.45 -47.19 16.84
N ASN D 67 -24.03 -48.30 16.24
CA ASN D 67 -22.65 -48.58 15.91
C ASN D 67 -22.45 -48.37 14.42
N TRP D 68 -21.66 -47.38 14.04
CA TRP D 68 -21.27 -47.24 12.65
C TRP D 68 -20.18 -48.26 12.32
N GLY D 69 -20.22 -48.75 11.09
CA GLY D 69 -19.21 -49.67 10.61
C GLY D 69 -17.92 -48.93 10.27
N GLN D 70 -17.09 -49.61 9.49
CA GLN D 70 -15.81 -49.08 9.05
C GLN D 70 -16.00 -48.33 7.74
N GLU D 71 -15.71 -47.03 7.75
CA GLU D 71 -15.95 -46.23 6.56
C GLU D 71 -15.05 -46.67 5.41
N GLN D 72 -15.60 -46.56 4.20
CA GLN D 72 -14.86 -46.82 2.98
C GLN D 72 -14.94 -45.56 2.12
N ARG D 73 -13.81 -44.89 1.93
CA ARG D 73 -13.79 -43.66 1.14
C ARG D 73 -13.24 -43.98 -0.24
N GLU D 74 -13.98 -43.55 -1.26
CA GLU D 74 -13.63 -43.77 -2.66
C GLU D 74 -13.63 -42.40 -3.35
N ASP D 75 -12.43 -41.88 -3.60
CA ASP D 75 -12.29 -40.52 -4.13
C ASP D 75 -13.00 -40.31 -5.46
N HIS D 76 -13.43 -41.38 -6.14
CA HIS D 76 -13.91 -41.24 -7.49
C HIS D 76 -15.26 -40.51 -7.47
N LEU D 77 -15.18 -39.21 -7.22
CA LEU D 77 -16.33 -38.30 -7.20
C LEU D 77 -16.18 -37.43 -8.43
N CYS D 78 -16.84 -37.84 -9.52
CA CYS D 78 -16.71 -37.21 -10.82
C CYS D 78 -18.04 -36.68 -11.33
N PHE D 79 -18.93 -36.30 -10.43
CA PHE D 79 -20.13 -35.55 -10.76
C PHE D 79 -20.14 -34.30 -9.88
N SER D 80 -20.94 -33.32 -10.27
CA SER D 80 -20.78 -32.00 -9.68
C SER D 80 -22.08 -31.50 -9.06
N PRO D 81 -21.98 -30.58 -8.10
CA PRO D 81 -23.18 -29.95 -7.53
C PRO D 81 -23.95 -29.15 -8.56
N GLY D 82 -25.26 -29.08 -8.38
CA GLY D 82 -26.12 -28.38 -9.30
C GLY D 82 -26.63 -29.21 -10.45
N SER D 83 -26.43 -30.51 -10.41
CA SER D 83 -26.63 -31.36 -11.58
C SER D 83 -27.77 -32.35 -11.35
N GLU D 84 -28.25 -32.91 -12.45
CA GLU D 84 -29.11 -34.08 -12.42
C GLU D 84 -28.23 -35.31 -12.60
N VAL D 85 -28.34 -36.26 -11.69
CA VAL D 85 -27.47 -37.44 -11.69
C VAL D 85 -28.33 -38.69 -11.58
N LYS D 86 -27.72 -39.82 -11.97
CA LYS D 86 -28.36 -41.12 -11.91
C LYS D 86 -27.45 -42.10 -11.21
N PHE D 87 -28.04 -42.94 -10.36
CA PHE D 87 -27.33 -43.97 -9.63
C PHE D 87 -27.99 -45.30 -9.87
N THR D 88 -27.19 -46.35 -10.01
CA THR D 88 -27.69 -47.72 -10.06
C THR D 88 -27.07 -48.47 -8.89
N VAL D 89 -27.91 -48.91 -7.96
CA VAL D 89 -27.47 -49.68 -6.80
C VAL D 89 -27.92 -51.11 -7.01
N THR D 90 -26.97 -52.04 -7.04
CA THR D 90 -27.25 -53.47 -7.16
C THR D 90 -26.97 -54.17 -5.84
N PHE D 91 -27.95 -54.94 -5.37
CA PHE D 91 -27.90 -55.62 -4.08
C PHE D 91 -27.62 -57.11 -4.27
N GLU D 92 -26.45 -57.55 -3.81
CA GLU D 92 -26.05 -58.94 -3.70
C GLU D 92 -25.88 -59.33 -2.23
N SER D 93 -25.82 -60.65 -2.01
CA SER D 93 -25.60 -61.24 -0.69
C SER D 93 -24.33 -60.69 -0.09
N ASP D 94 -23.37 -60.53 -0.97
CA ASP D 94 -22.00 -60.30 -0.65
C ASP D 94 -21.73 -58.81 -0.56
N LYS D 95 -22.15 -58.07 -1.58
CA LYS D 95 -21.73 -56.69 -1.72
C LYS D 95 -22.87 -55.84 -2.26
N PHE D 96 -22.66 -54.53 -2.17
CA PHE D 96 -23.46 -53.54 -2.86
C PHE D 96 -22.68 -53.00 -4.04
N LYS D 97 -23.37 -52.87 -5.17
CA LYS D 97 -22.78 -52.38 -6.42
C LYS D 97 -23.43 -51.05 -6.77
N VAL D 98 -22.62 -50.00 -6.86
CA VAL D 98 -23.10 -48.65 -7.11
C VAL D 98 -22.44 -48.14 -8.38
N LYS D 99 -23.23 -48.00 -9.45
CA LYS D 99 -22.75 -47.42 -10.70
C LYS D 99 -22.95 -45.91 -10.64
N LEU D 100 -21.85 -45.17 -10.70
CA LEU D 100 -21.89 -43.72 -10.57
C LEU D 100 -22.36 -43.07 -11.87
N PRO D 101 -22.75 -41.79 -11.82
CA PRO D 101 -23.28 -41.14 -13.04
C PRO D 101 -22.32 -41.13 -14.21
N ASP D 102 -21.01 -41.25 -13.97
CA ASP D 102 -20.03 -41.26 -15.04
C ASP D 102 -19.68 -42.67 -15.49
N GLY D 103 -20.37 -43.70 -14.99
CA GLY D 103 -20.11 -45.07 -15.37
C GLY D 103 -19.21 -45.86 -14.45
N HIS D 104 -18.50 -45.19 -13.54
CA HIS D 104 -17.64 -45.91 -12.61
C HIS D 104 -18.46 -46.83 -11.71
N GLU D 105 -17.79 -47.86 -11.19
CA GLU D 105 -18.42 -48.92 -10.42
C GLU D 105 -17.94 -48.83 -8.98
N LEU D 106 -18.87 -48.60 -8.06
CA LEU D 106 -18.58 -48.53 -6.63
C LEU D 106 -19.11 -49.81 -5.97
N THR D 107 -18.22 -50.58 -5.37
CA THR D 107 -18.59 -51.77 -4.63
C THR D 107 -18.35 -51.55 -3.14
N PHE D 108 -19.32 -51.99 -2.32
CA PHE D 108 -19.27 -51.84 -0.87
C PHE D 108 -19.81 -53.12 -0.25
N PRO D 109 -19.13 -53.67 0.76
CA PRO D 109 -19.58 -54.95 1.34
C PRO D 109 -20.93 -54.82 2.05
N ASN D 110 -21.73 -55.87 1.92
CA ASN D 110 -22.98 -56.00 2.67
C ASN D 110 -22.66 -56.69 3.98
N ARG D 111 -22.62 -55.92 5.06
CA ARG D 111 -22.18 -56.42 6.35
C ARG D 111 -23.32 -56.89 7.25
N LEU D 112 -24.58 -56.74 6.83
CA LEU D 112 -25.72 -56.94 7.72
C LEU D 112 -26.62 -58.09 7.25
N GLY D 113 -26.06 -59.04 6.52
CA GLY D 113 -26.83 -60.20 6.11
C GLY D 113 -27.56 -60.01 4.80
N HIS D 114 -28.39 -61.00 4.48
CA HIS D 114 -29.05 -61.08 3.19
C HIS D 114 -30.56 -60.88 3.28
N SER D 115 -31.07 -60.36 4.40
CA SER D 115 -32.48 -60.06 4.49
C SER D 115 -32.87 -58.99 3.48
N HIS D 116 -34.14 -58.99 3.10
CA HIS D 116 -34.62 -58.06 2.09
C HIS D 116 -34.55 -56.63 2.60
N LEU D 117 -34.34 -55.70 1.66
CA LEU D 117 -34.24 -54.28 1.97
C LEU D 117 -35.60 -53.62 1.77
N SER D 118 -36.07 -52.93 2.81
CA SER D 118 -37.39 -52.32 2.79
C SER D 118 -37.37 -50.81 2.94
N TYR D 119 -36.22 -50.19 3.20
CA TYR D 119 -36.15 -48.81 3.62
C TYR D 119 -35.10 -48.07 2.78
N LEU D 120 -35.50 -46.93 2.23
CA LEU D 120 -34.61 -46.04 1.49
C LEU D 120 -34.88 -44.62 1.95
N SER D 121 -33.82 -43.87 2.24
CA SER D 121 -33.96 -42.49 2.67
C SER D 121 -32.85 -41.64 2.06
N VAL D 122 -33.19 -40.38 1.79
CA VAL D 122 -32.25 -39.40 1.28
C VAL D 122 -32.23 -38.22 2.25
N ARG D 123 -31.05 -37.63 2.44
CA ARG D 123 -30.94 -36.43 3.24
C ARG D 123 -29.98 -35.47 2.53
N GLY D 124 -30.10 -34.19 2.88
CA GLY D 124 -29.28 -33.19 2.25
C GLY D 124 -29.85 -32.71 0.92
N GLY D 125 -28.95 -32.15 0.11
CA GLY D 125 -29.33 -31.50 -1.13
C GLY D 125 -29.50 -32.40 -2.33
N PHE D 126 -30.38 -33.40 -2.23
CA PHE D 126 -30.69 -34.26 -3.36
C PHE D 126 -32.20 -34.39 -3.48
N ASN D 127 -32.73 -34.04 -4.65
CA ASN D 127 -34.16 -34.11 -4.95
C ASN D 127 -34.41 -35.24 -5.94
N MET D 128 -34.84 -36.39 -5.43
CA MET D 128 -35.05 -37.57 -6.26
C MET D 128 -36.20 -37.35 -7.23
N SER D 129 -35.96 -37.62 -8.52
CA SER D 129 -36.98 -37.43 -9.54
C SER D 129 -37.60 -38.74 -10.02
N SER D 130 -36.94 -39.87 -9.80
CA SER D 130 -37.49 -41.17 -10.14
C SER D 130 -36.76 -42.23 -9.34
N PHE D 131 -37.45 -43.33 -9.03
CA PHE D 131 -36.76 -44.52 -8.55
C PHE D 131 -37.43 -45.73 -9.14
N LYS D 132 -36.62 -46.74 -9.46
CA LYS D 132 -37.08 -47.94 -10.12
C LYS D 132 -36.38 -49.14 -9.49
N LEU D 133 -37.15 -50.14 -9.11
CA LEU D 133 -36.61 -51.38 -8.58
C LEU D 133 -36.92 -52.50 -9.57
N LYS D 134 -35.98 -53.42 -9.72
CA LYS D 134 -36.19 -54.59 -10.54
C LYS D 134 -35.65 -55.85 -9.86
N MET E 4 16.13 -28.51 9.42
CA MET E 4 16.66 -29.86 9.24
C MET E 4 17.22 -30.45 10.54
N THR E 5 18.24 -29.82 11.10
CA THR E 5 18.76 -30.28 12.38
C THR E 5 17.71 -30.09 13.46
N GLY E 6 17.51 -31.11 14.29
CA GLY E 6 16.43 -31.11 15.24
C GLY E 6 15.09 -31.57 14.70
N GLU E 7 14.97 -31.73 13.38
CA GLU E 7 13.74 -32.20 12.75
C GLU E 7 13.73 -33.72 12.82
N LEU E 8 13.32 -34.25 13.98
CA LEU E 8 13.42 -35.67 14.24
C LEU E 8 12.62 -36.49 13.24
N GLU E 9 13.19 -37.64 12.85
CA GLU E 9 12.50 -38.66 12.09
C GLU E 9 12.58 -39.95 12.86
N VAL E 10 11.44 -40.62 13.03
CA VAL E 10 11.36 -41.89 13.73
C VAL E 10 10.88 -42.95 12.75
N LYS E 11 11.74 -43.91 12.43
CA LYS E 11 11.48 -44.89 11.39
C LYS E 11 11.42 -46.30 11.98
N ASN E 12 10.66 -47.16 11.30
CA ASN E 12 10.51 -48.58 11.60
C ASN E 12 9.64 -48.81 12.82
N MET E 13 8.64 -47.95 13.04
CA MET E 13 7.66 -48.23 14.09
C MET E 13 6.73 -49.37 13.68
N ASP E 14 5.99 -49.86 14.67
CA ASP E 14 4.97 -50.90 14.48
C ASP E 14 3.71 -50.40 15.19
N MET E 15 3.08 -49.41 14.55
CA MET E 15 1.87 -48.75 15.07
C MET E 15 0.66 -49.36 14.36
N LYS E 16 0.02 -50.30 15.03
CA LYS E 16 -1.10 -51.07 14.54
C LYS E 16 -2.42 -50.39 14.91
N PRO E 17 -3.53 -50.71 14.24
CA PRO E 17 -4.81 -50.09 14.63
C PRO E 17 -5.13 -50.31 16.10
N GLY E 18 -5.55 -49.22 16.76
CA GLY E 18 -5.83 -49.26 18.19
C GLY E 18 -4.70 -48.76 19.07
N SER E 19 -3.52 -48.53 18.51
CA SER E 19 -2.37 -48.09 19.28
C SER E 19 -2.30 -46.57 19.36
N THR E 20 -1.56 -46.11 20.36
CA THR E 20 -1.44 -44.70 20.66
C THR E 20 0.02 -44.26 20.58
N LEU E 21 0.23 -43.05 20.10
CA LEU E 21 1.55 -42.43 19.98
C LEU E 21 1.49 -41.11 20.73
N LYS E 22 2.17 -41.06 21.87
CA LYS E 22 2.19 -39.86 22.70
C LYS E 22 3.49 -39.11 22.45
N ILE E 23 3.38 -37.81 22.21
CA ILE E 23 4.52 -36.99 21.78
C ILE E 23 4.58 -35.74 22.65
N THR E 24 5.76 -35.47 23.21
CA THR E 24 6.01 -34.25 23.98
C THR E 24 7.18 -33.49 23.36
N GLY E 25 7.08 -32.17 23.39
CA GLY E 25 8.13 -31.31 22.88
C GLY E 25 7.83 -29.86 23.21
N SER E 26 8.76 -29.00 22.83
CA SER E 26 8.66 -27.57 23.08
C SER E 26 8.61 -26.83 21.75
N ILE E 27 7.65 -25.92 21.63
CA ILE E 27 7.48 -25.12 20.43
C ILE E 27 8.44 -23.93 20.48
N ALA E 28 9.15 -23.70 19.37
CA ALA E 28 10.18 -22.67 19.33
C ALA E 28 9.57 -21.28 19.45
N ASP E 29 10.33 -20.37 20.05
CA ASP E 29 9.89 -18.98 20.18
C ASP E 29 9.62 -18.37 18.83
N GLY E 30 8.48 -17.68 18.71
CA GLY E 30 8.26 -16.87 17.51
C GLY E 30 8.07 -17.64 16.23
N THR E 31 7.75 -18.92 16.29
CA THR E 31 7.54 -19.72 15.09
C THR E 31 6.11 -19.58 14.58
N ASP E 32 5.96 -19.69 13.26
CA ASP E 32 4.66 -19.58 12.62
C ASP E 32 3.93 -20.92 12.59
N GLY E 33 4.57 -21.99 12.97
CA GLY E 33 3.93 -23.29 12.97
C GLY E 33 4.96 -24.40 13.05
N PHE E 34 4.44 -25.61 13.15
CA PHE E 34 5.27 -26.80 13.13
C PHE E 34 4.43 -27.94 12.58
N VAL E 35 5.07 -29.08 12.35
CA VAL E 35 4.43 -30.16 11.62
C VAL E 35 4.65 -31.47 12.35
N ILE E 36 3.59 -32.25 12.51
CA ILE E 36 3.72 -33.64 12.93
C ILE E 36 3.18 -34.52 11.81
N ASN E 37 4.07 -35.30 11.19
CA ASN E 37 3.72 -36.19 10.11
C ASN E 37 3.78 -37.63 10.58
N LEU E 38 2.75 -38.40 10.22
CA LEU E 38 2.66 -39.78 10.67
C LEU E 38 2.11 -40.63 9.53
N GLY E 39 2.82 -41.71 9.19
CA GLY E 39 2.42 -42.54 8.07
C GLY E 39 3.40 -43.66 7.74
N GLN E 40 3.46 -44.04 6.46
CA GLN E 40 4.32 -45.14 6.02
C GLN E 40 5.63 -44.69 5.41
N GLY E 41 5.80 -43.41 5.09
CA GLY E 41 7.03 -42.96 4.47
C GLY E 41 6.99 -41.48 4.19
N THR E 42 8.06 -41.00 3.54
CA THR E 42 8.22 -39.56 3.32
C THR E 42 7.16 -38.99 2.38
N ASP E 43 6.70 -39.77 1.40
CA ASP E 43 5.72 -39.30 0.43
C ASP E 43 4.34 -39.93 0.66
N LYS E 44 4.19 -40.71 1.74
CA LYS E 44 2.95 -41.39 2.10
C LYS E 44 2.62 -41.00 3.53
N LEU E 45 1.89 -39.91 3.70
CA LEU E 45 1.56 -39.35 5.02
C LEU E 45 0.08 -39.56 5.30
N ASN E 46 -0.23 -40.50 6.20
CA ASN E 46 -1.62 -40.70 6.61
C ASN E 46 -2.15 -39.50 7.38
N LEU E 47 -1.32 -38.91 8.25
CA LEU E 47 -1.72 -37.79 9.08
C LEU E 47 -0.65 -36.71 8.99
N HIS E 48 -1.01 -35.56 8.45
CA HIS E 48 -0.16 -34.38 8.43
C HIS E 48 -0.78 -33.38 9.39
N PHE E 49 -0.15 -33.18 10.54
CA PHE E 49 -0.71 -32.41 11.65
C PHE E 49 0.10 -31.13 11.77
N ASN E 50 -0.52 -30.00 11.46
CA ASN E 50 0.21 -28.74 11.22
C ASN E 50 -0.47 -27.59 11.93
N PRO E 51 -0.16 -27.38 13.20
CA PRO E 51 -0.60 -26.15 13.88
C PRO E 51 0.05 -24.93 13.24
N ARG E 52 -0.78 -23.91 12.96
CA ARG E 52 -0.32 -22.67 12.34
C ARG E 52 -0.73 -21.51 13.23
N PHE E 53 0.23 -20.95 13.96
CA PHE E 53 -0.05 -19.82 14.84
C PHE E 53 -0.39 -18.57 14.03
N SER E 54 0.26 -18.39 12.89
CA SER E 54 -0.03 -17.24 12.04
C SER E 54 -1.44 -17.30 11.48
N GLU E 55 -2.02 -18.49 11.35
CA GLU E 55 -3.37 -18.64 10.85
C GLU E 55 -4.36 -19.04 11.94
N SER E 56 -3.92 -19.15 13.19
CA SER E 56 -4.77 -19.47 14.34
C SER E 56 -5.64 -20.70 14.09
N THR E 57 -5.05 -21.72 13.48
CA THR E 57 -5.78 -22.94 13.17
C THR E 57 -4.78 -24.09 13.08
N ILE E 58 -5.30 -25.30 13.17
CA ILE E 58 -4.51 -26.52 13.00
C ILE E 58 -4.96 -27.21 11.73
N VAL E 59 -4.07 -27.29 10.75
CA VAL E 59 -4.36 -27.95 9.47
C VAL E 59 -4.00 -29.42 9.55
N CYS E 60 -4.95 -30.26 9.15
CA CYS E 60 -4.71 -31.68 8.95
C CYS E 60 -4.91 -32.02 7.49
N ASN E 61 -4.04 -32.88 6.97
CA ASN E 61 -4.13 -33.32 5.59
C ASN E 61 -3.44 -34.66 5.46
N SER E 62 -3.51 -35.21 4.26
CA SER E 62 -2.84 -36.44 3.91
C SER E 62 -2.02 -36.22 2.66
N LEU E 63 -1.01 -37.07 2.46
CA LEU E 63 -0.12 -36.97 1.30
C LEU E 63 0.05 -38.35 0.70
N ASP E 64 -0.34 -38.49 -0.56
CA ASP E 64 -0.22 -39.75 -1.30
C ASP E 64 0.74 -39.48 -2.47
N GLY E 65 1.99 -39.89 -2.30
CA GLY E 65 2.99 -39.58 -3.31
C GLY E 65 3.25 -38.10 -3.34
N SER E 66 2.87 -37.46 -4.45
CA SER E 66 2.95 -36.02 -4.62
C SER E 66 1.58 -35.37 -4.56
N ASN E 67 0.54 -36.12 -4.18
CA ASN E 67 -0.84 -35.64 -4.17
C ASN E 67 -1.24 -35.31 -2.75
N TRP E 68 -1.46 -34.02 -2.49
CA TRP E 68 -2.05 -33.61 -1.23
C TRP E 68 -3.56 -33.80 -1.27
N GLY E 69 -4.13 -34.17 -0.13
CA GLY E 69 -5.56 -34.25 -0.01
C GLY E 69 -6.17 -32.87 0.16
N GLN E 70 -7.42 -32.83 0.62
CA GLN E 70 -8.08 -31.57 0.92
C GLN E 70 -7.83 -31.24 2.39
N GLU E 71 -7.33 -30.02 2.63
CA GLU E 71 -7.10 -29.63 4.01
C GLU E 71 -8.40 -29.62 4.80
N GLN E 72 -8.29 -30.00 6.06
CA GLN E 72 -9.36 -29.97 7.05
C GLN E 72 -8.83 -29.12 8.19
N ARG E 73 -9.41 -27.95 8.40
CA ARG E 73 -8.91 -26.99 9.39
C ARG E 73 -9.73 -27.02 10.67
N GLU E 74 -9.04 -26.97 11.80
CA GLU E 74 -9.67 -26.98 13.12
C GLU E 74 -9.30 -25.69 13.83
N ASP E 75 -10.30 -24.90 14.20
CA ASP E 75 -10.09 -23.66 14.94
C ASP E 75 -9.93 -23.92 16.42
N HIS E 76 -9.16 -24.94 16.79
CA HIS E 76 -8.90 -25.21 18.20
C HIS E 76 -7.39 -25.24 18.37
N LEU E 77 -6.78 -24.06 18.26
CA LEU E 77 -5.36 -23.82 18.48
C LEU E 77 -5.27 -22.97 19.74
N CYS E 78 -5.09 -23.63 20.88
CA CYS E 78 -5.12 -22.94 22.16
C CYS E 78 -3.80 -23.08 22.90
N PHE E 79 -2.71 -23.29 22.17
CA PHE E 79 -1.37 -23.23 22.73
C PHE E 79 -0.52 -22.29 21.90
N SER E 80 0.57 -21.83 22.49
CA SER E 80 1.39 -20.75 21.96
C SER E 80 2.83 -21.18 21.89
N PRO E 81 3.67 -20.50 21.10
CA PRO E 81 5.09 -20.80 21.08
C PRO E 81 5.73 -20.62 22.46
N GLY E 82 6.77 -21.41 22.71
CA GLY E 82 7.44 -21.43 23.99
C GLY E 82 6.90 -22.42 25.00
N SER E 83 5.77 -23.05 24.71
CA SER E 83 5.14 -23.98 25.64
C SER E 83 5.60 -25.41 25.40
N GLU E 84 5.65 -26.18 26.48
CA GLU E 84 5.77 -27.63 26.38
C GLU E 84 4.39 -28.22 26.16
N VAL E 85 4.20 -28.87 25.01
CA VAL E 85 2.90 -29.43 24.66
C VAL E 85 3.01 -30.94 24.55
N LYS E 86 1.91 -31.60 24.90
CA LYS E 86 1.76 -33.04 24.71
C LYS E 86 0.63 -33.28 23.72
N PHE E 87 0.87 -34.18 22.78
CA PHE E 87 -0.16 -34.66 21.87
C PHE E 87 -0.27 -36.17 22.00
N THR E 88 -1.49 -36.66 21.95
CA THR E 88 -1.75 -38.10 21.93
C THR E 88 -2.49 -38.41 20.63
N VAL E 89 -1.86 -39.21 19.78
CA VAL E 89 -2.46 -39.62 18.52
C VAL E 89 -2.87 -41.07 18.67
N THR E 90 -4.15 -41.35 18.47
CA THR E 90 -4.68 -42.70 18.48
C THR E 90 -4.99 -43.10 17.04
N PHE E 91 -4.47 -44.25 16.64
CA PHE E 91 -4.61 -44.72 15.26
C PHE E 91 -5.74 -45.74 15.24
N GLU E 92 -6.83 -45.37 14.60
CA GLU E 92 -7.94 -46.28 14.29
C GLU E 92 -7.92 -46.54 12.79
N SER E 93 -8.53 -47.64 12.39
CA SER E 93 -8.57 -47.96 10.96
C SER E 93 -9.39 -46.95 10.18
N ASP E 94 -10.45 -46.40 10.78
CA ASP E 94 -11.24 -45.37 10.15
C ASP E 94 -10.58 -44.00 10.28
N LYS E 95 -10.09 -43.67 11.46
CA LYS E 95 -9.77 -42.27 11.74
C LYS E 95 -8.53 -42.17 12.61
N PHE E 96 -8.03 -40.95 12.72
CA PHE E 96 -7.03 -40.55 13.71
C PHE E 96 -7.70 -39.68 14.76
N LYS E 97 -7.48 -40.02 16.02
CA LYS E 97 -7.83 -39.14 17.13
C LYS E 97 -6.57 -38.46 17.64
N VAL E 98 -6.62 -37.13 17.75
CA VAL E 98 -5.52 -36.35 18.29
C VAL E 98 -6.04 -35.62 19.51
N LYS E 99 -5.58 -36.02 20.69
CA LYS E 99 -5.92 -35.33 21.93
C LYS E 99 -4.96 -34.17 22.13
N LEU E 100 -5.51 -32.99 22.33
CA LEU E 100 -4.76 -31.73 22.38
C LEU E 100 -4.34 -31.44 23.82
N PRO E 101 -3.42 -30.49 24.02
CA PRO E 101 -2.92 -30.23 25.38
C PRO E 101 -4.00 -29.88 26.40
N ASP E 102 -5.15 -29.36 25.97
CA ASP E 102 -6.22 -29.06 26.91
C ASP E 102 -7.23 -30.20 27.04
N GLY E 103 -6.97 -31.34 26.42
CA GLY E 103 -7.87 -32.47 26.47
C GLY E 103 -8.84 -32.56 25.32
N HIS E 104 -8.98 -31.49 24.54
CA HIS E 104 -9.85 -31.53 23.37
C HIS E 104 -9.34 -32.51 22.33
N GLU E 105 -10.28 -33.10 21.60
CA GLU E 105 -10.00 -34.19 20.68
C GLU E 105 -10.33 -33.77 19.26
N LEU E 106 -9.44 -34.12 18.33
CA LEU E 106 -9.66 -33.92 16.90
C LEU E 106 -9.71 -35.27 16.21
N THR E 107 -10.53 -35.36 15.16
CA THR E 107 -10.61 -36.56 14.35
C THR E 107 -10.34 -36.21 12.90
N PHE E 108 -9.55 -37.06 12.23
CA PHE E 108 -9.17 -36.86 10.84
C PHE E 108 -9.25 -38.22 10.14
N PRO E 109 -9.92 -38.31 9.00
CA PRO E 109 -10.07 -39.61 8.32
C PRO E 109 -8.75 -40.16 7.79
N ASN E 110 -8.63 -41.48 7.85
CA ASN E 110 -7.49 -42.21 7.28
C ASN E 110 -7.83 -42.53 5.83
N ARG E 111 -7.25 -41.77 4.90
CA ARG E 111 -7.55 -41.84 3.48
C ARG E 111 -6.59 -42.76 2.73
N LEU E 112 -5.60 -43.27 3.43
CA LEU E 112 -4.41 -43.93 2.88
C LEU E 112 -4.24 -45.37 3.33
N GLY E 113 -5.34 -46.04 3.68
CA GLY E 113 -5.32 -47.47 3.95
C GLY E 113 -5.04 -47.85 5.40
N HIS E 114 -5.20 -49.15 5.65
CA HIS E 114 -5.19 -49.71 6.99
C HIS E 114 -3.86 -50.30 7.41
N SER E 115 -3.06 -50.80 6.46
CA SER E 115 -1.74 -51.30 6.79
C SER E 115 -0.99 -50.28 7.63
N HIS E 116 -0.31 -50.77 8.66
CA HIS E 116 0.12 -49.97 9.82
C HIS E 116 0.98 -48.75 9.50
N LEU E 117 1.37 -48.04 10.55
CA LEU E 117 2.17 -46.83 10.47
C LEU E 117 3.57 -47.13 10.96
N SER E 118 4.58 -46.80 10.15
CA SER E 118 5.96 -47.06 10.49
C SER E 118 6.82 -45.81 10.60
N TYR E 119 6.28 -44.63 10.26
CA TYR E 119 7.08 -43.43 10.04
C TYR E 119 6.49 -42.24 10.79
N LEU E 120 7.36 -41.54 11.52
CA LEU E 120 7.01 -40.30 12.20
C LEU E 120 8.11 -39.28 11.93
N SER E 121 7.73 -38.04 11.61
CA SER E 121 8.70 -36.98 11.35
C SER E 121 8.20 -35.68 11.94
N VAL E 122 9.13 -34.87 12.41
CA VAL E 122 8.84 -33.57 13.01
C VAL E 122 9.54 -32.51 12.18
N ARG E 123 8.79 -31.49 11.78
CA ARG E 123 9.34 -30.37 11.03
C ARG E 123 8.89 -29.05 11.65
N GLY E 124 9.69 -28.02 11.42
CA GLY E 124 9.36 -26.69 11.89
C GLY E 124 9.82 -26.42 13.30
N GLY E 125 9.16 -25.44 13.93
CA GLY E 125 9.57 -24.97 15.24
C GLY E 125 9.04 -25.82 16.38
N PHE E 126 9.32 -27.12 16.33
CA PHE E 126 8.98 -28.06 17.38
C PHE E 126 10.19 -28.93 17.68
N ASN E 127 10.62 -28.95 18.94
CA ASN E 127 11.76 -29.78 19.36
C ASN E 127 11.21 -30.92 20.21
N MET E 128 11.04 -32.10 19.59
CA MET E 128 10.48 -33.24 20.29
C MET E 128 11.47 -33.77 21.32
N SER E 129 11.01 -33.89 22.57
CA SER E 129 11.84 -34.35 23.67
C SER E 129 11.52 -35.76 24.13
N SER E 130 10.35 -36.31 23.78
CA SER E 130 10.02 -37.67 24.20
C SER E 130 8.92 -38.22 23.32
N PHE E 131 8.89 -39.55 23.18
CA PHE E 131 7.70 -40.22 22.67
C PHE E 131 7.46 -41.50 23.44
N LYS E 132 6.23 -41.99 23.35
CA LYS E 132 5.83 -43.26 23.90
C LYS E 132 4.81 -43.89 22.95
N LEU E 133 5.07 -45.13 22.56
CA LEU E 133 4.19 -45.89 21.68
C LEU E 133 3.57 -47.02 22.47
N LYS E 134 2.25 -47.16 22.38
CA LYS E 134 1.53 -48.20 23.11
C LYS E 134 0.52 -48.90 22.21
N MET F 4 37.97 27.75 -0.27
CA MET F 4 37.83 26.31 -0.18
C MET F 4 38.37 25.77 1.14
N THR F 5 39.37 26.46 1.69
CA THR F 5 39.89 26.10 3.01
C THR F 5 38.82 26.38 4.05
N GLY F 6 38.61 25.40 4.95
CA GLY F 6 37.54 25.51 5.92
C GLY F 6 36.18 25.09 5.42
N GLU F 7 36.00 24.91 4.10
CA GLU F 7 34.71 24.47 3.57
C GLU F 7 34.62 22.96 3.69
N LEU F 8 34.22 22.53 4.88
CA LEU F 8 34.25 21.12 5.26
C LEU F 8 33.40 20.25 4.36
N GLU F 9 33.93 19.06 4.04
CA GLU F 9 33.18 18.00 3.37
C GLU F 9 33.29 16.70 4.16
N VAL F 10 32.15 16.04 4.35
CA VAL F 10 32.10 14.71 4.96
C VAL F 10 31.51 13.77 3.92
N LYS F 11 32.28 12.74 3.55
CA LYS F 11 31.87 11.80 2.51
C LYS F 11 31.64 10.42 3.11
N ASN F 12 30.79 9.64 2.44
CA ASN F 12 30.53 8.24 2.79
C ASN F 12 30.06 8.08 4.23
N MET F 13 29.29 9.06 4.70
CA MET F 13 28.56 8.98 5.95
C MET F 13 27.39 8.00 5.81
N ASP F 14 26.80 7.61 6.96
CA ASP F 14 25.64 6.72 7.03
C ASP F 14 24.57 7.30 7.94
N MET F 15 23.80 8.25 7.45
CA MET F 15 22.70 8.78 8.25
C MET F 15 21.43 8.08 7.80
N LYS F 16 20.80 7.36 8.72
CA LYS F 16 19.65 6.54 8.40
C LYS F 16 18.36 7.21 8.85
N PRO F 17 17.24 6.91 8.19
CA PRO F 17 15.97 7.55 8.56
C PRO F 17 15.65 7.32 10.03
N GLY F 18 15.26 8.40 10.70
CA GLY F 18 15.03 8.38 12.13
C GLY F 18 16.21 8.81 12.96
N SER F 19 17.38 8.94 12.35
CA SER F 19 18.59 9.34 13.06
C SER F 19 18.71 10.85 13.05
N THR F 20 19.49 11.37 14.00
CA THR F 20 19.65 12.79 14.20
C THR F 20 21.12 13.18 14.10
N LEU F 21 21.36 14.35 13.53
CA LEU F 21 22.71 14.88 13.33
C LEU F 21 22.80 16.24 14.00
N LYS F 22 23.63 16.34 15.02
CA LYS F 22 23.82 17.59 15.77
C LYS F 22 25.13 18.24 15.34
N ILE F 23 25.08 19.54 15.07
CA ILE F 23 26.19 20.27 14.49
C ILE F 23 26.42 21.56 15.27
N THR F 24 27.65 21.77 15.73
CA THR F 24 28.05 23.01 16.37
C THR F 24 29.23 23.60 15.62
N GLY F 25 29.27 24.93 15.57
CA GLY F 25 30.32 25.65 14.90
C GLY F 25 30.16 27.13 15.17
N SER F 26 31.08 27.91 14.62
CA SER F 26 31.11 29.35 14.86
C SER F 26 30.77 30.08 13.57
N ILE F 27 29.82 31.02 13.66
CA ILE F 27 29.43 31.83 12.52
C ILE F 27 30.42 32.97 12.36
N ALA F 28 30.93 33.12 11.13
CA ALA F 28 31.90 34.17 10.86
C ALA F 28 31.31 35.54 11.19
N ASP F 29 32.17 36.45 11.59
CA ASP F 29 31.73 37.76 12.06
C ASP F 29 31.14 38.59 10.93
N GLY F 30 29.92 39.09 11.13
CA GLY F 30 29.32 39.98 10.15
C GLY F 30 29.03 39.34 8.81
N THR F 31 29.02 38.01 8.75
CA THR F 31 28.74 37.30 7.51
C THR F 31 27.26 37.44 7.14
N ASP F 32 26.99 37.40 5.83
CA ASP F 32 25.61 37.49 5.35
C ASP F 32 24.90 36.16 5.37
N GLY F 33 25.60 35.07 5.62
CA GLY F 33 24.96 33.78 5.66
C GLY F 33 25.98 32.67 5.55
N PHE F 34 25.47 31.46 5.69
CA PHE F 34 26.28 30.26 5.55
C PHE F 34 25.34 29.13 5.09
N VAL F 35 25.93 27.98 4.78
CA VAL F 35 25.19 26.89 4.16
C VAL F 35 25.59 25.59 4.85
N ILE F 36 24.59 24.78 5.21
CA ILE F 36 24.80 23.40 5.59
C ILE F 36 24.07 22.56 4.57
N ASN F 37 24.81 21.76 3.81
CA ASN F 37 24.26 20.89 2.79
C ASN F 37 24.29 19.45 3.28
N LEU F 38 23.20 18.74 3.05
CA LEU F 38 23.08 17.37 3.53
C LEU F 38 22.43 16.55 2.43
N GLY F 39 23.07 15.46 2.04
CA GLY F 39 22.57 14.68 0.93
C GLY F 39 23.44 13.52 0.53
N GLN F 40 23.42 13.18 -0.76
CA GLN F 40 24.15 12.01 -1.27
C GLN F 40 25.49 12.37 -1.91
N GLY F 41 25.70 13.63 -2.24
CA GLY F 41 26.89 14.03 -2.96
C GLY F 41 26.85 15.50 -3.27
N THR F 42 27.83 15.95 -4.05
CA THR F 42 27.96 17.38 -4.33
C THR F 42 26.77 17.91 -5.13
N ASP F 43 26.16 17.09 -5.98
CA ASP F 43 25.06 17.55 -6.83
C ASP F 43 23.69 17.00 -6.43
N LYS F 44 23.59 16.22 -5.35
CA LYS F 44 22.31 15.67 -4.91
C LYS F 44 22.14 16.05 -3.44
N LEU F 45 21.50 17.19 -3.21
CA LEU F 45 21.34 17.77 -1.87
C LEU F 45 19.89 17.61 -1.45
N ASN F 46 19.64 16.68 -0.52
CA ASN F 46 18.30 16.51 0.03
C ASN F 46 17.90 17.73 0.85
N LEU F 47 18.83 18.31 1.59
CA LEU F 47 18.57 19.47 2.44
C LEU F 47 19.68 20.49 2.20
N HIS F 48 19.31 21.65 1.65
CA HIS F 48 20.20 22.79 1.52
C HIS F 48 19.71 23.84 2.52
N PHE F 49 20.47 24.01 3.59
CA PHE F 49 20.05 24.82 4.74
C PHE F 49 20.92 26.07 4.77
N ASN F 50 20.30 27.22 4.52
CA ASN F 50 21.03 28.45 4.21
C ASN F 50 20.42 29.62 4.98
N PRO F 51 20.82 29.79 6.24
CA PRO F 51 20.47 31.03 6.95
C PRO F 51 21.14 32.23 6.30
N ARG F 52 20.35 33.24 5.95
CA ARG F 52 20.84 34.44 5.30
C ARG F 52 20.62 35.62 6.24
N PHE F 53 21.71 36.10 6.85
CA PHE F 53 21.60 37.20 7.81
C PHE F 53 21.22 38.51 7.12
N SER F 54 21.70 38.70 5.89
CA SER F 54 21.36 39.92 5.15
C SER F 54 19.87 40.02 4.84
N GLU F 55 19.18 38.89 4.74
CA GLU F 55 17.76 38.88 4.41
C GLU F 55 16.86 38.52 5.58
N SER F 56 17.40 38.29 6.77
CA SER F 56 16.59 37.92 7.94
C SER F 56 15.67 36.76 7.63
N THR F 57 16.20 35.76 6.92
CA THR F 57 15.42 34.60 6.53
C THR F 57 16.34 33.40 6.38
N ILE F 58 15.74 32.20 6.45
CA ILE F 58 16.45 30.95 6.25
C ILE F 58 15.88 30.27 5.01
N VAL F 59 16.71 30.11 3.98
CA VAL F 59 16.30 29.42 2.77
C VAL F 59 16.64 27.93 2.90
N CYS F 60 15.65 27.09 2.67
CA CYS F 60 15.85 25.65 2.52
C CYS F 60 15.46 25.27 1.10
N ASN F 61 16.24 24.39 0.49
CA ASN F 61 15.96 23.96 -0.87
C ASN F 61 16.59 22.59 -1.10
N SER F 62 16.34 22.03 -2.28
CA SER F 62 16.94 20.77 -2.70
C SER F 62 17.60 20.96 -4.06
N LEU F 63 18.58 20.11 -4.34
CA LEU F 63 19.33 20.17 -5.60
C LEU F 63 19.50 18.77 -6.15
N ASP F 64 19.03 18.55 -7.37
CA ASP F 64 19.19 17.29 -8.08
C ASP F 64 20.03 17.56 -9.31
N GLY F 65 21.33 17.24 -9.23
CA GLY F 65 22.19 17.58 -10.34
C GLY F 65 22.37 19.08 -10.43
N SER F 66 21.83 19.67 -11.49
CA SER F 66 21.85 21.12 -11.68
C SER F 66 20.48 21.76 -11.45
N ASN F 67 19.50 21.00 -10.96
CA ASN F 67 18.13 21.48 -10.82
C ASN F 67 17.83 21.78 -9.35
N TRP F 68 17.65 23.06 -9.04
CA TRP F 68 17.21 23.48 -7.71
C TRP F 68 15.70 23.35 -7.59
N GLY F 69 15.24 23.00 -6.40
CA GLY F 69 13.81 22.97 -6.11
C GLY F 69 13.28 24.37 -5.82
N GLN F 70 12.02 24.40 -5.39
CA GLN F 70 11.41 25.66 -4.96
C GLN F 70 11.88 26.00 -3.55
N GLU F 71 12.31 27.24 -3.36
CA GLU F 71 12.84 27.65 -2.07
C GLU F 71 11.73 27.71 -1.01
N GLN F 72 12.12 27.40 0.22
CA GLN F 72 11.25 27.48 1.39
C GLN F 72 11.89 28.42 2.40
N ARG F 73 11.23 29.53 2.70
CA ARG F 73 11.77 30.60 3.52
C ARG F 73 11.25 30.53 4.95
N GLU F 74 12.17 30.71 5.91
CA GLU F 74 11.85 30.70 7.33
C GLU F 74 12.32 32.03 7.92
N ASP F 75 11.37 32.90 8.25
CA ASP F 75 11.73 34.20 8.80
C ASP F 75 12.19 34.13 10.25
N HIS F 76 12.09 32.95 10.88
CA HIS F 76 12.52 32.76 12.27
C HIS F 76 14.02 32.50 12.33
N LEU F 77 14.79 33.56 12.13
CA LEU F 77 16.25 33.51 12.25
C LEU F 77 16.63 34.33 13.47
N CYS F 78 16.80 33.67 14.62
CA CYS F 78 17.08 34.39 15.86
C CYS F 78 18.41 34.02 16.49
N PHE F 79 19.34 33.51 15.69
CA PHE F 79 20.72 33.36 16.13
C PHE F 79 21.52 34.40 15.35
N SER F 80 22.68 34.73 15.87
CA SER F 80 23.38 35.91 15.37
C SER F 80 24.79 35.55 14.94
N PRO F 81 25.36 36.34 14.04
CA PRO F 81 26.76 36.12 13.65
C PRO F 81 27.69 36.29 14.84
N GLY F 82 28.80 35.57 14.80
CA GLY F 82 29.74 35.54 15.89
C GLY F 82 29.45 34.48 16.93
N SER F 83 28.18 34.17 17.15
CA SER F 83 27.80 33.10 18.05
C SER F 83 28.35 31.76 17.56
N GLU F 84 28.57 30.86 18.51
CA GLU F 84 28.87 29.46 18.20
C GLU F 84 27.57 28.70 18.39
N VAL F 85 26.90 28.39 17.28
CA VAL F 85 25.53 27.90 17.32
C VAL F 85 25.53 26.38 17.25
N LYS F 86 24.36 25.80 17.55
CA LYS F 86 24.15 24.36 17.48
C LYS F 86 22.86 24.09 16.72
N PHE F 87 22.92 23.20 15.73
CA PHE F 87 21.76 22.79 14.97
C PHE F 87 21.52 21.30 15.16
N THR F 88 20.25 20.94 15.23
CA THR F 88 19.83 19.54 15.31
C THR F 88 18.95 19.23 14.11
N VAL F 89 19.42 18.32 13.26
CA VAL F 89 18.70 17.88 12.06
C VAL F 89 18.23 16.46 12.30
N THR F 90 16.92 16.23 12.21
CA THR F 90 16.35 14.90 12.26
C THR F 90 15.91 14.49 10.87
N PHE F 91 16.38 13.33 10.42
CA PHE F 91 16.12 12.85 9.07
C PHE F 91 15.05 11.78 9.12
N GLU F 92 13.89 12.08 8.54
CA GLU F 92 12.87 11.07 8.30
C GLU F 92 12.81 10.83 6.80
N SER F 93 12.29 9.66 6.42
CA SER F 93 12.19 9.36 4.99
C SER F 93 11.23 10.31 4.29
N ASP F 94 10.36 10.97 5.06
CA ASP F 94 9.36 11.87 4.52
C ASP F 94 9.80 13.33 4.56
N LYS F 95 10.49 13.75 5.61
CA LYS F 95 10.81 15.16 5.79
C LYS F 95 12.06 15.30 6.65
N PHE F 96 12.58 16.53 6.68
CA PHE F 96 13.68 16.91 7.56
C PHE F 96 13.14 17.81 8.67
N LYS F 97 13.62 17.59 9.88
CA LYS F 97 13.28 18.43 11.03
C LYS F 97 14.56 19.09 11.53
N VAL F 98 14.62 20.41 11.46
CA VAL F 98 15.78 21.18 11.88
C VAL F 98 15.43 21.95 13.14
N LYS F 99 16.18 21.71 14.20
CA LYS F 99 15.98 22.37 15.48
C LYS F 99 16.97 23.52 15.60
N LEU F 100 16.44 24.74 15.71
CA LEU F 100 17.25 25.94 15.74
C LEU F 100 17.89 26.12 17.11
N PRO F 101 18.93 26.96 17.20
CA PRO F 101 19.60 27.15 18.50
C PRO F 101 18.70 27.65 19.62
N ASP F 102 17.61 28.33 19.31
CA ASP F 102 16.68 28.80 20.33
C ASP F 102 15.54 27.83 20.60
N GLY F 103 15.59 26.63 20.02
CA GLY F 103 14.56 25.63 20.23
C GLY F 103 13.50 25.55 19.15
N HIS F 104 13.41 26.55 18.27
CA HIS F 104 12.45 26.46 17.19
C HIS F 104 12.80 25.30 16.28
N GLU F 105 11.79 24.54 15.88
CA GLU F 105 11.98 23.43 14.97
C GLU F 105 11.24 23.72 13.66
N LEU F 106 11.98 23.74 12.56
CA LEU F 106 11.40 23.97 11.24
C LEU F 106 11.39 22.66 10.47
N THR F 107 10.53 22.60 9.45
CA THR F 107 10.32 21.39 8.68
C THR F 107 10.51 21.66 7.19
N PHE F 108 11.17 20.73 6.50
CA PHE F 108 11.43 20.85 5.08
C PHE F 108 11.21 19.48 4.44
N PRO F 109 10.44 19.40 3.36
CA PRO F 109 10.15 18.09 2.75
C PRO F 109 11.37 17.46 2.12
N ASN F 110 11.46 16.13 2.22
CA ASN F 110 12.46 15.35 1.50
C ASN F 110 11.89 14.97 0.14
N ARG F 111 12.36 15.64 -0.90
CA ARG F 111 11.81 15.48 -2.24
C ARG F 111 12.54 14.44 -3.09
N LEU F 112 13.65 13.88 -2.61
CA LEU F 112 14.55 13.10 -3.45
C LEU F 112 14.71 11.65 -2.97
N GLY F 113 13.70 11.10 -2.29
CA GLY F 113 13.73 9.70 -1.91
C GLY F 113 14.40 9.45 -0.58
N HIS F 114 14.22 8.23 -0.08
CA HIS F 114 14.56 7.88 1.30
C HIS F 114 15.87 7.12 1.43
N SER F 115 16.69 7.06 0.38
CA SER F 115 17.98 6.40 0.50
C SER F 115 18.86 7.11 1.51
N HIS F 116 19.87 6.40 2.00
CA HIS F 116 20.71 6.90 3.09
C HIS F 116 21.40 8.20 2.70
N LEU F 117 21.66 9.04 3.70
CA LEU F 117 22.40 10.28 3.50
C LEU F 117 23.86 10.03 3.82
N SER F 118 24.74 10.36 2.87
CA SER F 118 26.17 10.11 3.01
C SER F 118 27.03 11.36 2.97
N TYR F 119 26.47 12.52 2.71
CA TYR F 119 27.26 13.70 2.36
C TYR F 119 26.80 14.89 3.20
N LEU F 120 27.76 15.56 3.83
CA LEU F 120 27.51 16.78 4.59
C LEU F 120 28.59 17.78 4.21
N SER F 121 28.19 19.01 3.90
CA SER F 121 29.14 20.04 3.52
C SER F 121 28.71 21.39 4.05
N VAL F 122 29.69 22.25 4.32
CA VAL F 122 29.44 23.62 4.75
C VAL F 122 30.08 24.56 3.76
N ARG F 123 29.41 25.68 3.49
CA ARG F 123 29.91 26.71 2.59
C ARG F 123 29.56 28.07 3.17
N GLY F 124 30.41 29.04 2.90
CA GLY F 124 30.20 30.37 3.44
C GLY F 124 30.82 30.53 4.81
N GLY F 125 30.29 31.49 5.56
CA GLY F 125 30.86 31.86 6.84
C GLY F 125 30.42 30.98 8.00
N PHE F 126 30.64 29.67 7.88
CA PHE F 126 30.36 28.74 8.96
C PHE F 126 31.56 27.83 9.13
N ASN F 127 32.12 27.77 10.33
CA ASN F 127 33.26 26.92 10.65
C ASN F 127 32.78 25.78 11.54
N MET F 128 32.53 24.62 10.94
CA MET F 128 32.02 23.49 11.70
C MET F 128 33.08 22.96 12.65
N SER F 129 32.73 22.86 13.93
CA SER F 129 33.65 22.34 14.93
C SER F 129 33.31 20.94 15.42
N SER F 130 32.06 20.50 15.25
CA SER F 130 31.68 19.15 15.66
C SER F 130 30.42 18.72 14.93
N PHE F 131 30.31 17.40 14.72
CA PHE F 131 29.04 16.79 14.34
C PHE F 131 28.95 15.42 15.00
N LYS F 132 27.81 15.14 15.61
CA LYS F 132 27.57 13.87 16.30
C LYS F 132 26.30 13.24 15.74
N LEU F 133 26.43 12.03 15.22
CA LEU F 133 25.35 11.34 14.54
C LEU F 133 24.84 10.22 15.45
N LYS F 134 23.61 10.33 15.91
CA LYS F 134 23.03 9.35 16.82
C LYS F 134 21.63 8.94 16.39
N MET G 4 31.79 0.85 -0.18
CA MET G 4 32.56 2.09 -0.08
C MET G 4 31.94 2.92 1.04
N THR G 5 30.66 2.65 1.28
CA THR G 5 29.93 3.29 2.38
C THR G 5 30.54 2.91 3.72
N GLY G 6 30.58 3.89 4.63
CA GLY G 6 31.22 3.74 5.91
C GLY G 6 32.70 4.05 5.91
N GLU G 7 33.32 4.14 4.73
CA GLU G 7 34.71 4.57 4.64
C GLU G 7 34.72 6.10 4.55
N LEU G 8 34.57 6.73 5.71
CA LEU G 8 34.39 8.17 5.77
C LEU G 8 35.61 8.91 5.21
N GLU G 9 35.34 10.00 4.50
CA GLU G 9 36.38 10.93 4.12
C GLU G 9 35.96 12.31 4.61
N VAL G 10 36.84 12.98 5.33
CA VAL G 10 36.60 14.34 5.81
C VAL G 10 37.65 15.23 5.18
N LYS G 11 37.20 16.18 4.35
CA LYS G 11 38.11 17.01 3.57
C LYS G 11 37.95 18.48 3.94
N ASN G 12 38.96 19.25 3.58
CA ASN G 12 38.98 20.71 3.77
C ASN G 12 38.88 21.10 5.23
N MET G 13 39.47 20.28 6.10
CA MET G 13 39.67 20.64 7.50
C MET G 13 40.75 21.71 7.63
N ASP G 14 40.83 22.29 8.83
CA ASP G 14 41.88 23.25 9.19
C ASP G 14 42.41 22.88 10.57
N MET G 15 43.19 21.81 10.64
CA MET G 15 43.80 21.36 11.89
C MET G 15 45.25 21.82 11.92
N LYS G 16 45.56 22.78 12.80
CA LYS G 16 46.83 23.47 13.04
C LYS G 16 47.48 22.94 14.31
N PRO G 17 48.81 22.93 14.37
CA PRO G 17 49.52 22.42 15.55
C PRO G 17 48.97 22.97 16.85
N GLY G 18 48.78 22.08 17.83
CA GLY G 18 48.17 22.41 19.10
C GLY G 18 46.70 22.07 19.21
N SER G 19 46.04 21.75 18.10
CA SER G 19 44.62 21.40 18.13
C SER G 19 44.46 19.88 18.29
N THR G 20 43.30 19.49 18.82
CA THR G 20 43.00 18.09 19.11
C THR G 20 41.71 17.67 18.41
N LEU G 21 41.66 16.39 18.03
CA LEU G 21 40.54 15.82 17.30
C LEU G 21 39.94 14.65 18.07
N LYS G 22 38.62 14.66 18.22
CA LYS G 22 37.88 13.60 18.91
C LYS G 22 37.13 12.77 17.87
N ILE G 23 37.37 11.46 17.88
CA ILE G 23 36.73 10.53 16.96
C ILE G 23 36.01 9.45 17.76
N THR G 24 34.72 9.29 17.50
CA THR G 24 33.91 8.23 18.08
C THR G 24 33.26 7.40 16.99
N GLY G 25 33.15 6.11 17.22
CA GLY G 25 32.52 5.23 16.26
C GLY G 25 32.38 3.83 16.84
N SER G 26 31.78 2.96 16.04
CA SER G 26 31.53 1.58 16.45
C SER G 26 32.33 0.64 15.56
N ILE G 27 33.06 -0.27 16.18
CA ILE G 27 33.82 -1.27 15.44
C ILE G 27 32.90 -2.43 15.09
N ALA G 28 32.85 -2.78 13.81
CA ALA G 28 31.99 -3.86 13.37
C ALA G 28 32.45 -5.19 13.96
N ASP G 29 31.50 -5.99 14.42
CA ASP G 29 31.82 -7.33 14.86
C ASP G 29 32.33 -8.14 13.68
N GLY G 30 33.48 -8.79 13.88
CA GLY G 30 34.07 -9.62 12.85
C GLY G 30 35.08 -8.93 11.96
N THR G 31 35.52 -7.73 12.29
CA THR G 31 36.60 -7.09 11.56
C THR G 31 37.92 -7.42 12.24
N ASP G 32 38.96 -7.61 11.43
CA ASP G 32 40.29 -7.87 11.96
C ASP G 32 41.11 -6.60 12.17
N GLY G 33 40.59 -5.45 11.78
CA GLY G 33 41.29 -4.20 11.96
C GLY G 33 40.63 -3.11 11.13
N PHE G 34 41.10 -1.89 11.35
CA PHE G 34 40.61 -0.74 10.60
C PHE G 34 41.71 0.32 10.59
N VAL G 35 41.45 1.39 9.85
CA VAL G 35 42.46 2.41 9.56
C VAL G 35 41.85 3.79 9.78
N ILE G 36 42.58 4.65 10.48
CA ILE G 36 42.29 6.08 10.56
C ILE G 36 43.46 6.82 9.95
N ASN G 37 43.22 7.51 8.85
CA ASN G 37 44.26 8.25 8.16
C ASN G 37 44.03 9.74 8.38
N LEU G 38 45.11 10.46 8.70
CA LEU G 38 45.06 11.88 8.99
C LEU G 38 46.27 12.56 8.37
N GLY G 39 46.04 13.62 7.63
CA GLY G 39 47.14 14.29 6.98
C GLY G 39 46.74 15.45 6.09
N GLN G 40 47.54 15.67 5.04
CA GLN G 40 47.36 16.80 4.15
C GLN G 40 46.63 16.42 2.86
N GLY G 41 46.49 15.13 2.57
CA GLY G 41 45.79 14.69 1.37
C GLY G 41 45.85 13.18 1.29
N THR G 42 45.24 12.65 0.23
CA THR G 42 45.13 11.19 0.08
C THR G 42 46.50 10.55 -0.10
N ASP G 43 47.46 11.28 -0.67
CA ASP G 43 48.77 10.75 -0.98
C ASP G 43 49.82 11.29 0.00
N LYS G 44 49.41 12.12 0.96
CA LYS G 44 50.29 12.70 1.98
C LYS G 44 49.64 12.48 3.34
N LEU G 45 49.95 11.36 4.00
CA LEU G 45 49.33 11.00 5.27
C LEU G 45 50.33 11.17 6.40
N ASN G 46 50.13 12.23 7.19
CA ASN G 46 50.98 12.46 8.36
C ASN G 46 50.80 11.38 9.42
N LEU G 47 49.57 10.91 9.62
CA LEU G 47 49.28 9.90 10.62
C LEU G 47 48.42 8.81 9.99
N HIS G 48 48.97 7.60 9.91
CA HIS G 48 48.25 6.41 9.49
C HIS G 48 48.09 5.53 10.72
N PHE G 49 46.87 5.42 11.22
CA PHE G 49 46.57 4.78 12.50
C PHE G 49 45.79 3.50 12.23
N ASN G 50 46.40 2.35 12.49
CA ASN G 50 45.88 1.06 12.01
C ASN G 50 45.93 0.02 13.12
N PRO G 51 44.91 -0.01 13.98
CA PRO G 51 44.76 -1.13 14.92
C PRO G 51 44.44 -2.41 14.16
N ARG G 52 45.13 -3.49 14.51
CA ARG G 52 45.00 -4.77 13.82
C ARG G 52 44.68 -5.85 14.85
N PHE G 53 43.41 -6.24 14.92
CA PHE G 53 42.96 -7.21 15.92
C PHE G 53 43.59 -8.58 15.71
N SER G 54 43.81 -8.99 14.46
CA SER G 54 44.43 -10.29 14.22
C SER G 54 45.87 -10.33 14.72
N GLU G 55 46.55 -9.20 14.77
CA GLU G 55 47.93 -9.15 15.22
C GLU G 55 48.10 -8.56 16.61
N SER G 56 47.01 -8.19 17.28
CA SER G 56 47.06 -7.64 18.64
C SER G 56 48.05 -6.48 18.74
N THR G 57 47.98 -5.59 17.76
CA THR G 57 48.91 -4.47 17.70
C THR G 57 48.27 -3.29 17.00
N ILE G 58 48.86 -2.12 17.22
CA ILE G 58 48.46 -0.89 16.56
C ILE G 58 49.65 -0.44 15.72
N VAL G 59 49.51 -0.50 14.40
CA VAL G 59 50.56 -0.03 13.51
C VAL G 59 50.30 1.43 13.18
N CYS G 60 51.30 2.27 13.41
CA CYS G 60 51.30 3.66 13.00
C CYS G 60 52.41 3.88 11.97
N ASN G 61 52.11 4.67 10.95
CA ASN G 61 53.10 4.99 9.94
C ASN G 61 52.72 6.31 9.28
N SER G 62 53.58 6.77 8.38
CA SER G 62 53.33 7.96 7.58
C SER G 62 53.49 7.60 6.11
N LEU G 63 52.88 8.39 5.25
CA LEU G 63 52.93 8.15 3.81
C LEU G 63 53.26 9.44 3.09
N ASP G 64 54.38 9.44 2.38
CA ASP G 64 54.83 10.57 1.56
C ASP G 64 54.88 10.05 0.12
N GLY G 65 53.86 10.40 -0.66
CA GLY G 65 53.75 9.89 -2.01
C GLY G 65 53.43 8.42 -2.08
N SER G 66 54.35 7.63 -2.64
CA SER G 66 54.22 6.18 -2.69
C SER G 66 55.17 5.50 -1.71
N ASN G 67 55.83 6.29 -0.87
CA ASN G 67 56.85 5.80 0.06
C ASN G 67 56.26 5.76 1.46
N TRP G 68 56.13 4.56 2.01
CA TRP G 68 55.74 4.45 3.42
C TRP G 68 56.94 4.76 4.29
N GLY G 69 56.67 5.36 5.43
CA GLY G 69 57.70 5.61 6.42
C GLY G 69 58.04 4.34 7.19
N GLN G 70 58.67 4.54 8.34
CA GLN G 70 59.07 3.43 9.20
C GLN G 70 57.94 3.13 10.18
N GLU G 71 57.47 1.89 10.19
CA GLU G 71 56.34 1.54 11.02
C GLU G 71 56.70 1.58 12.49
N GLN G 72 55.72 1.98 13.30
CA GLN G 72 55.81 1.96 14.75
C GLN G 72 54.65 1.10 15.26
N ARG G 73 54.95 -0.05 15.83
CA ARG G 73 53.91 -0.95 16.31
C ARG G 73 53.80 -0.79 17.82
N GLU G 74 52.57 -0.66 18.30
CA GLU G 74 52.30 -0.47 19.72
C GLU G 74 51.36 -1.58 20.16
N ASP G 75 51.88 -2.56 20.88
CA ASP G 75 51.11 -3.74 21.27
C ASP G 75 49.93 -3.38 22.16
N HIS G 76 49.87 -2.17 22.71
CA HIS G 76 48.77 -1.80 23.60
C HIS G 76 47.47 -1.67 22.81
N LEU G 77 46.90 -2.82 22.48
CA LEU G 77 45.59 -2.91 21.84
C LEU G 77 44.66 -3.48 22.92
N CYS G 78 43.98 -2.58 23.63
CA CYS G 78 43.17 -2.96 24.78
C CYS G 78 41.70 -2.58 24.58
N PHE G 79 41.26 -2.53 23.33
CA PHE G 79 39.85 -2.43 23.00
C PHE G 79 39.53 -3.57 22.04
N SER G 80 38.25 -3.91 21.93
CA SER G 80 37.87 -5.14 21.28
C SER G 80 36.87 -4.92 20.15
N PRO G 81 36.80 -5.85 19.21
CA PRO G 81 35.79 -5.76 18.13
C PRO G 81 34.36 -5.83 18.64
N GLY G 82 33.47 -5.18 17.89
CA GLY G 82 32.06 -5.14 18.24
C GLY G 82 31.65 -3.99 19.12
N SER G 83 32.56 -3.09 19.46
CA SER G 83 32.34 -2.09 20.50
C SER G 83 32.36 -0.68 19.92
N GLU G 84 31.88 0.26 20.73
CA GLU G 84 31.94 1.68 20.42
C GLU G 84 33.12 2.29 21.17
N VAL G 85 34.08 2.83 20.43
CA VAL G 85 35.33 3.32 20.99
C VAL G 85 35.48 4.80 20.67
N LYS G 86 36.41 5.44 21.38
CA LYS G 86 36.71 6.85 21.18
C LYS G 86 38.22 7.03 21.07
N PHE G 87 38.62 7.89 20.14
CA PHE G 87 40.02 8.25 19.95
C PHE G 87 40.18 9.75 20.05
N THR G 88 41.25 10.19 20.69
CA THR G 88 41.60 11.60 20.73
C THR G 88 42.97 11.77 20.12
N VAL G 89 43.04 12.50 19.00
CA VAL G 89 44.29 12.78 18.32
C VAL G 89 44.62 14.25 18.53
N THR G 90 45.77 14.52 19.14
CA THR G 90 46.27 15.87 19.31
C THR G 90 47.45 16.06 18.37
N PHE G 91 47.41 17.13 17.57
CA PHE G 91 48.39 17.39 16.53
C PHE G 91 49.40 18.42 17.02
N GLU G 92 50.65 18.00 17.17
CA GLU G 92 51.77 18.90 17.39
C GLU G 92 52.68 18.89 16.17
N SER G 93 53.46 19.96 16.03
CA SER G 93 54.41 20.06 14.92
C SER G 93 55.50 19.01 14.99
N ASP G 94 55.77 18.48 16.18
CA ASP G 94 56.76 17.41 16.31
C ASP G 94 56.13 16.03 16.32
N LYS G 95 54.98 15.88 16.97
CA LYS G 95 54.45 14.56 17.24
C LYS G 95 52.94 14.57 17.12
N PHE G 96 52.40 13.39 16.83
CA PHE G 96 51.00 13.10 17.02
C PHE G 96 50.81 12.37 18.34
N LYS G 97 49.66 12.59 18.97
CA LYS G 97 49.38 12.06 20.30
C LYS G 97 47.99 11.46 20.28
N VAL G 98 47.91 10.14 20.40
CA VAL G 98 46.67 9.38 20.26
C VAL G 98 46.34 8.78 21.62
N LYS G 99 45.27 9.28 22.24
CA LYS G 99 44.78 8.72 23.49
C LYS G 99 43.79 7.61 23.17
N LEU G 100 44.06 6.40 23.66
CA LEU G 100 43.28 5.23 23.33
C LEU G 100 42.02 5.14 24.19
N PRO G 101 41.05 4.30 23.79
CA PRO G 101 39.78 4.23 24.53
C PRO G 101 39.92 3.84 25.99
N ASP G 102 40.99 3.16 26.39
CA ASP G 102 41.13 2.75 27.78
C ASP G 102 41.89 3.77 28.62
N GLY G 103 42.22 4.93 28.06
CA GLY G 103 42.98 5.95 28.74
C GLY G 103 44.46 5.91 28.44
N HIS G 104 44.95 4.82 27.85
CA HIS G 104 46.33 4.78 27.42
C HIS G 104 46.58 5.82 26.33
N GLU G 105 47.82 6.27 26.25
CA GLU G 105 48.19 7.41 25.43
C GLU G 105 49.38 7.04 24.56
N LEU G 106 49.29 7.33 23.27
CA LEU G 106 50.19 6.82 22.25
C LEU G 106 50.71 7.97 21.40
N THR G 107 52.04 8.12 21.32
CA THR G 107 52.67 9.21 20.60
C THR G 107 53.33 8.70 19.32
N PHE G 108 53.21 9.47 18.24
CA PHE G 108 53.78 9.11 16.96
C PHE G 108 54.38 10.37 16.35
N PRO G 109 55.62 10.32 15.85
CA PRO G 109 56.25 11.53 15.33
C PRO G 109 55.56 12.06 14.07
N ASN G 110 55.51 13.38 13.96
CA ASN G 110 55.03 14.05 12.75
C ASN G 110 56.22 14.27 11.82
N ARG G 111 56.29 13.46 10.77
CA ARG G 111 57.44 13.44 9.87
C ARG G 111 57.27 14.31 8.64
N LEU G 112 56.11 14.94 8.43
CA LEU G 112 55.81 15.55 7.14
C LEU G 112 55.61 17.07 7.24
N GLY G 113 56.25 17.72 8.21
CA GLY G 113 56.19 19.16 8.31
C GLY G 113 55.02 19.65 9.15
N HIS G 114 54.93 20.97 9.26
CA HIS G 114 53.98 21.62 10.16
C HIS G 114 52.77 22.21 9.45
N SER G 115 52.57 21.92 8.17
CA SER G 115 51.41 22.43 7.47
C SER G 115 50.13 21.89 8.10
N HIS G 116 49.04 22.65 7.92
CA HIS G 116 47.77 22.29 8.53
C HIS G 116 47.23 21.00 7.92
N LEU G 117 46.45 20.27 8.72
CA LEU G 117 45.86 19.00 8.29
C LEU G 117 44.44 19.25 7.82
N SER G 118 44.14 18.80 6.60
CA SER G 118 42.85 19.03 5.97
C SER G 118 42.09 17.75 5.64
N TYR G 119 42.70 16.58 5.82
CA TYR G 119 42.17 15.34 5.28
C TYR G 119 42.11 14.27 6.37
N LEU G 120 40.94 13.64 6.48
CA LEU G 120 40.73 12.50 7.37
C LEU G 120 39.98 11.43 6.60
N SER G 121 40.44 10.19 6.73
CA SER G 121 39.77 9.07 6.07
C SER G 121 39.78 7.87 6.99
N VAL G 122 38.73 7.07 6.90
CA VAL G 122 38.57 5.86 7.68
C VAL G 122 38.37 4.70 6.71
N ARG G 123 39.06 3.60 6.96
CA ARG G 123 38.95 2.41 6.15
C ARG G 123 38.75 1.19 7.05
N GLY G 124 38.36 0.08 6.44
CA GLY G 124 38.07 -1.10 7.22
C GLY G 124 36.78 -0.97 8.02
N GLY G 125 36.69 -1.82 9.05
CA GLY G 125 35.48 -1.96 9.85
C GLY G 125 35.28 -0.96 10.97
N PHE G 126 35.25 0.34 10.65
CA PHE G 126 34.98 1.37 11.65
C PHE G 126 33.93 2.33 11.11
N ASN G 127 32.83 2.48 11.84
CA ASN G 127 31.74 3.39 11.49
C ASN G 127 31.72 4.54 12.48
N MET G 128 32.25 5.69 12.06
CA MET G 128 32.39 6.85 12.92
C MET G 128 31.02 7.44 13.29
N SER G 129 30.82 7.70 14.58
CA SER G 129 29.57 8.27 15.06
C SER G 129 29.66 9.75 15.40
N SER G 130 30.87 10.29 15.55
CA SER G 130 31.00 11.71 15.86
C SER G 130 32.38 12.19 15.43
N PHE G 131 32.46 13.49 15.16
CA PHE G 131 33.69 14.21 14.89
C PHE G 131 33.66 15.52 15.66
N LYS G 132 34.80 15.88 16.25
CA LYS G 132 34.90 17.13 16.97
C LYS G 132 36.35 17.62 16.92
N LEU G 133 36.55 18.77 16.31
CA LEU G 133 37.85 19.43 16.23
C LEU G 133 37.87 20.65 17.13
N LYS G 134 38.93 20.79 17.91
CA LYS G 134 39.17 22.00 18.68
C LYS G 134 40.66 22.34 18.62
N MET H 4 12.62 -56.15 10.60
CA MET H 4 13.09 -54.77 10.55
C MET H 4 12.04 -53.88 11.22
N THR H 5 10.79 -54.33 11.16
CA THR H 5 9.70 -53.63 11.85
C THR H 5 9.89 -53.73 13.36
N GLY H 6 9.66 -52.62 14.05
CA GLY H 6 9.86 -52.51 15.47
C GLY H 6 11.28 -52.18 15.90
N GLU H 7 12.26 -52.30 15.00
CA GLU H 7 13.63 -51.91 15.31
C GLU H 7 13.78 -50.42 15.00
N LEU H 8 13.38 -49.62 15.97
CA LEU H 8 13.24 -48.18 15.79
C LEU H 8 14.58 -47.50 15.44
N GLU H 9 14.51 -46.50 14.58
CA GLU H 9 15.62 -45.61 14.27
C GLU H 9 15.18 -44.18 14.56
N VAL H 10 16.00 -43.44 15.29
CA VAL H 10 15.74 -42.04 15.58
C VAL H 10 16.86 -41.21 14.94
N LYS H 11 16.48 -40.28 14.09
CA LYS H 11 17.43 -39.50 13.31
C LYS H 11 17.24 -38.02 13.59
N ASN H 12 18.34 -37.28 13.49
CA ASN H 12 18.35 -35.81 13.62
C ASN H 12 18.08 -35.36 15.05
N MET H 13 18.55 -36.14 16.02
CA MET H 13 18.58 -35.74 17.41
C MET H 13 19.63 -34.66 17.64
N ASP H 14 19.57 -34.03 18.82
CA ASP H 14 20.55 -33.03 19.26
C ASP H 14 20.93 -33.39 20.69
N MET H 15 21.77 -34.41 20.84
CA MET H 15 22.24 -34.86 22.14
C MET H 15 23.58 -34.23 22.43
N LYS H 16 23.59 -33.35 23.38
CA LYS H 16 24.60 -32.50 24.00
C LYS H 16 25.27 -33.23 25.16
N PRO H 17 26.54 -32.94 25.41
CA PRO H 17 27.19 -33.46 26.62
C PRO H 17 26.47 -32.92 27.85
N GLY H 18 26.25 -33.80 28.82
CA GLY H 18 25.49 -33.44 29.99
C GLY H 18 24.04 -33.85 29.92
N SER H 19 23.59 -34.33 28.76
CA SER H 19 22.21 -34.74 28.57
C SER H 19 22.05 -36.20 28.97
N THR H 20 20.81 -36.55 29.30
CA THR H 20 20.47 -37.90 29.72
C THR H 20 19.38 -38.42 28.79
N LEU H 21 19.47 -39.71 28.45
CA LEU H 21 18.51 -40.34 27.56
C LEU H 21 17.95 -41.56 28.26
N LYS H 22 16.69 -41.46 28.69
CA LYS H 22 16.01 -42.56 29.34
C LYS H 22 15.22 -43.34 28.28
N ILE H 23 15.35 -44.66 28.32
CA ILE H 23 14.76 -45.54 27.33
C ILE H 23 14.02 -46.65 28.05
N THR H 24 12.76 -46.86 27.71
CA THR H 24 11.98 -47.96 28.23
C THR H 24 11.51 -48.84 27.07
N GLY H 25 11.47 -50.14 27.32
CA GLY H 25 11.00 -51.09 26.34
C GLY H 25 10.93 -52.45 26.98
N SER H 26 10.42 -53.40 26.21
CA SER H 26 10.25 -54.77 26.68
C SER H 26 11.14 -55.69 25.87
N ILE H 27 11.88 -56.55 26.55
CA ILE H 27 12.73 -57.51 25.88
C ILE H 27 11.84 -58.68 25.46
N ALA H 28 11.77 -58.93 24.16
CA ALA H 28 10.93 -60.00 23.66
C ALA H 28 11.43 -61.35 24.18
N ASP H 29 10.50 -62.26 24.41
CA ASP H 29 10.88 -63.59 24.81
C ASP H 29 11.40 -64.37 23.62
N GLY H 30 12.40 -65.20 23.86
CA GLY H 30 13.04 -66.01 22.85
C GLY H 30 14.12 -65.32 22.05
N THR H 31 14.52 -64.11 22.44
CA THR H 31 15.71 -63.49 21.86
C THR H 31 16.88 -63.72 22.82
N ASP H 32 18.06 -63.89 22.24
CA ASP H 32 19.27 -64.06 23.04
C ASP H 32 19.97 -62.74 23.35
N GLY H 33 19.47 -61.62 22.86
CA GLY H 33 20.08 -60.33 23.13
C GLY H 33 19.49 -59.25 22.26
N PHE H 34 19.93 -58.01 22.53
CA PHE H 34 19.47 -56.85 21.78
C PHE H 34 20.55 -55.76 21.83
N VAL H 35 20.30 -54.68 21.08
CA VAL H 35 21.28 -53.64 20.84
C VAL H 35 20.62 -52.26 20.98
N ILE H 36 21.28 -51.36 21.71
CA ILE H 36 20.95 -49.94 21.72
C ILE H 36 22.17 -49.18 21.23
N ASN H 37 22.03 -48.48 20.10
CA ASN H 37 23.11 -47.73 19.50
C ASN H 37 22.89 -46.23 19.64
N LEU H 38 23.95 -45.51 19.99
CA LEU H 38 23.90 -44.06 20.22
C LEU H 38 25.17 -43.45 19.64
N GLY H 39 25.00 -42.40 18.82
CA GLY H 39 26.16 -41.78 18.21
C GLY H 39 25.85 -40.66 17.23
N GLN H 40 26.72 -40.50 16.24
CA GLN H 40 26.60 -39.42 15.27
C GLN H 40 25.92 -39.85 13.98
N GLY H 41 25.76 -41.16 13.77
CA GLY H 41 25.10 -41.67 12.58
C GLY H 41 25.15 -43.18 12.56
N THR H 42 24.61 -43.75 11.48
CA THR H 42 24.64 -45.20 11.32
C THR H 42 26.07 -45.69 11.19
N ASP H 43 26.97 -44.80 10.77
CA ASP H 43 28.36 -45.11 10.48
C ASP H 43 29.28 -44.75 11.64
N LYS H 44 28.74 -44.06 12.65
CA LYS H 44 29.54 -43.52 13.75
C LYS H 44 28.83 -43.76 15.08
N LEU H 45 29.18 -44.84 15.79
CA LEU H 45 28.51 -45.18 17.05
C LEU H 45 29.43 -44.87 18.23
N ASN H 46 29.13 -43.81 18.96
CA ASN H 46 29.87 -43.51 20.19
C ASN H 46 29.63 -44.57 21.26
N LEU H 47 28.39 -45.06 21.36
CA LEU H 47 28.03 -46.06 22.36
C LEU H 47 27.23 -47.15 21.69
N HIS H 48 27.79 -48.36 21.66
CA HIS H 48 27.08 -49.56 21.22
C HIS H 48 26.84 -50.43 22.44
N PHE H 49 25.58 -50.55 22.86
CA PHE H 49 25.21 -51.20 24.12
C PHE H 49 24.45 -52.48 23.76
N ASN H 50 25.04 -53.63 24.07
CA ASN H 50 24.59 -54.92 23.55
C ASN H 50 24.54 -55.95 24.67
N PRO H 51 23.45 -56.00 25.43
CA PRO H 51 23.25 -57.10 26.38
C PRO H 51 23.09 -58.42 25.65
N ARG H 52 23.91 -59.41 26.04
CA ARG H 52 23.86 -60.74 25.46
C ARG H 52 23.47 -61.72 26.56
N PHE H 53 22.19 -62.14 26.56
CA PHE H 53 21.74 -63.08 27.57
C PHE H 53 22.41 -64.43 27.40
N SER H 54 22.62 -64.84 26.15
CA SER H 54 23.27 -66.12 25.84
C SER H 54 24.75 -66.15 26.22
N GLU H 55 25.42 -65.00 26.30
CA GLU H 55 26.81 -64.96 26.76
C GLU H 55 26.92 -64.44 28.19
N SER H 56 25.78 -64.20 28.85
CA SER H 56 25.73 -63.72 30.23
C SER H 56 26.62 -62.50 30.41
N THR H 57 26.58 -61.58 29.44
CA THR H 57 27.40 -60.39 29.48
C THR H 57 26.75 -59.29 28.67
N ILE H 58 27.18 -58.07 28.93
CA ILE H 58 26.77 -56.89 28.17
C ILE H 58 28.01 -56.36 27.47
N VAL H 59 28.00 -56.41 26.15
CA VAL H 59 29.11 -55.88 25.37
C VAL H 59 28.86 -54.42 25.07
N CYS H 60 29.83 -53.58 25.40
CA CYS H 60 29.84 -52.18 24.99
C CYS H 60 31.02 -51.99 24.05
N ASN H 61 30.80 -51.25 22.98
CA ASN H 61 31.87 -51.00 22.02
C ASN H 61 31.56 -49.72 21.26
N SER H 62 32.49 -49.35 20.38
CA SER H 62 32.35 -48.21 19.49
C SER H 62 32.57 -48.66 18.05
N LEU H 63 32.01 -47.90 17.11
CA LEU H 63 32.17 -48.22 15.70
C LEU H 63 32.48 -46.94 14.94
N ASP H 64 33.66 -46.89 14.32
CA ASP H 64 34.09 -45.77 13.49
C ASP H 64 34.35 -46.33 12.09
N GLY H 65 33.46 -46.02 11.16
CA GLY H 65 33.49 -46.56 9.82
C GLY H 65 33.07 -48.02 9.78
N SER H 66 33.96 -48.91 9.37
CA SER H 66 33.71 -50.34 9.41
C SER H 66 34.51 -51.04 10.49
N ASN H 67 35.21 -50.27 11.33
CA ASN H 67 36.14 -50.79 12.31
C ASN H 67 35.53 -50.70 13.70
N TRP H 68 35.29 -51.85 14.33
CA TRP H 68 34.86 -51.86 15.71
C TRP H 68 36.04 -51.59 16.62
N GLY H 69 35.77 -50.90 17.73
CA GLY H 69 36.79 -50.65 18.73
C GLY H 69 37.05 -51.89 19.57
N GLN H 70 37.70 -51.66 20.70
CA GLN H 70 38.00 -52.73 21.64
C GLN H 70 36.80 -52.92 22.56
N GLU H 71 36.23 -54.12 22.57
CA GLU H 71 35.03 -54.36 23.36
C GLU H 71 35.33 -54.20 24.84
N GLN H 72 34.32 -53.70 25.55
CA GLN H 72 34.33 -53.63 27.00
C GLN H 72 33.10 -54.41 27.45
N ARG H 73 33.32 -55.55 28.08
CA ARG H 73 32.22 -56.41 28.48
C ARG H 73 31.95 -56.16 29.96
N GLU H 74 30.67 -56.00 30.29
CA GLU H 74 30.24 -55.71 31.65
C GLU H 74 29.33 -56.83 32.10
N ASP H 75 29.74 -57.52 33.15
CA ASP H 75 29.16 -58.79 33.57
C ASP H 75 27.86 -58.64 34.33
N HIS H 76 27.42 -57.40 34.58
CA HIS H 76 26.23 -57.16 35.40
C HIS H 76 25.00 -57.12 34.49
N LEU H 77 24.58 -58.31 34.08
CA LEU H 77 23.38 -58.53 33.27
C LEU H 77 22.34 -59.19 34.17
N CYS H 78 21.45 -58.38 34.73
CA CYS H 78 20.48 -58.84 35.72
C CYS H 78 19.05 -58.63 35.25
N PHE H 79 18.84 -58.61 33.93
CA PHE H 79 17.51 -58.64 33.34
C PHE H 79 17.44 -59.77 32.33
N SER H 80 16.22 -60.19 32.03
CA SER H 80 15.94 -61.43 31.33
C SER H 80 15.02 -61.17 30.14
N PRO H 81 14.96 -62.10 29.18
CA PRO H 81 13.97 -61.97 28.12
C PRO H 81 12.58 -61.98 28.73
N GLY H 82 11.67 -61.23 28.10
CA GLY H 82 10.35 -61.04 28.65
C GLY H 82 10.25 -59.85 29.59
N SER H 83 11.36 -59.41 30.16
CA SER H 83 11.36 -58.31 31.10
C SER H 83 11.12 -56.98 30.40
N GLU H 84 10.46 -56.06 31.11
CA GLU H 84 10.43 -54.67 30.75
C GLU H 84 11.48 -53.94 31.58
N VAL H 85 12.34 -53.19 30.91
CA VAL H 85 13.54 -52.65 31.52
C VAL H 85 13.62 -51.14 31.30
N LYS H 86 14.33 -50.47 32.20
CA LYS H 86 14.56 -49.04 32.13
C LYS H 86 16.07 -48.79 32.07
N PHE H 87 16.47 -47.93 31.15
CA PHE H 87 17.87 -47.51 31.03
C PHE H 87 17.94 -46.00 31.01
N THR H 88 18.96 -45.46 31.69
CA THR H 88 19.30 -44.04 31.63
C THR H 88 20.72 -43.93 31.10
N VAL H 89 20.87 -43.28 29.95
CA VAL H 89 22.18 -43.06 29.35
C VAL H 89 22.50 -41.59 29.53
N THR H 90 23.60 -41.30 30.21
CA THR H 90 24.06 -39.92 30.37
C THR H 90 25.29 -39.72 29.50
N PHE H 91 25.24 -38.69 28.64
CA PHE H 91 26.30 -38.42 27.69
C PHE H 91 27.13 -37.24 28.21
N GLU H 92 28.39 -37.50 28.54
CA GLU H 92 29.37 -36.48 28.83
C GLU H 92 30.38 -36.42 27.70
N SER H 93 31.12 -35.33 27.61
CA SER H 93 32.16 -35.26 26.59
C SER H 93 33.25 -36.30 26.83
N ASP H 94 33.38 -36.78 28.06
CA ASP H 94 34.46 -37.68 28.47
C ASP H 94 34.05 -39.15 28.46
N LYS H 95 32.84 -39.47 28.91
CA LYS H 95 32.44 -40.86 29.08
C LYS H 95 30.93 -40.97 28.96
N PHE H 96 30.46 -42.18 28.65
CA PHE H 96 29.06 -42.54 28.76
C PHE H 96 28.83 -43.25 30.09
N LYS H 97 27.68 -42.99 30.70
CA LYS H 97 27.25 -43.73 31.87
C LYS H 97 25.86 -44.30 31.60
N VAL H 98 25.75 -45.63 31.64
CA VAL H 98 24.49 -46.33 31.47
C VAL H 98 24.06 -46.85 32.82
N LYS H 99 22.84 -46.49 33.22
CA LYS H 99 22.27 -46.96 34.48
C LYS H 99 21.38 -48.17 34.19
N LEU H 100 21.72 -49.31 34.78
CA LEU H 100 20.93 -50.51 34.62
C LEU H 100 19.67 -50.44 35.49
N PRO H 101 18.67 -51.28 35.23
CA PRO H 101 17.40 -51.15 35.97
C PRO H 101 17.53 -51.28 37.48
N ASP H 102 18.57 -51.93 38.00
CA ASP H 102 18.74 -52.07 39.43
C ASP H 102 19.63 -50.98 40.04
N GLY H 103 20.04 -49.99 39.26
CA GLY H 103 20.85 -48.90 39.74
C GLY H 103 22.35 -49.04 39.50
N HIS H 104 22.84 -50.23 39.17
CA HIS H 104 24.25 -50.38 38.84
C HIS H 104 24.55 -49.61 37.55
N GLU H 105 25.63 -48.84 37.57
CA GLU H 105 25.98 -47.96 36.47
C GLU H 105 27.25 -48.42 35.77
N LEU H 106 27.24 -48.38 34.45
CA LEU H 106 28.37 -48.76 33.62
C LEU H 106 28.96 -47.52 32.98
N THR H 107 30.29 -47.41 32.99
CA THR H 107 30.99 -46.34 32.29
C THR H 107 31.75 -46.93 31.10
N PHE H 108 31.69 -46.22 29.98
CA PHE H 108 32.33 -46.60 28.74
C PHE H 108 32.92 -45.33 28.15
N PRO H 109 34.19 -45.36 27.72
CA PRO H 109 34.81 -44.12 27.21
C PRO H 109 34.16 -43.68 25.90
N ASN H 110 34.05 -42.37 25.73
CA ASN H 110 33.62 -41.78 24.47
C ASN H 110 34.86 -41.58 23.60
N ARG H 111 35.03 -42.44 22.61
CA ARG H 111 36.23 -42.47 21.79
C ARG H 111 36.14 -41.63 20.53
N LEU H 112 35.00 -41.01 20.27
CA LEU H 112 34.74 -40.39 18.97
C LEU H 112 34.53 -38.89 19.06
N GLY H 113 35.11 -38.25 20.08
CA GLY H 113 35.01 -36.81 20.20
C GLY H 113 33.78 -36.38 20.97
N HIS H 114 33.68 -35.06 21.17
CA HIS H 114 32.60 -34.48 21.95
C HIS H 114 31.49 -33.89 21.09
N SER H 115 31.34 -34.37 19.86
CA SER H 115 30.30 -33.87 18.96
C SER H 115 28.91 -34.23 19.49
N HIS H 116 27.89 -33.60 18.92
CA HIS H 116 26.52 -33.87 19.32
C HIS H 116 26.07 -35.21 18.75
N LEU H 117 25.30 -35.95 19.54
CA LEU H 117 24.76 -37.23 19.11
C LEU H 117 23.40 -37.00 18.47
N SER H 118 23.22 -37.52 17.26
CA SER H 118 22.01 -37.30 16.49
C SER H 118 21.22 -38.56 16.18
N TYR H 119 21.74 -39.74 16.51
CA TYR H 119 21.21 -41.00 16.00
C TYR H 119 21.00 -42.00 17.13
N LEU H 120 19.81 -42.60 17.16
CA LEU H 120 19.49 -43.68 18.10
C LEU H 120 18.81 -44.80 17.34
N SER H 121 19.27 -46.04 17.54
CA SER H 121 18.69 -47.20 16.89
C SER H 121 18.72 -48.41 17.83
N VAL H 122 17.74 -49.29 17.66
CA VAL H 122 17.66 -50.54 18.40
C VAL H 122 17.62 -51.68 17.41
N ARG H 123 18.34 -52.76 17.72
CA ARG H 123 18.36 -53.96 16.91
C ARG H 123 18.04 -55.16 17.78
N GLY H 124 17.65 -56.25 17.14
CA GLY H 124 17.42 -57.48 17.87
C GLY H 124 16.10 -57.48 18.63
N GLY H 125 16.05 -58.33 19.65
CA GLY H 125 14.84 -58.56 20.40
C GLY H 125 14.56 -57.52 21.47
N PHE H 126 14.50 -56.26 21.05
CA PHE H 126 14.14 -55.15 21.93
C PHE H 126 13.07 -54.33 21.24
N ASN H 127 11.95 -54.13 21.91
CA ASN H 127 10.85 -53.33 21.38
C ASN H 127 10.83 -52.02 22.15
N MET H 128 11.43 -50.99 21.57
CA MET H 128 11.48 -49.69 22.23
C MET H 128 10.08 -49.11 22.26
N SER H 129 9.61 -48.78 23.46
CA SER H 129 8.28 -48.21 23.61
C SER H 129 8.31 -46.73 23.94
N SER H 130 9.44 -46.20 24.42
CA SER H 130 9.55 -44.79 24.73
C SER H 130 11.01 -44.38 24.81
N PHE H 131 11.28 -43.10 24.53
CA PHE H 131 12.53 -42.48 24.97
C PHE H 131 12.19 -41.10 25.48
N LYS H 132 13.17 -40.50 26.15
CA LYS H 132 13.03 -39.14 26.67
C LYS H 132 14.40 -38.49 26.64
N LEU H 133 14.54 -37.43 25.85
CA LEU H 133 15.75 -36.62 25.88
C LEU H 133 15.61 -35.51 26.91
N LYS H 134 16.65 -35.35 27.72
CA LYS H 134 16.71 -34.29 28.71
C LYS H 134 18.00 -33.50 28.55
N MET I 4 13.96 -23.66 11.67
CA MET I 4 14.29 -22.30 11.24
C MET I 4 15.56 -22.37 10.39
N THR I 5 16.40 -23.36 10.66
CA THR I 5 17.57 -23.61 9.82
C THR I 5 17.13 -24.04 8.44
N GLY I 6 17.82 -23.51 7.43
CA GLY I 6 17.43 -23.68 6.05
C GLY I 6 16.43 -22.67 5.55
N GLU I 7 15.79 -21.92 6.45
CA GLU I 7 14.89 -20.83 6.07
C GLU I 7 15.76 -19.58 5.89
N LEU I 8 16.35 -19.49 4.69
CA LEU I 8 17.38 -18.51 4.39
C LEU I 8 16.88 -17.08 4.56
N GLU I 9 17.75 -16.21 5.06
CA GLU I 9 17.55 -14.77 5.00
C GLU I 9 18.75 -14.15 4.31
N VAL I 10 18.48 -13.30 3.31
CA VAL I 10 19.52 -12.57 2.60
C VAL I 10 19.26 -11.09 2.81
N LYS I 11 20.21 -10.41 3.45
CA LYS I 11 20.03 -9.03 3.82
C LYS I 11 21.11 -8.17 3.15
N ASN I 12 20.77 -6.90 2.94
CA ASN I 12 21.65 -5.93 2.30
C ASN I 12 21.89 -6.25 0.82
N MET I 13 20.89 -6.80 0.14
CA MET I 13 20.97 -6.90 -1.31
C MET I 13 20.82 -5.52 -1.95
N ASP I 14 21.13 -5.45 -3.25
CA ASP I 14 20.93 -4.20 -4.01
C ASP I 14 20.28 -4.55 -5.36
N MET I 15 18.98 -4.84 -5.33
CA MET I 15 18.22 -5.15 -6.53
C MET I 15 17.45 -3.91 -6.97
N LYS I 16 17.69 -3.49 -8.21
CA LYS I 16 17.10 -2.30 -8.80
C LYS I 16 15.98 -2.70 -9.77
N PRO I 17 15.14 -1.74 -10.16
CA PRO I 17 14.20 -2.01 -11.25
C PRO I 17 14.96 -2.35 -12.54
N GLY I 18 14.48 -3.39 -13.22
CA GLY I 18 15.11 -3.90 -14.42
C GLY I 18 16.02 -5.09 -14.21
N SER I 19 16.35 -5.42 -12.97
CA SER I 19 17.22 -6.54 -12.66
C SER I 19 16.39 -7.81 -12.44
N THR I 20 17.06 -8.96 -12.58
CA THR I 20 16.43 -10.26 -12.46
C THR I 20 17.10 -11.09 -11.38
N LEU I 21 16.31 -11.90 -10.69
CA LEU I 21 16.76 -12.74 -9.58
C LEU I 21 16.41 -14.19 -9.89
N LYS I 22 17.43 -15.00 -10.14
CA LYS I 22 17.27 -16.42 -10.41
C LYS I 22 17.54 -17.20 -9.12
N ILE I 23 16.61 -18.09 -8.77
CA ILE I 23 16.64 -18.81 -7.50
C ILE I 23 16.47 -20.29 -7.78
N THR I 24 17.35 -21.11 -7.22
CA THR I 24 17.27 -22.56 -7.30
C THR I 24 17.17 -23.17 -5.91
N GLY I 25 16.40 -24.25 -5.80
CA GLY I 25 16.29 -24.96 -4.54
C GLY I 25 15.48 -26.22 -4.73
N SER I 26 15.42 -26.99 -3.65
CA SER I 26 14.71 -28.27 -3.63
C SER I 26 13.58 -28.21 -2.63
N ILE I 27 12.39 -28.63 -3.06
CA ILE I 27 11.23 -28.68 -2.19
C ILE I 27 11.27 -29.97 -1.39
N ALA I 28 11.11 -29.85 -0.08
CA ALA I 28 11.27 -31.01 0.80
C ALA I 28 10.12 -31.98 0.64
N ASP I 29 10.39 -33.25 0.94
CA ASP I 29 9.33 -34.24 1.01
C ASP I 29 8.37 -33.90 2.15
N GLY I 30 7.08 -34.01 1.86
CA GLY I 30 6.04 -33.86 2.85
C GLY I 30 5.70 -32.44 3.27
N THR I 31 6.17 -31.43 2.55
CA THR I 31 5.74 -30.06 2.80
C THR I 31 4.56 -29.73 1.90
N ASP I 32 3.59 -28.99 2.44
CA ASP I 32 2.43 -28.57 1.67
C ASP I 32 2.61 -27.23 0.98
N GLY I 33 3.73 -26.56 1.19
CA GLY I 33 3.98 -25.28 0.55
C GLY I 33 5.19 -24.60 1.16
N PHE I 34 5.58 -23.50 0.52
CA PHE I 34 6.73 -22.72 0.97
C PHE I 34 6.55 -21.28 0.51
N VAL I 35 7.49 -20.44 0.94
CA VAL I 35 7.40 -18.99 0.76
C VAL I 35 8.75 -18.46 0.29
N ILE I 36 8.72 -17.62 -0.74
CA ILE I 36 9.86 -16.81 -1.15
C ILE I 36 9.46 -15.36 -0.99
N ASN I 37 10.15 -14.64 -0.10
CA ASN I 37 9.85 -13.25 0.19
C ASN I 37 10.93 -12.35 -0.40
N LEU I 38 10.49 -11.27 -1.02
CA LEU I 38 11.37 -10.32 -1.68
C LEU I 38 10.86 -8.91 -1.44
N GLY I 39 11.74 -8.03 -0.96
CA GLY I 39 11.30 -6.67 -0.70
C GLY I 39 12.31 -5.74 -0.06
N GLN I 40 11.78 -4.77 0.68
CA GLN I 40 12.57 -3.72 1.31
C GLN I 40 12.85 -3.98 2.79
N GLY I 41 12.19 -4.97 3.39
CA GLY I 41 12.41 -5.30 4.78
C GLY I 41 11.52 -6.45 5.18
N THR I 42 11.60 -6.83 6.46
CA THR I 42 10.83 -7.98 6.93
C THR I 42 9.34 -7.71 6.88
N ASP I 43 8.95 -6.47 7.09
CA ASP I 43 7.56 -6.02 7.11
C ASP I 43 7.22 -5.21 5.87
N LYS I 44 8.17 -5.08 4.94
CA LYS I 44 8.01 -4.33 3.69
C LYS I 44 8.34 -5.31 2.57
N LEU I 45 7.34 -6.08 2.15
CA LEU I 45 7.52 -7.13 1.15
C LEU I 45 6.81 -6.74 -0.14
N ASN I 46 7.61 -6.40 -1.17
CA ASN I 46 7.04 -6.11 -2.48
C ASN I 46 6.40 -7.36 -3.10
N LEU I 47 7.03 -8.52 -2.92
CA LEU I 47 6.55 -9.77 -3.52
C LEU I 47 6.58 -10.87 -2.48
N HIS I 48 5.41 -11.41 -2.14
CA HIS I 48 5.29 -12.60 -1.30
C HIS I 48 4.83 -13.74 -2.20
N PHE I 49 5.73 -14.68 -2.46
CA PHE I 49 5.53 -15.74 -3.44
C PHE I 49 5.39 -17.05 -2.70
N ASN I 50 4.19 -17.63 -2.72
CA ASN I 50 3.81 -18.73 -1.83
C ASN I 50 3.08 -19.81 -2.60
N PRO I 51 3.82 -20.72 -3.22
CA PRO I 51 3.19 -21.92 -3.79
C PRO I 51 2.61 -22.80 -2.68
N ARG I 52 1.32 -23.11 -2.81
CA ARG I 52 0.62 -23.98 -1.86
C ARG I 52 0.17 -25.23 -2.62
N PHE I 53 0.94 -26.31 -2.48
CA PHE I 53 0.60 -27.55 -3.17
C PHE I 53 -0.72 -28.13 -2.66
N SER I 54 -0.97 -27.98 -1.36
CA SER I 54 -2.19 -28.52 -0.77
C SER I 54 -3.43 -27.82 -1.30
N GLU I 55 -3.30 -26.57 -1.75
CA GLU I 55 -4.42 -25.82 -2.31
C GLU I 55 -4.32 -25.72 -3.82
N SER I 56 -3.33 -26.36 -4.43
CA SER I 56 -3.14 -26.39 -5.88
C SER I 56 -3.15 -24.98 -6.48
N THR I 57 -2.47 -24.06 -5.81
CA THR I 57 -2.43 -22.68 -6.26
C THR I 57 -1.14 -22.03 -5.74
N ILE I 58 -0.78 -20.93 -6.38
CA ILE I 58 0.34 -20.11 -5.96
C ILE I 58 -0.22 -18.76 -5.54
N VAL I 59 -0.09 -18.45 -4.25
CA VAL I 59 -0.57 -17.18 -3.73
C VAL I 59 0.56 -16.16 -3.80
N CYS I 60 0.27 -15.02 -4.42
CA CYS I 60 1.15 -13.86 -4.41
C CYS I 60 0.47 -12.72 -3.68
N ASN I 61 1.24 -12.00 -2.88
CA ASN I 61 0.71 -10.86 -2.13
C ASN I 61 1.87 -9.94 -1.79
N SER I 62 1.56 -8.83 -1.12
CA SER I 62 2.54 -7.88 -0.64
C SER I 62 2.36 -7.69 0.86
N LEU I 63 3.42 -7.25 1.53
CA LEU I 63 3.36 -7.06 2.98
C LEU I 63 3.90 -5.67 3.32
N ASP I 64 3.02 -4.83 3.87
CA ASP I 64 3.35 -3.47 4.32
C ASP I 64 3.05 -3.41 5.81
N GLY I 65 4.09 -3.51 6.64
CA GLY I 65 3.88 -3.56 8.07
C GLY I 65 3.19 -4.83 8.51
N SER I 66 1.99 -4.70 9.06
CA SER I 66 1.18 -5.85 9.46
C SER I 66 -0.06 -6.06 8.59
N ASN I 67 -0.23 -5.29 7.52
CA ASN I 67 -1.45 -5.33 6.70
C ASN I 67 -1.13 -6.05 5.40
N TRP I 68 -1.75 -7.21 5.17
CA TRP I 68 -1.58 -7.88 3.89
C TRP I 68 -2.40 -7.19 2.81
N GLY I 69 -1.86 -7.17 1.59
CA GLY I 69 -2.56 -6.63 0.46
C GLY I 69 -3.62 -7.60 -0.03
N GLN I 70 -4.06 -7.39 -1.25
CA GLN I 70 -5.05 -8.25 -1.87
C GLN I 70 -4.34 -9.40 -2.55
N GLU I 71 -4.65 -10.63 -2.13
CA GLU I 71 -3.97 -11.79 -2.68
C GLU I 71 -4.27 -11.93 -4.16
N GLN I 72 -3.28 -12.40 -4.91
CA GLN I 72 -3.41 -12.72 -6.32
C GLN I 72 -2.99 -14.16 -6.50
N ARG I 73 -3.94 -15.02 -6.86
CA ARG I 73 -3.69 -16.46 -6.99
C ARG I 73 -3.53 -16.83 -8.46
N GLU I 74 -2.50 -17.64 -8.73
CA GLU I 74 -2.17 -18.13 -10.07
C GLU I 74 -2.13 -19.65 -10.00
N ASP I 75 -3.18 -20.31 -10.50
CA ASP I 75 -3.38 -21.75 -10.33
C ASP I 75 -2.49 -22.59 -11.22
N HIS I 76 -1.42 -22.00 -11.78
CA HIS I 76 -0.46 -22.76 -12.57
C HIS I 76 0.64 -23.30 -11.65
N LEU I 77 0.30 -24.35 -10.91
CA LEU I 77 1.24 -25.03 -10.01
C LEU I 77 1.57 -26.39 -10.59
N CYS I 78 2.70 -26.48 -11.29
CA CYS I 78 3.10 -27.70 -11.99
C CYS I 78 4.42 -28.27 -11.46
N PHE I 79 4.74 -27.99 -10.20
CA PHE I 79 5.82 -28.66 -9.50
C PHE I 79 5.27 -29.19 -8.18
N SER I 80 5.97 -30.16 -7.63
CA SER I 80 5.49 -31.00 -6.52
C SER I 80 6.55 -31.07 -5.41
N PRO I 81 6.11 -31.49 -4.21
CA PRO I 81 7.14 -31.72 -3.17
C PRO I 81 8.13 -32.78 -3.64
N GLY I 82 9.37 -32.63 -3.20
CA GLY I 82 10.44 -33.48 -3.67
C GLY I 82 11.11 -32.97 -4.93
N SER I 83 10.61 -31.88 -5.51
CA SER I 83 11.14 -31.36 -6.76
C SER I 83 12.33 -30.46 -6.51
N GLU I 84 13.13 -30.30 -7.56
CA GLU I 84 14.12 -29.23 -7.67
C GLU I 84 13.61 -28.25 -8.73
N VAL I 85 13.59 -26.97 -8.39
CA VAL I 85 12.93 -25.98 -9.23
C VAL I 85 13.83 -24.77 -9.43
N LYS I 86 13.61 -24.08 -10.55
CA LYS I 86 14.20 -22.78 -10.82
C LYS I 86 13.10 -21.75 -10.89
N PHE I 87 13.36 -20.57 -10.33
CA PHE I 87 12.47 -19.43 -10.51
C PHE I 87 13.30 -18.25 -10.98
N THR I 88 12.74 -17.47 -11.90
CA THR I 88 13.33 -16.22 -12.34
C THR I 88 12.36 -15.11 -12.00
N VAL I 89 12.79 -14.20 -11.12
CA VAL I 89 11.98 -13.07 -10.69
C VAL I 89 12.56 -11.82 -11.33
N THR I 90 11.73 -11.11 -12.09
CA THR I 90 12.12 -9.84 -12.68
C THR I 90 11.42 -8.71 -11.92
N PHE I 91 12.19 -7.75 -11.44
CA PHE I 91 11.68 -6.63 -10.66
C PHE I 91 11.64 -5.41 -11.56
N GLU I 92 10.44 -4.95 -11.86
CA GLU I 92 10.23 -3.69 -12.53
C GLU I 92 9.57 -2.70 -11.57
N SER I 93 9.69 -1.41 -11.90
CA SER I 93 9.04 -0.39 -11.09
C SER I 93 7.53 -0.55 -11.14
N ASP I 94 7.03 -1.24 -12.16
CA ASP I 94 5.62 -1.36 -12.46
C ASP I 94 5.02 -2.68 -12.01
N LYS I 95 5.79 -3.75 -11.98
CA LYS I 95 5.25 -5.07 -11.71
C LYS I 95 6.40 -6.03 -11.40
N PHE I 96 6.04 -7.23 -10.97
CA PHE I 96 6.96 -8.35 -10.88
C PHE I 96 6.64 -9.38 -11.94
N LYS I 97 7.67 -10.10 -12.38
CA LYS I 97 7.55 -11.17 -13.36
C LYS I 97 8.27 -12.39 -12.79
N VAL I 98 7.53 -13.48 -12.59
CA VAL I 98 8.08 -14.72 -12.05
C VAL I 98 7.96 -15.79 -13.13
N LYS I 99 9.11 -16.29 -13.59
CA LYS I 99 9.15 -17.33 -14.61
C LYS I 99 9.20 -18.69 -13.91
N LEU I 100 8.12 -19.46 -14.02
CA LEU I 100 8.04 -20.76 -13.39
C LEU I 100 8.96 -21.76 -14.10
N PRO I 101 9.24 -22.91 -13.48
CA PRO I 101 10.23 -23.83 -14.07
C PRO I 101 9.89 -24.31 -15.46
N ASP I 102 8.62 -24.32 -15.86
CA ASP I 102 8.23 -24.77 -17.19
C ASP I 102 8.11 -23.63 -18.19
N GLY I 103 8.50 -22.41 -17.83
CA GLY I 103 8.41 -21.27 -18.71
C GLY I 103 7.18 -20.40 -18.50
N HIS I 104 6.19 -20.89 -17.75
CA HIS I 104 5.03 -20.07 -17.45
C HIS I 104 5.45 -18.87 -16.62
N GLU I 105 4.88 -17.71 -16.92
CA GLU I 105 5.22 -16.48 -16.21
C GLU I 105 4.02 -15.91 -15.50
N LEU I 106 4.21 -15.51 -14.25
CA LEU I 106 3.21 -14.80 -13.47
C LEU I 106 3.63 -13.34 -13.36
N THR I 107 2.66 -12.44 -13.51
CA THR I 107 2.86 -11.03 -13.23
C THR I 107 2.10 -10.65 -11.97
N PHE I 108 2.75 -9.86 -11.12
CA PHE I 108 2.17 -9.41 -9.87
C PHE I 108 2.54 -7.94 -9.76
N PRO I 109 1.57 -7.06 -9.47
CA PRO I 109 1.89 -5.62 -9.43
C PRO I 109 2.83 -5.30 -8.29
N ASN I 110 3.73 -4.36 -8.55
CA ASN I 110 4.61 -3.80 -7.52
C ASN I 110 3.89 -2.63 -6.88
N ARG I 111 3.38 -2.84 -5.67
CA ARG I 111 2.52 -1.88 -5.00
C ARG I 111 3.26 -0.93 -4.06
N LEU I 112 4.55 -1.11 -3.84
CA LEU I 112 5.26 -0.40 -2.78
C LEU I 112 6.37 0.50 -3.33
N GLY I 113 6.23 0.97 -4.56
CA GLY I 113 7.19 1.92 -5.11
C GLY I 113 8.36 1.25 -5.80
N HIS I 114 9.30 2.10 -6.23
CA HIS I 114 10.42 1.66 -7.06
C HIS I 114 11.75 1.67 -6.31
N SER I 115 11.72 1.64 -4.98
CA SER I 115 12.96 1.58 -4.22
C SER I 115 13.65 0.24 -4.42
N HIS I 116 14.92 0.19 -4.06
CA HIS I 116 15.71 -1.02 -4.25
C HIS I 116 15.30 -2.11 -3.27
N LEU I 117 15.34 -3.35 -3.74
CA LEU I 117 15.05 -4.51 -2.90
C LEU I 117 16.32 -4.96 -2.21
N SER I 118 16.27 -5.08 -0.88
CA SER I 118 17.42 -5.42 -0.08
C SER I 118 17.28 -6.72 0.69
N TYR I 119 16.10 -7.33 0.69
CA TYR I 119 15.80 -8.41 1.62
C TYR I 119 15.20 -9.59 0.88
N LEU I 120 15.73 -10.78 1.17
CA LEU I 120 15.21 -12.04 0.64
C LEU I 120 15.13 -13.03 1.78
N SER I 121 13.99 -13.71 1.90
CA SER I 121 13.80 -14.71 2.94
C SER I 121 13.00 -15.89 2.39
N VAL I 122 13.27 -17.07 2.92
CA VAL I 122 12.61 -18.30 2.52
C VAL I 122 11.94 -18.92 3.75
N ARG I 123 10.74 -19.47 3.54
CA ARG I 123 9.98 -20.11 4.61
C ARG I 123 9.51 -21.47 4.14
N GLY I 124 9.25 -22.36 5.11
CA GLY I 124 8.68 -23.65 4.80
C GLY I 124 9.68 -24.63 4.20
N GLY I 125 9.12 -25.62 3.50
CA GLY I 125 9.91 -26.71 2.97
C GLY I 125 10.59 -26.41 1.66
N PHE I 126 11.41 -25.36 1.65
CA PHE I 126 12.22 -24.99 0.49
C PHE I 126 13.64 -24.78 0.96
N ASN I 127 14.58 -25.51 0.38
CA ASN I 127 15.99 -25.38 0.71
C ASN I 127 16.67 -24.73 -0.49
N MET I 128 16.90 -23.42 -0.38
CA MET I 128 17.51 -22.67 -1.46
C MET I 128 18.96 -23.08 -1.66
N SER I 129 19.30 -23.44 -2.89
CA SER I 129 20.66 -23.86 -3.22
C SER I 129 21.45 -22.81 -3.97
N SER I 130 20.79 -21.84 -4.59
CA SER I 130 21.50 -20.77 -5.27
C SER I 130 20.58 -19.57 -5.48
N PHE I 131 21.20 -18.39 -5.54
CA PHE I 131 20.55 -17.19 -6.06
C PHE I 131 21.56 -16.44 -6.90
N LYS I 132 21.06 -15.69 -7.89
CA LYS I 132 21.91 -14.93 -8.80
C LYS I 132 21.20 -13.63 -9.15
N LEU I 133 21.80 -12.51 -8.78
CA LEU I 133 21.32 -11.21 -9.20
C LEU I 133 21.96 -10.79 -10.51
N LYS I 134 21.18 -10.12 -11.35
CA LYS I 134 21.68 -9.64 -12.63
C LYS I 134 20.89 -8.42 -13.11
N MET J 4 34.22 33.17 4.11
CA MET J 4 34.73 34.46 3.68
C MET J 4 36.02 34.27 2.88
N THR J 5 36.73 33.17 3.17
CA THR J 5 37.92 32.82 2.42
C THR J 5 37.55 32.48 0.97
N GLY J 6 38.37 32.98 0.04
CA GLY J 6 38.09 32.85 -1.36
C GLY J 6 37.16 33.91 -1.91
N GLU J 7 36.50 34.68 -1.05
CA GLU J 7 35.63 35.75 -1.48
C GLU J 7 36.50 37.00 -1.66
N LEU J 8 37.16 37.05 -2.82
CA LEU J 8 38.16 38.07 -3.09
C LEU J 8 37.56 39.47 -3.06
N GLU J 9 38.29 40.41 -2.50
CA GLU J 9 38.00 41.83 -2.65
C GLU J 9 39.26 42.51 -3.18
N VAL J 10 39.09 43.33 -4.22
CA VAL J 10 40.19 44.07 -4.82
C VAL J 10 39.93 45.55 -4.59
N LYS J 11 40.86 46.22 -3.92
CA LYS J 11 40.72 47.61 -3.57
C LYS J 11 41.81 48.44 -4.23
N ASN J 12 41.55 49.75 -4.29
CA ASN J 12 42.46 50.72 -4.90
C ASN J 12 42.68 50.45 -6.39
N MET J 13 41.67 49.93 -7.07
CA MET J 13 41.76 49.91 -8.52
C MET J 13 41.56 51.33 -9.07
N ASP J 14 41.88 51.50 -10.34
CA ASP J 14 41.64 52.75 -11.05
C ASP J 14 40.96 52.40 -12.37
N MET J 15 39.68 52.04 -12.27
CA MET J 15 38.86 51.65 -13.41
C MET J 15 38.05 52.86 -13.85
N LYS J 16 38.45 53.45 -14.96
CA LYS J 16 37.84 54.65 -15.51
C LYS J 16 36.79 54.30 -16.56
N PRO J 17 35.90 55.22 -16.90
CA PRO J 17 34.99 54.99 -18.02
C PRO J 17 35.74 54.58 -19.27
N GLY J 18 35.24 53.55 -19.93
CA GLY J 18 35.92 52.97 -21.07
C GLY J 18 36.76 51.76 -20.75
N SER J 19 36.97 51.45 -19.48
CA SER J 19 37.79 50.31 -19.10
C SER J 19 36.94 49.04 -19.01
N THR J 20 37.61 47.91 -19.17
CA THR J 20 36.96 46.61 -19.15
C THR J 20 37.64 45.74 -18.11
N LEU J 21 36.85 44.92 -17.42
CA LEU J 21 37.35 44.02 -16.39
C LEU J 21 36.94 42.61 -16.75
N LYS J 22 37.91 41.74 -17.01
CA LYS J 22 37.67 40.36 -17.39
C LYS J 22 37.88 39.47 -16.18
N ILE J 23 36.86 38.69 -15.83
CA ILE J 23 36.83 37.90 -14.61
C ILE J 23 36.70 36.43 -14.98
N THR J 24 37.61 35.61 -14.49
CA THR J 24 37.54 34.15 -14.65
C THR J 24 37.54 33.48 -13.28
N GLY J 25 36.77 32.40 -13.16
CA GLY J 25 36.69 31.65 -11.93
C GLY J 25 35.85 30.42 -12.13
N SER J 26 35.73 29.64 -11.07
CA SER J 26 34.97 28.40 -11.09
C SER J 26 33.78 28.52 -10.15
N ILE J 27 32.60 28.20 -10.66
CA ILE J 27 31.40 28.20 -9.83
C ILE J 27 31.32 26.87 -9.10
N ALA J 28 31.17 26.93 -7.78
CA ALA J 28 31.22 25.72 -6.97
C ALA J 28 30.00 24.83 -7.26
N ASP J 29 30.22 23.52 -7.15
CA ASP J 29 29.12 22.58 -7.17
C ASP J 29 28.25 22.78 -5.94
N GLY J 30 26.95 22.87 -6.15
CA GLY J 30 26.00 23.00 -5.06
C GLY J 30 25.73 24.40 -4.57
N THR J 31 26.14 25.43 -5.32
CA THR J 31 25.80 26.80 -4.96
C THR J 31 24.51 27.21 -5.65
N ASP J 32 23.69 27.98 -4.94
CA ASP J 32 22.47 28.53 -5.50
C ASP J 32 22.67 29.92 -6.09
N GLY J 33 23.85 30.49 -5.95
CA GLY J 33 24.13 31.79 -6.52
C GLY J 33 25.42 32.36 -5.97
N PHE J 34 25.83 33.48 -6.57
CA PHE J 34 27.02 34.20 -6.15
C PHE J 34 26.86 35.66 -6.56
N VAL J 35 27.83 36.48 -6.14
CA VAL J 35 27.73 37.93 -6.27
C VAL J 35 29.04 38.49 -6.79
N ILE J 36 28.95 39.40 -7.76
CA ILE J 36 30.08 40.21 -8.19
C ILE J 36 29.73 41.65 -7.88
N ASN J 37 30.51 42.27 -6.99
CA ASN J 37 30.28 43.65 -6.60
C ASN J 37 31.38 44.52 -7.19
N LEU J 38 30.97 45.65 -7.76
CA LEU J 38 31.89 46.56 -8.41
C LEU J 38 31.42 47.97 -8.10
N GLY J 39 32.33 48.80 -7.59
CA GLY J 39 31.94 50.15 -7.20
C GLY J 39 33.09 50.88 -6.56
N GLN J 40 32.73 51.79 -5.65
CA GLN J 40 33.71 52.64 -4.99
C GLN J 40 34.11 52.14 -3.61
N GLY J 41 33.34 51.22 -3.03
CA GLY J 41 33.62 50.77 -1.68
C GLY J 41 32.57 49.78 -1.23
N THR J 42 32.68 49.40 0.05
CA THR J 42 31.79 48.37 0.59
C THR J 42 30.33 48.84 0.61
N ASP J 43 30.11 50.15 0.76
CA ASP J 43 28.77 50.72 0.79
C ASP J 43 28.43 51.50 -0.47
N LYS J 44 29.34 51.54 -1.44
CA LYS J 44 29.18 52.32 -2.66
C LYS J 44 29.34 51.35 -3.81
N LEU J 45 28.24 50.70 -4.19
CA LEU J 45 28.24 49.66 -5.22
C LEU J 45 27.51 50.19 -6.45
N ASN J 46 28.28 50.54 -7.48
CA ASN J 46 27.67 50.93 -8.75
C ASN J 46 26.96 49.75 -9.40
N LEU J 47 27.57 48.56 -9.30
CA LEU J 47 27.03 47.34 -9.91
C LEU J 47 27.06 46.20 -8.93
N HIS J 48 25.89 45.69 -8.57
CA HIS J 48 25.72 44.46 -7.80
C HIS J 48 25.19 43.38 -8.74
N PHE J 49 26.03 42.41 -9.08
CA PHE J 49 25.75 41.41 -10.11
C PHE J 49 25.59 40.08 -9.40
N ASN J 50 24.37 39.55 -9.38
CA ASN J 50 24.00 38.44 -8.51
C ASN J 50 23.18 37.42 -9.27
N PRO J 51 23.84 36.51 -9.99
CA PRO J 51 23.12 35.35 -10.55
C PRO J 51 22.61 34.44 -9.45
N ARG J 52 21.33 34.11 -9.51
CA ARG J 52 20.70 33.23 -8.53
C ARG J 52 20.25 31.97 -9.26
N PHE J 53 21.05 30.90 -9.15
CA PHE J 53 20.73 29.65 -9.85
C PHE J 53 19.38 29.09 -9.42
N SER J 54 19.02 29.22 -8.14
CA SER J 54 17.73 28.69 -7.71
C SER J 54 16.57 29.47 -8.30
N GLU J 55 16.76 30.76 -8.55
CA GLU J 55 15.67 31.57 -9.06
C GLU J 55 15.75 31.73 -10.57
N SER J 56 16.73 31.06 -11.18
CA SER J 56 16.91 31.05 -12.62
C SER J 56 16.90 32.47 -13.19
N THR J 57 17.58 33.37 -12.50
CA THR J 57 17.61 34.77 -12.91
C THR J 57 18.88 35.42 -12.40
N ILE J 58 19.22 36.55 -13.02
CA ILE J 58 20.36 37.37 -12.63
C ILE J 58 19.85 38.72 -12.14
N VAL J 59 20.05 39.01 -10.87
CA VAL J 59 19.67 40.30 -10.30
C VAL J 59 20.85 41.27 -10.39
N CYS J 60 20.60 42.44 -10.95
CA CYS J 60 21.54 43.56 -10.91
C CYS J 60 20.90 44.70 -10.14
N ASN J 61 21.70 45.37 -9.31
CA ASN J 61 21.21 46.51 -8.55
C ASN J 61 22.41 47.39 -8.19
N SER J 62 22.12 48.51 -7.54
CA SER J 62 23.12 49.43 -7.04
C SER J 62 22.89 49.65 -5.56
N LEU J 63 23.95 50.07 -4.86
CA LEU J 63 23.89 50.31 -3.43
C LEU J 63 24.58 51.63 -3.14
N ASP J 64 23.84 52.55 -2.55
CA ASP J 64 24.32 53.88 -2.16
C ASP J 64 24.22 53.96 -0.64
N GLY J 65 25.35 53.77 0.05
CA GLY J 65 25.27 53.72 1.49
C GLY J 65 24.56 52.48 2.00
N SER J 66 23.41 52.63 2.66
CA SER J 66 22.62 51.50 3.14
C SER J 66 21.31 51.28 2.40
N ASN J 67 21.02 52.05 1.35
CA ASN J 67 19.75 51.98 0.63
C ASN J 67 20.00 51.35 -0.73
N TRP J 68 19.35 50.22 -0.98
CA TRP J 68 19.42 49.55 -2.28
C TRP J 68 18.55 50.27 -3.32
N GLY J 69 19.00 50.23 -4.57
CA GLY J 69 18.24 50.77 -5.69
C GLY J 69 17.10 49.86 -6.12
N GLN J 70 16.69 49.99 -7.38
CA GLN J 70 15.65 49.15 -7.95
C GLN J 70 16.28 47.96 -8.66
N GLU J 71 15.84 46.76 -8.30
CA GLU J 71 16.44 45.56 -8.85
C GLU J 71 16.10 45.39 -10.34
N GLN J 72 17.05 44.84 -11.08
CA GLN J 72 16.88 44.50 -12.49
C GLN J 72 17.16 43.03 -12.70
N ARG J 73 16.14 42.29 -13.13
CA ARG J 73 16.25 40.84 -13.29
C ARG J 73 16.46 40.52 -14.77
N GLU J 74 17.41 39.64 -15.05
CA GLU J 74 17.72 39.23 -16.42
C GLU J 74 17.60 37.71 -16.51
N ASP J 75 16.57 37.25 -17.21
CA ASP J 75 16.30 35.82 -17.37
C ASP J 75 17.22 35.17 -18.38
N HIS J 76 18.50 35.54 -18.39
CA HIS J 76 19.52 34.84 -19.17
C HIS J 76 20.57 34.28 -18.21
N LEU J 77 20.21 33.20 -17.53
CA LEU J 77 21.14 32.46 -16.69
C LEU J 77 21.32 31.15 -17.45
N CYS J 78 22.34 31.12 -18.31
CA CYS J 78 22.57 30.00 -19.23
C CYS J 78 23.93 29.39 -18.94
N PHE J 79 24.36 29.52 -17.71
CA PHE J 79 25.51 28.84 -17.18
C PHE J 79 25.07 28.16 -15.90
N SER J 80 25.90 27.22 -15.51
CA SER J 80 25.45 26.24 -14.51
C SER J 80 26.42 26.12 -13.32
N PRO J 81 25.92 25.64 -12.19
CA PRO J 81 26.87 25.32 -11.09
C PRO J 81 27.86 24.21 -11.49
N GLY J 82 29.03 24.24 -10.87
CA GLY J 82 30.06 23.32 -11.20
C GLY J 82 30.96 23.73 -12.37
N SER J 83 30.76 24.90 -12.93
CA SER J 83 31.42 25.26 -14.19
C SER J 83 32.57 26.24 -13.96
N GLU J 84 33.30 26.49 -15.05
CA GLU J 84 34.30 27.56 -15.11
C GLU J 84 33.89 28.52 -16.22
N VAL J 85 33.82 29.81 -15.88
CA VAL J 85 33.17 30.80 -16.72
C VAL J 85 34.05 32.05 -16.83
N LYS J 86 33.62 32.94 -17.72
CA LYS J 86 34.22 34.26 -17.88
C LYS J 86 33.12 35.30 -17.84
N PHE J 87 33.42 36.45 -17.22
CA PHE J 87 32.57 37.62 -17.29
C PHE J 87 33.41 38.80 -17.77
N THR J 88 32.82 39.62 -18.63
CA THR J 88 33.45 40.87 -19.05
C THR J 88 32.53 42.02 -18.71
N VAL J 89 32.97 42.88 -17.81
CA VAL J 89 32.23 44.08 -17.44
C VAL J 89 32.97 45.29 -18.00
N THR J 90 32.28 46.07 -18.82
CA THR J 90 32.81 47.31 -19.35
C THR J 90 32.10 48.47 -18.66
N PHE J 91 32.88 49.41 -18.13
CA PHE J 91 32.34 50.52 -17.35
C PHE J 91 32.26 51.74 -18.26
N GLU J 92 31.05 52.17 -18.55
CA GLU J 92 30.79 53.44 -19.21
C GLU J 92 30.16 54.40 -18.22
N SER J 93 30.27 55.69 -18.53
CA SER J 93 29.69 56.71 -17.67
C SER J 93 28.17 56.58 -17.62
N ASP J 94 27.59 55.99 -18.66
CA ASP J 94 26.13 55.85 -18.72
C ASP J 94 25.65 54.59 -18.03
N LYS J 95 26.33 53.47 -18.25
CA LYS J 95 25.81 52.17 -17.85
C LYS J 95 26.97 51.21 -17.64
N PHE J 96 26.64 49.97 -17.28
CA PHE J 96 27.56 48.85 -17.29
C PHE J 96 27.16 47.85 -18.37
N LYS J 97 28.15 47.20 -18.95
CA LYS J 97 27.94 46.17 -19.97
C LYS J 97 28.62 44.90 -19.51
N VAL J 98 27.82 43.89 -19.18
CA VAL J 98 28.33 42.61 -18.70
C VAL J 98 28.16 41.59 -19.82
N LYS J 99 29.27 41.09 -20.34
CA LYS J 99 29.24 39.96 -21.26
C LYS J 99 29.14 38.69 -20.44
N LEU J 100 28.14 37.88 -20.72
CA LEU J 100 28.06 36.59 -20.04
C LEU J 100 28.84 35.55 -20.82
N PRO J 101 29.18 34.42 -20.19
CA PRO J 101 30.00 33.42 -20.88
C PRO J 101 29.38 32.89 -22.17
N ASP J 102 28.07 33.03 -22.33
CA ASP J 102 27.37 32.55 -23.51
C ASP J 102 27.27 33.61 -24.60
N GLY J 103 27.91 34.76 -24.40
CA GLY J 103 27.91 35.83 -25.38
C GLY J 103 26.83 36.87 -25.20
N HIS J 104 25.80 36.58 -24.40
CA HIS J 104 24.76 37.54 -24.16
C HIS J 104 25.31 38.73 -23.38
N GLU J 105 24.71 39.90 -23.59
CA GLU J 105 25.18 41.14 -22.99
C GLU J 105 24.11 41.68 -22.05
N LEU J 106 24.43 41.75 -20.76
CA LEU J 106 23.62 42.52 -19.84
C LEU J 106 24.06 43.97 -19.86
N THR J 107 23.09 44.88 -19.89
CA THR J 107 23.35 46.29 -19.67
C THR J 107 22.62 46.73 -18.41
N PHE J 108 23.31 47.52 -17.58
CA PHE J 108 22.75 47.99 -16.33
C PHE J 108 23.14 49.45 -16.15
N PRO J 109 22.20 50.33 -15.81
CA PRO J 109 22.52 51.76 -15.70
C PRO J 109 23.46 52.04 -14.55
N ASN J 110 24.36 53.00 -14.77
CA ASN J 110 25.25 53.53 -13.74
C ASN J 110 24.54 54.69 -13.05
N ARG J 111 24.04 54.45 -11.84
CA ARG J 111 23.20 55.41 -11.13
C ARG J 111 23.98 56.31 -10.16
N LEU J 112 25.27 56.06 -9.96
CA LEU J 112 26.03 56.70 -8.89
C LEU J 112 27.18 57.55 -9.42
N GLY J 113 27.04 58.08 -10.63
CA GLY J 113 28.04 58.96 -11.18
C GLY J 113 29.11 58.20 -11.94
N HIS J 114 30.00 58.95 -12.59
CA HIS J 114 31.00 58.36 -13.45
C HIS J 114 32.41 58.50 -12.89
N SER J 115 32.55 58.58 -11.57
CA SER J 115 33.87 58.50 -10.96
C SER J 115 34.45 57.12 -11.21
N HIS J 116 35.78 57.03 -11.18
CA HIS J 116 36.46 55.77 -11.43
C HIS J 116 36.14 54.75 -10.34
N LEU J 117 36.12 53.48 -10.72
CA LEU J 117 35.79 52.38 -9.83
C LEU J 117 37.06 51.83 -9.18
N SER J 118 37.04 51.71 -7.86
CA SER J 118 38.21 51.27 -7.11
C SER J 118 38.01 49.97 -6.35
N TYR J 119 36.80 49.42 -6.30
CA TYR J 119 36.47 48.33 -5.39
C TYR J 119 35.79 47.20 -6.15
N LEU J 120 36.30 45.98 -5.96
CA LEU J 120 35.72 44.77 -6.51
C LEU J 120 35.70 43.72 -5.42
N SER J 121 34.55 43.06 -5.25
CA SER J 121 34.42 41.98 -4.27
C SER J 121 33.50 40.91 -4.84
N VAL J 122 33.76 39.66 -4.46
CA VAL J 122 32.93 38.54 -4.89
C VAL J 122 32.40 37.85 -3.63
N ARG J 123 31.19 37.31 -3.75
CA ARG J 123 30.52 36.64 -2.65
C ARG J 123 29.94 35.33 -3.15
N GLY J 124 29.50 34.50 -2.20
CA GLY J 124 28.90 33.24 -2.57
C GLY J 124 29.88 32.28 -3.24
N GLY J 125 29.31 31.35 -3.98
CA GLY J 125 30.06 30.25 -4.58
C GLY J 125 30.75 30.52 -5.89
N PHE J 126 31.60 31.54 -5.94
CA PHE J 126 32.42 31.82 -7.10
C PHE J 126 33.85 32.00 -6.62
N ASN J 127 34.76 31.20 -7.16
CA ASN J 127 36.16 31.26 -6.78
C ASN J 127 36.94 31.85 -7.95
N MET J 128 37.25 33.13 -7.84
CA MET J 128 37.95 33.85 -8.90
C MET J 128 39.37 33.35 -9.05
N SER J 129 39.74 32.99 -10.28
CA SER J 129 41.09 32.53 -10.55
C SER J 129 41.94 33.56 -11.29
N SER J 130 41.31 34.55 -11.93
CA SER J 130 42.05 35.59 -12.62
C SER J 130 41.16 36.81 -12.82
N PHE J 131 41.80 37.98 -12.91
CA PHE J 131 41.14 39.17 -13.42
C PHE J 131 42.14 39.94 -14.28
N LYS J 132 41.64 40.49 -15.38
CA LYS J 132 42.43 41.32 -16.29
C LYS J 132 41.73 42.66 -16.46
N LEU J 133 42.45 43.74 -16.24
CA LEU J 133 41.91 45.09 -16.33
C LEU J 133 42.56 45.79 -17.52
N LYS J 134 41.75 46.15 -18.50
CA LYS J 134 42.25 46.82 -19.70
C LYS J 134 41.61 48.19 -19.87
N MET K 4 -28.25 0.16 -5.90
CA MET K 4 -27.39 1.31 -5.63
C MET K 4 -26.10 1.27 -6.46
N THR K 5 -25.62 0.07 -6.79
CA THR K 5 -24.44 -0.01 -7.65
C THR K 5 -24.79 0.61 -9.00
N GLY K 6 -23.91 1.48 -9.50
CA GLY K 6 -24.20 2.21 -10.69
C GLY K 6 -25.07 3.44 -10.52
N GLU K 7 -25.66 3.64 -9.34
CA GLU K 7 -26.53 4.80 -9.11
C GLU K 7 -25.67 6.03 -8.86
N LEU K 8 -25.21 6.62 -9.96
CA LEU K 8 -24.24 7.70 -9.90
C LEU K 8 -24.79 8.91 -9.16
N GLU K 9 -23.92 9.54 -8.38
CA GLU K 9 -24.18 10.83 -7.76
C GLU K 9 -23.08 11.77 -8.19
N VAL K 10 -23.45 12.93 -8.73
CA VAL K 10 -22.51 13.96 -9.16
C VAL K 10 -22.79 15.22 -8.35
N LYS K 11 -21.77 15.73 -7.67
CA LYS K 11 -21.91 16.90 -6.81
C LYS K 11 -20.83 17.91 -7.14
N ASN K 12 -21.06 19.15 -6.68
CA ASN K 12 -20.18 20.30 -6.91
C ASN K 12 -20.14 20.71 -8.38
N MET K 13 -21.23 20.54 -9.10
CA MET K 13 -21.30 21.09 -10.45
C MET K 13 -21.46 22.62 -10.40
N ASP K 14 -21.30 23.23 -11.58
CA ASP K 14 -21.47 24.67 -11.76
C ASP K 14 -22.42 24.88 -12.94
N MET K 15 -23.69 24.53 -12.71
CA MET K 15 -24.76 24.66 -13.69
C MET K 15 -25.58 25.90 -13.36
N LYS K 16 -25.53 26.88 -14.24
CA LYS K 16 -26.23 28.14 -14.02
C LYS K 16 -27.26 28.35 -15.12
N PRO K 17 -28.14 29.34 -15.01
CA PRO K 17 -29.14 29.55 -16.07
C PRO K 17 -28.51 29.69 -17.45
N GLY K 18 -29.09 28.98 -18.42
CA GLY K 18 -28.57 28.95 -19.77
C GLY K 18 -27.66 27.79 -20.08
N SER K 19 -27.24 27.03 -19.07
CA SER K 19 -26.34 25.91 -19.27
C SER K 19 -27.12 24.62 -19.58
N THR K 20 -26.44 23.69 -20.22
CA THR K 20 -27.03 22.44 -20.65
C THR K 20 -26.28 21.25 -20.06
N LEU K 21 -27.02 20.20 -19.73
CA LEU K 21 -26.46 18.98 -19.15
C LEU K 21 -26.89 17.81 -20.03
N LYS K 22 -25.93 17.23 -20.75
CA LYS K 22 -26.17 16.08 -21.61
C LYS K 22 -25.86 14.81 -20.84
N ILE K 23 -26.77 13.83 -20.91
CA ILE K 23 -26.63 12.58 -20.16
C ILE K 23 -26.88 11.41 -21.11
N THR K 24 -25.93 10.47 -21.13
CA THR K 24 -26.07 9.22 -21.88
C THR K 24 -25.93 8.04 -20.93
N GLY K 25 -26.69 7.00 -21.21
CA GLY K 25 -26.64 5.78 -20.42
C GLY K 25 -27.51 4.72 -21.05
N SER K 26 -27.49 3.55 -20.43
CA SER K 26 -28.25 2.39 -20.91
C SER K 26 -29.29 2.01 -19.87
N ILE K 27 -30.52 1.82 -20.33
CA ILE K 27 -31.61 1.42 -19.45
C ILE K 27 -31.54 -0.08 -19.24
N ALA K 28 -31.59 -0.50 -17.97
CA ALA K 28 -31.43 -1.91 -17.65
C ALA K 28 -32.61 -2.72 -18.19
N ASP K 29 -32.33 -3.96 -18.60
CA ASP K 29 -33.37 -4.80 -19.17
C ASP K 29 -34.47 -5.07 -18.15
N GLY K 30 -35.72 -5.05 -18.62
CA GLY K 30 -36.83 -5.42 -17.78
C GLY K 30 -37.11 -4.50 -16.61
N THR K 31 -36.56 -3.29 -16.60
CA THR K 31 -36.88 -2.35 -15.54
C THR K 31 -38.11 -1.56 -15.93
N ASP K 32 -38.95 -1.25 -14.94
CA ASP K 32 -40.15 -0.45 -15.13
C ASP K 32 -39.93 1.04 -14.93
N GLY K 33 -38.70 1.48 -14.65
CA GLY K 33 -38.44 2.90 -14.57
C GLY K 33 -37.07 3.22 -14.00
N PHE K 34 -36.72 4.50 -14.09
CA PHE K 34 -35.49 5.06 -13.56
C PHE K 34 -35.71 6.54 -13.30
N VAL K 35 -34.73 7.18 -12.69
CA VAL K 35 -34.87 8.54 -12.16
C VAL K 35 -33.65 9.38 -12.53
N ILE K 36 -33.89 10.61 -13.00
CA ILE K 36 -32.86 11.63 -13.12
C ILE K 36 -33.23 12.82 -12.24
N ASN K 37 -32.41 13.07 -11.21
CA ASN K 37 -32.63 14.16 -10.27
C ASN K 37 -31.60 15.26 -10.45
N LEU K 38 -32.06 16.52 -10.40
CA LEU K 38 -31.19 17.68 -10.57
C LEU K 38 -31.60 18.77 -9.60
N GLY K 39 -30.62 19.29 -8.86
CA GLY K 39 -30.88 20.32 -7.87
C GLY K 39 -29.66 20.70 -7.06
N GLN K 40 -29.87 21.12 -5.82
CA GLN K 40 -28.78 21.53 -4.94
C GLN K 40 -28.38 20.46 -3.94
N GLY K 41 -29.17 19.40 -3.78
CA GLY K 41 -28.87 18.37 -2.80
C GLY K 41 -29.91 17.29 -2.81
N THR K 42 -29.75 16.34 -1.90
CA THR K 42 -30.59 15.15 -1.88
C THR K 42 -32.05 15.46 -1.57
N ASP K 43 -32.33 16.48 -0.76
CA ASP K 43 -33.70 16.80 -0.36
C ASP K 43 -34.22 18.06 -1.05
N LYS K 44 -33.44 18.65 -1.96
CA LYS K 44 -33.81 19.86 -2.70
C LYS K 44 -33.63 19.52 -4.17
N LEU K 45 -34.68 19.00 -4.79
CA LEU K 45 -34.65 18.53 -6.17
C LEU K 45 -35.45 19.49 -7.04
N ASN K 46 -34.75 20.30 -7.83
CA ASN K 46 -35.43 21.19 -8.77
C ASN K 46 -36.14 20.40 -9.87
N LEU K 47 -35.51 19.35 -10.36
CA LEU K 47 -36.06 18.53 -11.44
C LEU K 47 -35.93 17.06 -11.05
N HIS K 48 -37.06 16.39 -10.88
CA HIS K 48 -37.12 14.95 -10.66
C HIS K 48 -37.69 14.33 -11.93
N PHE K 49 -36.85 13.65 -12.68
CA PHE K 49 -37.18 13.16 -14.03
C PHE K 49 -37.25 11.64 -13.94
N ASN K 50 -38.45 11.10 -14.09
CA ASN K 50 -38.74 9.71 -13.73
C ASN K 50 -39.59 9.04 -14.82
N PRO K 51 -38.93 8.53 -15.86
CA PRO K 51 -39.66 7.69 -16.82
C PRO K 51 -40.12 6.39 -16.17
N ARG K 52 -41.38 6.04 -16.40
CA ARG K 52 -41.99 4.84 -15.83
C ARG K 52 -42.54 3.99 -16.97
N PHE K 53 -41.85 2.90 -17.29
CA PHE K 53 -42.31 2.01 -18.35
C PHE K 53 -43.58 1.28 -17.94
N SER K 54 -43.72 0.95 -16.66
CA SER K 54 -44.94 0.30 -16.20
C SER K 54 -46.15 1.21 -16.31
N GLU K 55 -45.96 2.52 -16.29
CA GLU K 55 -47.06 3.47 -16.42
C GLU K 55 -47.08 4.17 -17.78
N SER K 56 -46.17 3.82 -18.69
CA SER K 56 -46.12 4.39 -20.05
C SER K 56 -46.15 5.91 -20.05
N THR K 57 -45.41 6.51 -19.12
CA THR K 57 -45.38 7.97 -19.01
C THR K 57 -44.08 8.36 -18.32
N ILE K 58 -43.75 9.65 -18.43
CA ILE K 58 -42.60 10.23 -17.75
C ILE K 58 -43.12 11.20 -16.72
N VAL K 59 -42.86 10.90 -15.44
CA VAL K 59 -43.27 11.77 -14.34
C VAL K 59 -42.14 12.75 -14.03
N CYS K 60 -42.49 14.03 -13.99
CA CYS K 60 -41.60 15.08 -13.52
C CYS K 60 -42.17 15.72 -12.26
N ASN K 61 -41.29 16.02 -11.31
CA ASN K 61 -41.72 16.64 -10.06
C ASN K 61 -40.56 17.41 -9.45
N SER K 62 -40.84 18.08 -8.34
CA SER K 62 -39.85 18.79 -7.55
C SER K 62 -39.97 18.33 -6.10
N LEU K 63 -38.89 18.50 -5.34
CA LEU K 63 -38.86 18.09 -3.94
C LEU K 63 -38.23 19.21 -3.12
N ASP K 64 -38.97 19.73 -2.16
CA ASP K 64 -38.52 20.79 -1.26
C ASP K 64 -38.49 20.20 0.14
N GLY K 65 -37.30 19.82 0.60
CA GLY K 65 -37.20 19.17 1.88
C GLY K 65 -37.84 17.80 1.82
N SER K 66 -38.95 17.64 2.55
CA SER K 66 -39.75 16.43 2.52
C SER K 66 -41.07 16.62 1.78
N ASN K 67 -41.25 17.76 1.10
CA ASN K 67 -42.50 18.09 0.41
C ASN K 67 -42.32 17.86 -1.08
N TRP K 68 -43.02 16.88 -1.62
CA TRP K 68 -43.09 16.71 -3.06
C TRP K 68 -44.07 17.71 -3.66
N GLY K 69 -43.76 18.18 -4.85
CA GLY K 69 -44.66 19.05 -5.59
C GLY K 69 -45.78 18.24 -6.24
N GLN K 70 -46.45 18.89 -7.18
CA GLN K 70 -47.48 18.24 -7.98
C GLN K 70 -46.80 17.53 -9.14
N GLU K 71 -47.02 16.22 -9.27
CA GLU K 71 -46.52 15.53 -10.45
C GLU K 71 -47.10 16.16 -11.71
N GLN K 72 -46.26 16.22 -12.74
CA GLN K 72 -46.66 16.65 -14.06
C GLN K 72 -46.27 15.51 -14.99
N ARG K 73 -47.27 14.86 -15.58
CA ARG K 73 -47.02 13.67 -16.38
C ARG K 73 -47.03 13.99 -17.87
N GLU K 74 -46.06 13.41 -18.58
CA GLU K 74 -45.92 13.60 -20.02
C GLU K 74 -46.05 12.23 -20.67
N ASP K 75 -47.06 12.06 -21.51
CA ASP K 75 -47.28 10.77 -22.17
C ASP K 75 -46.43 10.60 -23.40
N HIS K 76 -45.22 11.16 -23.42
CA HIS K 76 -44.30 10.95 -24.53
C HIS K 76 -43.12 10.13 -24.00
N LEU K 77 -43.38 8.86 -23.75
CA LEU K 77 -42.38 7.88 -23.31
C LEU K 77 -42.21 6.91 -24.47
N CYS K 78 -41.21 7.16 -25.32
CA CYS K 78 -41.04 6.42 -26.56
C CYS K 78 -39.70 5.68 -26.65
N PHE K 79 -39.13 5.32 -25.50
CA PHE K 79 -37.95 4.45 -25.46
C PHE K 79 -38.21 3.32 -24.48
N SER K 80 -37.42 2.27 -24.60
CA SER K 80 -37.66 1.00 -23.92
C SER K 80 -36.41 0.55 -23.16
N PRO K 81 -36.59 -0.33 -22.17
CA PRO K 81 -35.42 -0.89 -21.47
C PRO K 81 -34.49 -1.67 -22.40
N GLY K 82 -33.21 -1.71 -22.01
CA GLY K 82 -32.16 -2.34 -22.78
C GLY K 82 -31.41 -1.42 -23.72
N SER K 83 -32.04 -0.35 -24.20
CA SER K 83 -31.42 0.51 -25.18
C SER K 83 -30.46 1.50 -24.53
N GLU K 84 -29.84 2.33 -25.36
CA GLU K 84 -28.96 3.41 -24.91
C GLU K 84 -29.61 4.73 -25.31
N VAL K 85 -29.93 5.56 -24.32
CA VAL K 85 -30.69 6.78 -24.55
C VAL K 85 -29.84 7.99 -24.21
N LYS K 86 -30.14 9.11 -24.85
CA LYS K 86 -29.52 10.39 -24.59
C LYS K 86 -30.57 11.37 -24.13
N PHE K 87 -30.24 12.15 -23.10
CA PHE K 87 -31.09 13.23 -22.64
C PHE K 87 -30.27 14.51 -22.57
N THR K 88 -30.88 15.62 -22.97
CA THR K 88 -30.29 16.94 -22.81
C THR K 88 -31.22 17.77 -21.95
N VAL K 89 -30.72 18.19 -20.79
CA VAL K 89 -31.49 19.03 -19.87
C VAL K 89 -30.91 20.44 -19.95
N THR K 90 -31.75 21.40 -20.31
CA THR K 90 -31.37 22.80 -20.35
C THR K 90 -31.99 23.51 -19.17
N PHE K 91 -31.17 24.24 -18.42
CA PHE K 91 -31.61 24.91 -17.20
C PHE K 91 -31.82 26.38 -17.51
N GLU K 92 -33.07 26.82 -17.47
CA GLU K 92 -33.43 28.21 -17.50
C GLU K 92 -34.00 28.61 -16.14
N SER K 93 -33.98 29.92 -15.85
CA SER K 93 -34.50 30.37 -14.56
C SER K 93 -35.99 30.11 -14.43
N ASP K 94 -36.73 30.19 -15.53
CA ASP K 94 -38.17 29.89 -15.48
C ASP K 94 -38.44 28.40 -15.41
N LYS K 95 -37.66 27.60 -16.15
CA LYS K 95 -38.12 26.29 -16.57
C LYS K 95 -36.95 25.35 -16.74
N PHE K 96 -37.27 24.07 -16.89
CA PHE K 96 -36.35 23.06 -17.38
C PHE K 96 -36.82 22.57 -18.74
N LYS K 97 -35.89 22.42 -19.67
CA LYS K 97 -36.16 21.84 -20.97
C LYS K 97 -35.41 20.52 -21.08
N VAL K 98 -36.14 19.44 -21.39
CA VAL K 98 -35.55 18.12 -21.53
C VAL K 98 -35.81 17.64 -22.95
N LYS K 99 -34.75 17.58 -23.76
CA LYS K 99 -34.85 16.98 -25.08
C LYS K 99 -34.75 15.47 -24.95
N LEU K 100 -35.79 14.77 -25.41
CA LEU K 100 -35.86 13.33 -25.31
C LEU K 100 -35.07 12.68 -26.44
N PRO K 101 -34.79 11.37 -26.35
CA PRO K 101 -33.93 10.74 -27.37
C PRO K 101 -34.41 10.90 -28.80
N ASP K 102 -35.71 11.10 -29.03
CA ASP K 102 -36.21 11.29 -30.39
C ASP K 102 -36.32 12.75 -30.80
N GLY K 103 -35.82 13.68 -29.97
CA GLY K 103 -35.87 15.09 -30.27
C GLY K 103 -37.02 15.84 -29.62
N HIS K 104 -38.01 15.12 -29.09
CA HIS K 104 -39.12 15.76 -28.41
C HIS K 104 -38.63 16.48 -27.15
N GLU K 105 -39.14 17.70 -26.96
CA GLU K 105 -38.77 18.53 -25.81
C GLU K 105 -39.97 18.70 -24.90
N LEU K 106 -39.77 18.45 -23.61
CA LEU K 106 -40.76 18.74 -22.60
C LEU K 106 -40.22 19.81 -21.65
N THR K 107 -41.13 20.54 -21.02
CA THR K 107 -40.78 21.62 -20.12
C THR K 107 -41.40 21.38 -18.75
N PHE K 108 -40.64 21.69 -17.71
CA PHE K 108 -41.08 21.54 -16.34
C PHE K 108 -40.63 22.81 -15.61
N PRO K 109 -41.53 23.47 -14.89
CA PRO K 109 -41.17 24.74 -14.25
C PRO K 109 -40.17 24.55 -13.13
N ASN K 110 -39.32 25.56 -12.97
CA ASN K 110 -38.40 25.62 -11.84
C ASN K 110 -39.14 26.28 -10.68
N ARG K 111 -39.58 25.46 -9.74
CA ARG K 111 -40.38 25.92 -8.61
C ARG K 111 -39.55 26.27 -7.40
N LEU K 112 -38.24 26.01 -7.45
CA LEU K 112 -37.37 26.06 -6.27
C LEU K 112 -36.26 27.10 -6.42
N GLY K 113 -36.51 28.17 -7.16
CA GLY K 113 -35.60 29.30 -7.26
C GLY K 113 -34.60 29.19 -8.39
N HIS K 114 -34.18 30.37 -8.87
CA HIS K 114 -33.25 30.55 -10.00
C HIS K 114 -31.98 29.72 -9.80
N SER K 115 -30.86 30.40 -9.59
CA SER K 115 -29.80 29.97 -8.69
C SER K 115 -29.03 28.74 -9.16
N HIS K 116 -27.71 28.89 -9.14
CA HIS K 116 -26.75 27.83 -9.39
C HIS K 116 -27.21 26.47 -8.89
N LEU K 117 -27.18 25.48 -9.77
CA LEU K 117 -27.49 24.08 -9.49
C LEU K 117 -26.19 23.30 -9.33
N SER K 118 -26.10 22.48 -8.28
CA SER K 118 -24.87 21.74 -7.99
C SER K 118 -24.99 20.22 -7.96
N TYR K 119 -26.18 19.64 -8.06
CA TYR K 119 -26.36 18.22 -7.69
C TYR K 119 -27.09 17.43 -8.77
N LEU K 120 -26.54 16.27 -9.11
CA LEU K 120 -27.14 15.31 -10.04
C LEU K 120 -27.03 13.91 -9.45
N SER K 121 -28.12 13.13 -9.52
CA SER K 121 -28.11 11.75 -9.04
C SER K 121 -28.92 10.89 -10.00
N VAL K 122 -28.51 9.63 -10.14
CA VAL K 122 -29.17 8.68 -11.02
C VAL K 122 -29.65 7.50 -10.19
N ARG K 123 -30.85 7.02 -10.48
CA ARG K 123 -31.45 5.94 -9.71
C ARG K 123 -32.28 5.03 -10.60
N GLY K 124 -32.51 3.82 -10.11
CA GLY K 124 -33.28 2.85 -10.84
C GLY K 124 -32.45 2.19 -11.93
N GLY K 125 -33.17 1.66 -12.92
CA GLY K 125 -32.55 0.89 -13.97
C GLY K 125 -31.95 1.74 -15.07
N PHE K 126 -31.05 2.64 -14.69
CA PHE K 126 -30.31 3.47 -15.63
C PHE K 126 -28.83 3.44 -15.25
N ASN K 127 -27.98 3.05 -16.19
CA ASN K 127 -26.54 3.02 -15.97
C ASN K 127 -25.91 4.14 -16.80
N MET K 128 -25.65 5.28 -16.16
CA MET K 128 -25.10 6.42 -16.87
C MET K 128 -23.64 6.16 -17.26
N SER K 129 -23.36 6.34 -18.55
CA SER K 129 -22.02 6.13 -19.10
C SER K 129 -21.30 7.43 -19.43
N SER K 130 -22.03 8.54 -19.59
CA SER K 130 -21.38 9.80 -19.89
C SER K 130 -22.29 10.96 -19.51
N PHE K 131 -21.66 12.09 -19.17
CA PHE K 131 -22.34 13.37 -19.05
C PHE K 131 -21.42 14.49 -19.53
N LYS K 132 -22.03 15.58 -19.98
CA LYS K 132 -21.30 16.76 -20.42
C LYS K 132 -22.04 18.01 -19.97
N LEU K 133 -21.29 18.95 -19.40
CA LEU K 133 -21.83 20.21 -18.90
C LEU K 133 -21.36 21.33 -19.81
N LYS K 134 -22.29 22.16 -20.26
CA LYS K 134 -21.95 23.28 -21.14
C LYS K 134 -22.63 24.57 -20.69
N MET L 4 -48.34 -55.89 4.70
CA MET L 4 -47.73 -54.57 4.70
C MET L 4 -46.43 -54.60 3.89
N THR L 5 -45.80 -55.77 3.85
CA THR L 5 -44.62 -55.95 3.01
C THR L 5 -45.00 -55.82 1.53
N GLY L 6 -44.20 -55.06 0.78
CA GLY L 6 -44.50 -54.76 -0.60
C GLY L 6 -45.47 -53.61 -0.81
N GLU L 7 -46.13 -53.16 0.24
CA GLU L 7 -47.06 -52.02 0.17
C GLU L 7 -46.23 -50.74 0.31
N LEU L 8 -45.68 -50.30 -0.82
CA LEU L 8 -44.71 -49.22 -0.85
C LEU L 8 -45.29 -47.94 -0.25
N GLU L 9 -44.46 -47.23 0.51
CA GLU L 9 -44.78 -45.89 0.98
C GLU L 9 -43.68 -44.94 0.56
N VAL L 10 -44.06 -43.82 -0.04
CA VAL L 10 -43.12 -42.78 -0.43
C VAL L 10 -43.52 -41.51 0.32
N LYS L 11 -42.59 -40.97 1.09
CA LYS L 11 -42.88 -39.84 1.98
C LYS L 11 -41.92 -38.70 1.69
N ASN L 12 -42.47 -37.48 1.58
CA ASN L 12 -41.70 -36.24 1.39
C ASN L 12 -41.23 -36.08 -0.07
N MET L 13 -42.08 -36.49 -1.01
CA MET L 13 -41.87 -36.11 -2.39
C MET L 13 -42.15 -34.62 -2.55
N ASP L 14 -41.83 -34.07 -3.72
CA ASP L 14 -42.15 -32.68 -4.02
C ASP L 14 -42.82 -32.64 -5.39
N MET L 15 -44.09 -33.05 -5.43
CA MET L 15 -44.90 -33.00 -6.63
C MET L 15 -45.74 -31.72 -6.56
N LYS L 16 -45.49 -30.81 -7.49
CA LYS L 16 -46.11 -29.49 -7.50
C LYS L 16 -47.13 -29.39 -8.62
N PRO L 17 -48.04 -28.41 -8.57
CA PRO L 17 -49.09 -28.31 -9.59
C PRO L 17 -48.49 -28.16 -10.99
N GLY L 18 -49.03 -28.91 -11.93
CA GLY L 18 -48.51 -28.95 -13.28
C GLY L 18 -47.55 -30.09 -13.54
N SER L 19 -47.14 -30.81 -12.50
CA SER L 19 -46.20 -31.92 -12.61
C SER L 19 -46.93 -33.22 -12.89
N THR L 20 -46.20 -34.17 -13.44
CA THR L 20 -46.73 -35.47 -13.85
C THR L 20 -46.00 -36.59 -13.14
N LEU L 21 -46.74 -37.63 -12.74
CA LEU L 21 -46.20 -38.78 -12.04
C LEU L 21 -46.58 -40.05 -12.79
N LYS L 22 -45.57 -40.80 -13.23
CA LYS L 22 -45.75 -42.00 -14.04
C LYS L 22 -45.46 -43.23 -13.18
N ILE L 23 -46.42 -44.13 -13.09
CA ILE L 23 -46.38 -45.27 -12.17
C ILE L 23 -46.35 -46.55 -12.98
N THR L 24 -45.39 -47.42 -12.70
CA THR L 24 -45.35 -48.76 -13.29
C THR L 24 -45.33 -49.80 -12.19
N GLY L 25 -46.03 -50.90 -12.43
CA GLY L 25 -46.09 -51.99 -11.47
C GLY L 25 -46.86 -53.15 -12.06
N SER L 26 -46.93 -54.23 -11.28
CA SER L 26 -47.60 -55.45 -11.70
C SER L 26 -48.80 -55.70 -10.81
N ILE L 27 -49.95 -55.98 -11.43
CA ILE L 27 -51.17 -56.28 -10.68
C ILE L 27 -51.14 -57.74 -10.27
N ALA L 28 -51.35 -57.99 -8.96
CA ALA L 28 -51.34 -59.35 -8.46
C ALA L 28 -52.41 -60.18 -9.15
N ASP L 29 -52.16 -61.48 -9.30
CA ASP L 29 -53.06 -62.30 -10.08
C ASP L 29 -54.28 -62.73 -9.28
N GLY L 30 -55.44 -62.62 -9.92
CA GLY L 30 -56.67 -62.94 -9.23
C GLY L 30 -57.09 -61.92 -8.20
N THR L 31 -56.54 -60.72 -8.24
CA THR L 31 -56.91 -59.69 -7.27
C THR L 31 -58.15 -58.97 -7.73
N ASP L 32 -58.95 -58.53 -6.76
CA ASP L 32 -60.17 -57.81 -7.08
C ASP L 32 -59.93 -56.31 -7.22
N GLY L 33 -58.74 -55.85 -6.91
CA GLY L 33 -58.44 -54.43 -7.02
C GLY L 33 -57.18 -54.09 -6.28
N PHE L 34 -56.78 -52.83 -6.44
CA PHE L 34 -55.62 -52.29 -5.76
C PHE L 34 -55.84 -50.79 -5.60
N VAL L 35 -54.92 -50.15 -4.88
CA VAL L 35 -55.08 -48.76 -4.49
C VAL L 35 -53.77 -48.02 -4.74
N ILE L 36 -53.85 -46.87 -5.38
CA ILE L 36 -52.76 -45.91 -5.45
C ILE L 36 -53.26 -44.64 -4.77
N ASN L 37 -52.63 -44.29 -3.66
CA ASN L 37 -52.99 -43.12 -2.89
C ASN L 37 -51.96 -42.03 -3.11
N LEU L 38 -52.43 -40.81 -3.29
CA LEU L 38 -51.55 -39.70 -3.57
C LEU L 38 -52.04 -38.52 -2.74
N GLY L 39 -51.17 -37.93 -1.95
CA GLY L 39 -51.60 -36.88 -1.06
C GLY L 39 -50.53 -36.36 -0.12
N GLN L 40 -50.94 -35.91 1.07
CA GLN L 40 -50.03 -35.29 2.00
C GLN L 40 -49.54 -36.23 3.11
N GLY L 41 -50.24 -37.34 3.33
CA GLY L 41 -49.90 -38.22 4.43
C GLY L 41 -50.91 -39.34 4.54
N THR L 42 -50.78 -40.10 5.63
CA THR L 42 -51.65 -41.26 5.83
C THR L 42 -53.11 -40.84 5.96
N ASP L 43 -53.37 -39.63 6.46
CA ASP L 43 -54.72 -39.14 6.70
C ASP L 43 -55.18 -38.11 5.67
N LYS L 44 -54.35 -37.77 4.69
CA LYS L 44 -54.68 -36.72 3.73
C LYS L 44 -54.46 -37.23 2.31
N LEU L 45 -55.49 -37.80 1.70
CA LEU L 45 -55.39 -38.38 0.36
C LEU L 45 -56.14 -37.47 -0.60
N ASN L 46 -55.39 -36.69 -1.40
CA ASN L 46 -56.01 -35.88 -2.42
C ASN L 46 -56.63 -36.75 -3.51
N LEU L 47 -55.95 -37.84 -3.87
CA LEU L 47 -56.41 -38.76 -4.89
C LEU L 47 -56.29 -40.17 -4.33
N HIS L 48 -57.42 -40.84 -4.15
CA HIS L 48 -57.46 -42.25 -3.80
C HIS L 48 -57.93 -43.00 -5.03
N PHE L 49 -57.01 -43.71 -5.68
CA PHE L 49 -57.23 -44.29 -7.00
C PHE L 49 -57.29 -45.80 -6.82
N ASN L 50 -58.46 -46.38 -7.02
CA ASN L 50 -58.74 -47.75 -6.61
C ASN L 50 -59.52 -48.46 -7.71
N PRO L 51 -58.80 -49.03 -8.69
CA PRO L 51 -59.49 -49.91 -9.64
C PRO L 51 -60.02 -51.14 -8.93
N ARG L 52 -61.26 -51.51 -9.24
CA ARG L 52 -61.93 -52.64 -8.60
C ARG L 52 -62.34 -53.63 -9.68
N PHE L 53 -61.52 -54.68 -9.85
CA PHE L 53 -61.81 -55.69 -10.86
C PHE L 53 -63.08 -56.46 -10.52
N SER L 54 -63.35 -56.67 -9.22
CA SER L 54 -64.55 -57.38 -8.82
C SER L 54 -65.81 -56.62 -9.17
N GLU L 55 -65.74 -55.30 -9.26
CA GLU L 55 -66.89 -54.46 -9.58
C GLU L 55 -66.84 -53.86 -10.98
N SER L 56 -65.82 -54.17 -11.78
CA SER L 56 -65.69 -53.61 -13.13
C SER L 56 -65.78 -52.09 -13.11
N THR L 57 -65.12 -51.47 -12.12
CA THR L 57 -65.17 -50.03 -11.97
C THR L 57 -63.91 -49.55 -11.27
N ILE L 58 -63.63 -48.25 -11.43
CA ILE L 58 -62.53 -47.59 -10.75
C ILE L 58 -63.12 -46.54 -9.83
N VAL L 59 -62.93 -46.72 -8.52
CA VAL L 59 -63.40 -45.75 -7.54
C VAL L 59 -62.30 -44.74 -7.27
N CYS L 60 -62.62 -43.46 -7.38
CA CYS L 60 -61.75 -42.38 -6.94
C CYS L 60 -62.43 -41.62 -5.81
N ASN L 61 -61.65 -41.25 -4.81
CA ASN L 61 -62.18 -40.53 -3.66
C ASN L 61 -61.07 -39.71 -3.02
N SER L 62 -61.44 -38.94 -2.00
CA SER L 62 -60.49 -38.18 -1.20
C SER L 62 -60.70 -38.51 0.26
N LEU L 63 -59.65 -38.33 1.05
CA LEU L 63 -59.69 -38.62 2.48
C LEU L 63 -59.04 -37.47 3.24
N ASP L 64 -59.83 -36.84 4.11
CA ASP L 64 -59.36 -35.76 4.97
C ASP L 64 -59.53 -36.23 6.41
N GLY L 65 -58.44 -36.67 7.03
CA GLY L 65 -58.55 -37.24 8.36
C GLY L 65 -59.25 -38.58 8.32
N SER L 66 -60.42 -38.66 8.93
CA SER L 66 -61.23 -39.87 8.91
C SER L 66 -62.47 -39.75 8.02
N ASN L 67 -62.64 -38.65 7.30
CA ASN L 67 -63.83 -38.40 6.51
C ASN L 67 -63.52 -38.55 5.01
N TRP L 68 -64.10 -39.58 4.41
CA TRP L 68 -64.03 -39.80 2.97
C TRP L 68 -65.02 -38.90 2.23
N GLY L 69 -64.62 -38.45 1.04
CA GLY L 69 -65.51 -37.68 0.19
C GLY L 69 -66.51 -38.58 -0.53
N GLN L 70 -67.20 -37.99 -1.50
CA GLN L 70 -68.12 -38.75 -2.33
C GLN L 70 -67.34 -39.51 -3.39
N GLU L 71 -67.55 -40.83 -3.42
CA GLU L 71 -66.86 -41.67 -4.39
C GLU L 71 -67.21 -41.29 -5.83
N GLN L 72 -66.23 -41.49 -6.71
CA GLN L 72 -66.36 -41.30 -8.16
C GLN L 72 -66.09 -42.60 -8.88
N ARG L 73 -67.07 -43.07 -9.65
CA ARG L 73 -66.96 -44.35 -10.32
C ARG L 73 -66.51 -44.13 -11.76
N GLU L 74 -65.59 -44.97 -12.22
CA GLU L 74 -65.04 -44.86 -13.57
C GLU L 74 -65.35 -46.14 -14.32
N ASP L 75 -66.19 -46.01 -15.35
CA ASP L 75 -66.65 -47.13 -16.14
C ASP L 75 -65.53 -47.71 -17.00
N HIS L 76 -64.53 -46.91 -17.34
CA HIS L 76 -63.53 -47.29 -18.34
C HIS L 76 -62.41 -48.08 -17.67
N LEU L 77 -62.70 -49.34 -17.39
CA LEU L 77 -61.74 -50.28 -16.80
C LEU L 77 -61.36 -51.32 -17.84
N CYS L 78 -60.25 -51.09 -18.55
CA CYS L 78 -59.79 -51.92 -19.65
C CYS L 78 -58.40 -52.49 -19.42
N PHE L 79 -57.99 -52.68 -18.17
CA PHE L 79 -56.76 -53.39 -17.90
C PHE L 79 -57.04 -54.56 -16.96
N SER L 80 -56.13 -55.53 -16.96
CA SER L 80 -56.42 -56.79 -16.32
C SER L 80 -55.32 -57.14 -15.32
N PRO L 81 -55.64 -57.97 -14.33
CA PRO L 81 -54.59 -58.45 -13.43
C PRO L 81 -53.55 -59.25 -14.17
N GLY L 82 -52.33 -59.25 -13.63
CA GLY L 82 -51.18 -59.92 -14.22
C GLY L 82 -50.42 -59.05 -15.17
N SER L 83 -51.13 -58.22 -15.92
CA SER L 83 -50.47 -57.23 -16.75
C SER L 83 -49.69 -56.26 -15.86
N GLU L 84 -48.44 -56.02 -16.23
CA GLU L 84 -47.77 -54.84 -15.71
C GLU L 84 -48.40 -53.62 -16.35
N VAL L 85 -48.74 -52.63 -15.54
CA VAL L 85 -49.52 -51.49 -16.02
C VAL L 85 -48.77 -50.20 -15.75
N LYS L 86 -49.12 -49.19 -16.54
CA LYS L 86 -48.53 -47.87 -16.41
C LYS L 86 -49.66 -46.85 -16.28
N PHE L 87 -49.55 -46.00 -15.25
CA PHE L 87 -50.51 -44.92 -15.03
C PHE L 87 -49.78 -43.59 -15.06
N THR L 88 -50.44 -42.59 -15.61
CA THR L 88 -49.93 -41.21 -15.64
C THR L 88 -50.91 -40.31 -14.88
N VAL L 89 -50.43 -39.74 -13.79
CA VAL L 89 -51.23 -38.80 -12.99
C VAL L 89 -50.63 -37.41 -13.19
N THR L 90 -51.45 -36.48 -13.67
CA THR L 90 -51.05 -35.08 -13.79
C THR L 90 -51.78 -34.28 -12.71
N PHE L 91 -51.01 -33.52 -11.93
CA PHE L 91 -51.52 -32.80 -10.77
C PHE L 91 -51.70 -31.32 -11.10
N GLU L 92 -52.95 -30.88 -11.11
CA GLU L 92 -53.29 -29.46 -11.14
C GLU L 92 -53.89 -29.04 -9.81
N SER L 93 -53.82 -27.74 -9.52
CA SER L 93 -54.41 -27.20 -8.30
C SER L 93 -55.93 -27.30 -8.31
N ASP L 94 -56.53 -27.64 -9.46
CA ASP L 94 -57.96 -27.80 -9.61
C ASP L 94 -58.39 -29.26 -9.64
N LYS L 95 -57.71 -30.09 -10.43
CA LYS L 95 -58.12 -31.48 -10.56
C LYS L 95 -56.91 -32.35 -10.86
N PHE L 96 -57.13 -33.66 -10.78
CA PHE L 96 -56.17 -34.66 -11.20
C PHE L 96 -56.60 -35.22 -12.55
N LYS L 97 -55.62 -35.55 -13.39
CA LYS L 97 -55.89 -36.28 -14.62
C LYS L 97 -55.10 -37.58 -14.59
N VAL L 98 -55.81 -38.69 -14.64
CA VAL L 98 -55.22 -40.02 -14.56
C VAL L 98 -55.36 -40.67 -15.94
N LYS L 99 -54.25 -40.84 -16.63
CA LYS L 99 -54.26 -41.53 -17.92
C LYS L 99 -54.09 -43.02 -17.70
N LEU L 100 -54.94 -43.81 -18.34
CA LEU L 100 -55.02 -45.25 -18.13
C LEU L 100 -54.07 -45.98 -19.06
N PRO L 101 -53.80 -47.26 -18.80
CA PRO L 101 -52.87 -48.01 -19.67
C PRO L 101 -53.27 -48.02 -21.13
N ASP L 102 -54.56 -47.83 -21.45
CA ASP L 102 -54.97 -47.80 -22.84
C ASP L 102 -54.97 -46.38 -23.39
N GLY L 103 -54.52 -45.40 -22.62
CA GLY L 103 -54.51 -44.03 -23.08
C GLY L 103 -55.71 -43.21 -22.64
N HIS L 104 -56.75 -43.82 -22.09
CA HIS L 104 -57.92 -43.08 -21.64
C HIS L 104 -57.57 -42.08 -20.55
N GLU L 105 -58.25 -40.93 -20.60
CA GLU L 105 -58.05 -39.84 -19.66
C GLU L 105 -59.27 -39.75 -18.76
N LEU L 106 -59.03 -39.74 -17.45
CA LEU L 106 -60.11 -39.56 -16.48
C LEU L 106 -59.73 -38.46 -15.50
N THR L 107 -60.75 -37.73 -15.05
CA THR L 107 -60.57 -36.54 -14.23
C THR L 107 -61.23 -36.73 -12.87
N PHE L 108 -60.55 -36.26 -11.82
CA PHE L 108 -61.05 -36.33 -10.45
C PHE L 108 -60.72 -34.99 -9.81
N PRO L 109 -61.70 -34.34 -9.17
CA PRO L 109 -61.45 -33.02 -8.60
C PRO L 109 -60.51 -33.09 -7.41
N ASN L 110 -59.65 -32.07 -7.31
CA ASN L 110 -58.79 -31.88 -6.13
C ASN L 110 -59.56 -31.02 -5.13
N ARG L 111 -60.08 -31.67 -4.09
CA ARG L 111 -60.97 -31.04 -3.13
C ARG L 111 -60.25 -30.47 -1.92
N LEU L 112 -58.95 -30.68 -1.79
CA LEU L 112 -58.23 -30.45 -0.55
C LEU L 112 -57.13 -29.38 -0.67
N GLY L 113 -57.31 -28.42 -1.57
CA GLY L 113 -56.35 -27.33 -1.67
C GLY L 113 -55.21 -27.66 -2.61
N HIS L 114 -54.30 -26.69 -2.76
CA HIS L 114 -53.30 -26.76 -3.81
C HIS L 114 -51.88 -26.98 -3.30
N SER L 115 -51.70 -27.30 -2.01
CA SER L 115 -50.36 -27.54 -1.49
C SER L 115 -49.71 -28.73 -2.19
N HIS L 116 -48.38 -28.77 -2.14
CA HIS L 116 -47.64 -29.79 -2.88
C HIS L 116 -47.99 -31.17 -2.36
N LEU L 117 -47.84 -32.16 -3.23
CA LEU L 117 -48.09 -33.55 -2.87
C LEU L 117 -46.77 -34.19 -2.49
N SER L 118 -46.71 -34.79 -1.31
CA SER L 118 -45.48 -35.38 -0.79
C SER L 118 -45.57 -36.86 -0.53
N TYR L 119 -46.74 -37.48 -0.66
CA TYR L 119 -46.96 -38.82 -0.15
C TYR L 119 -47.61 -39.69 -1.22
N LEU L 120 -47.03 -40.87 -1.44
CA LEU L 120 -47.58 -41.87 -2.35
C LEU L 120 -47.52 -43.23 -1.66
N SER L 121 -48.63 -43.96 -1.72
CA SER L 121 -48.72 -45.28 -1.12
C SER L 121 -49.55 -46.20 -1.99
N VAL L 122 -49.26 -47.50 -1.91
CA VAL L 122 -50.00 -48.52 -2.63
C VAL L 122 -50.57 -49.52 -1.63
N ARG L 123 -51.79 -49.95 -1.88
CA ARG L 123 -52.46 -50.98 -1.09
C ARG L 123 -52.95 -52.08 -2.04
N GLY L 124 -53.18 -53.26 -1.47
CA GLY L 124 -53.77 -54.33 -2.25
C GLY L 124 -52.78 -54.98 -3.20
N GLY L 125 -53.34 -55.61 -4.23
CA GLY L 125 -52.58 -56.42 -5.16
C GLY L 125 -51.90 -55.63 -6.26
N PHE L 126 -51.07 -54.66 -5.88
CA PHE L 126 -50.27 -53.89 -6.82
C PHE L 126 -48.84 -53.83 -6.31
N ASN L 127 -47.89 -54.27 -7.12
CA ASN L 127 -46.47 -54.20 -6.79
C ASN L 127 -45.83 -53.15 -7.67
N MET L 128 -45.68 -51.94 -7.12
CA MET L 128 -45.11 -50.84 -7.89
C MET L 128 -43.64 -51.09 -8.14
N SER L 129 -43.24 -51.03 -9.41
CA SER L 129 -41.86 -51.28 -9.80
C SER L 129 -41.11 -50.03 -10.22
N SER L 130 -41.80 -48.94 -10.56
CA SER L 130 -41.14 -47.71 -10.93
C SER L 130 -42.08 -46.53 -10.78
N PHE L 131 -41.52 -45.37 -10.43
CA PHE L 131 -42.26 -44.13 -10.67
C PHE L 131 -41.28 -43.03 -11.03
N LYS L 132 -41.69 -42.20 -11.98
CA LYS L 132 -40.88 -41.11 -12.50
C LYS L 132 -41.66 -39.81 -12.36
N LEU L 133 -41.11 -38.87 -11.61
CA LEU L 133 -41.78 -37.61 -11.30
C LEU L 133 -41.28 -36.54 -12.27
N LYS L 134 -42.07 -36.28 -13.32
CA LYS L 134 -41.72 -35.31 -14.34
C LYS L 134 -42.49 -34.01 -14.15
N MET M 4 -31.98 -2.27 -8.91
CA MET M 4 -32.61 -3.51 -8.51
C MET M 4 -31.95 -4.04 -7.24
N THR M 5 -30.67 -3.72 -7.07
CA THR M 5 -29.97 -4.03 -5.83
C THR M 5 -30.56 -3.22 -4.70
N GLY M 6 -30.77 -3.87 -3.55
CA GLY M 6 -31.48 -3.27 -2.46
C GLY M 6 -32.99 -3.39 -2.55
N GLU M 7 -33.51 -3.77 -3.73
CA GLU M 7 -34.92 -4.07 -3.90
C GLU M 7 -35.10 -5.52 -3.49
N LEU M 8 -35.21 -5.70 -2.17
CA LEU M 8 -35.11 -7.01 -1.54
C LEU M 8 -36.18 -7.97 -2.06
N GLU M 9 -35.80 -9.23 -2.24
CA GLU M 9 -36.73 -10.31 -2.55
C GLU M 9 -36.57 -11.41 -1.52
N VAL M 10 -37.68 -11.83 -0.93
CA VAL M 10 -37.70 -12.94 0.02
C VAL M 10 -38.63 -14.02 -0.52
N LYS M 11 -38.09 -15.23 -0.70
CA LYS M 11 -38.83 -16.33 -1.31
C LYS M 11 -38.86 -17.53 -0.37
N ASN M 12 -39.92 -18.33 -0.51
CA ASN M 12 -40.13 -19.55 0.27
C ASN M 12 -40.40 -19.26 1.75
N MET M 13 -41.09 -18.15 2.02
CA MET M 13 -41.63 -17.95 3.36
C MET M 13 -42.80 -18.91 3.59
N ASP M 14 -43.24 -19.02 4.85
CA ASP M 14 -44.45 -19.77 5.16
C ASP M 14 -45.27 -18.97 6.17
N MET M 15 -45.96 -17.96 5.69
CA MET M 15 -46.82 -17.13 6.53
C MET M 15 -48.25 -17.65 6.44
N LYS M 16 -48.84 -17.93 7.59
CA LYS M 16 -50.17 -18.51 7.66
C LYS M 16 -51.17 -17.53 8.28
N PRO M 17 -52.46 -17.71 8.03
CA PRO M 17 -53.48 -16.86 8.65
C PRO M 17 -53.33 -16.82 10.17
N GLY M 18 -53.44 -15.60 10.72
CA GLY M 18 -53.26 -15.35 12.13
C GLY M 18 -51.88 -14.87 12.53
N SER M 19 -50.91 -14.95 11.63
CA SER M 19 -49.54 -14.53 11.89
C SER M 19 -49.33 -13.06 11.54
N THR M 20 -48.27 -12.48 12.12
CA THR M 20 -47.95 -11.08 11.94
C THR M 20 -46.53 -10.94 11.39
N LEU M 21 -46.32 -9.95 10.53
CA LEU M 21 -45.04 -9.68 9.90
C LEU M 21 -44.65 -8.24 10.20
N LYS M 22 -43.50 -8.06 10.86
CA LYS M 22 -42.99 -6.74 11.18
C LYS M 22 -41.85 -6.38 10.24
N ILE M 23 -41.84 -5.14 9.77
CA ILE M 23 -40.95 -4.69 8.69
C ILE M 23 -40.27 -3.39 9.12
N THR M 24 -38.95 -3.35 9.02
CA THR M 24 -38.19 -2.13 9.26
C THR M 24 -37.32 -1.79 8.06
N GLY M 25 -37.19 -0.49 7.79
CA GLY M 25 -36.34 -0.02 6.71
C GLY M 25 -36.27 1.48 6.72
N SER M 26 -35.43 2.01 5.83
CA SER M 26 -35.21 3.44 5.70
C SER M 26 -35.64 3.89 4.31
N ILE M 27 -36.45 4.94 4.25
CA ILE M 27 -36.88 5.48 2.96
C ILE M 27 -35.78 6.39 2.43
N ALA M 28 -35.42 6.21 1.17
CA ALA M 28 -34.31 6.96 0.61
C ALA M 28 -34.66 8.44 0.46
N ASP M 29 -33.65 9.29 0.58
CA ASP M 29 -33.82 10.70 0.25
C ASP M 29 -34.14 10.86 -1.23
N GLY M 30 -35.20 11.58 -1.53
CA GLY M 30 -35.52 11.92 -2.90
C GLY M 30 -36.30 10.87 -3.68
N THR M 31 -36.83 9.85 -3.02
CA THR M 31 -37.72 8.91 -3.69
C THR M 31 -39.16 9.40 -3.49
N ASP M 32 -39.98 9.22 -4.52
CA ASP M 32 -41.38 9.64 -4.45
C ASP M 32 -42.31 8.53 -3.95
N GLY M 33 -41.79 7.34 -3.69
CA GLY M 33 -42.61 6.26 -3.18
C GLY M 33 -41.87 4.96 -3.23
N PHE M 34 -42.50 3.94 -2.65
CA PHE M 34 -41.94 2.59 -2.62
C PHE M 34 -43.07 1.57 -2.50
N VAL M 35 -42.69 0.30 -2.58
CA VAL M 35 -43.64 -0.81 -2.67
C VAL M 35 -43.20 -1.92 -1.73
N ILE M 36 -44.15 -2.45 -0.95
CA ILE M 36 -43.96 -3.67 -0.19
C ILE M 36 -44.98 -4.69 -0.71
N ASN M 37 -44.48 -5.77 -1.29
CA ASN M 37 -45.33 -6.81 -1.87
C ASN M 37 -45.34 -8.05 -1.01
N LEU M 38 -46.52 -8.63 -0.83
CA LEU M 38 -46.73 -9.82 -0.02
C LEU M 38 -47.73 -10.72 -0.70
N GLY M 39 -47.38 -12.00 -0.86
CA GLY M 39 -48.31 -12.90 -1.52
C GLY M 39 -47.83 -14.32 -1.75
N GLN M 40 -48.40 -14.95 -2.79
CA GLN M 40 -48.15 -16.34 -3.12
C GLN M 40 -47.13 -16.50 -4.24
N GLY M 41 -46.33 -15.47 -4.49
CA GLY M 41 -45.35 -15.47 -5.55
C GLY M 41 -45.28 -14.12 -6.23
N THR M 42 -44.43 -14.01 -7.25
CA THR M 42 -44.26 -12.74 -7.94
C THR M 42 -45.53 -12.34 -8.67
N ASP M 43 -46.35 -13.32 -9.05
CA ASP M 43 -47.54 -13.12 -9.86
C ASP M 43 -48.82 -13.20 -9.04
N LYS M 44 -48.72 -13.52 -7.75
CA LYS M 44 -49.90 -13.68 -6.90
C LYS M 44 -49.69 -12.81 -5.67
N LEU M 45 -50.14 -11.56 -5.74
CA LEU M 45 -49.91 -10.60 -4.67
C LEU M 45 -51.21 -10.35 -3.94
N ASN M 46 -51.32 -10.93 -2.73
CA ASN M 46 -52.47 -10.68 -1.88
C ASN M 46 -52.48 -9.23 -1.40
N LEU M 47 -51.31 -8.68 -1.09
CA LEU M 47 -51.19 -7.32 -0.59
C LEU M 47 -50.09 -6.58 -1.35
N HIS M 48 -50.48 -5.55 -2.09
CA HIS M 48 -49.54 -4.63 -2.72
C HIS M 48 -49.64 -3.30 -1.97
N PHE M 49 -48.60 -2.98 -1.21
CA PHE M 49 -48.61 -1.85 -0.28
C PHE M 49 -47.66 -0.79 -0.81
N ASN M 50 -48.21 0.34 -1.25
CA ASN M 50 -47.47 1.33 -2.05
C ASN M 50 -47.75 2.75 -1.56
N PRO M 51 -47.00 3.19 -0.55
CA PRO M 51 -47.06 4.62 -0.18
C PRO M 51 -46.48 5.47 -1.29
N ARG M 52 -47.25 6.49 -1.71
CA ARG M 52 -46.81 7.44 -2.73
C ARG M 52 -46.78 8.82 -2.07
N PHE M 53 -45.58 9.30 -1.76
CA PHE M 53 -45.45 10.59 -1.07
C PHE M 53 -45.91 11.74 -1.97
N SER M 54 -45.65 11.64 -3.27
CA SER M 54 -46.06 12.69 -4.19
C SER M 54 -47.56 12.81 -4.32
N GLU M 55 -48.31 11.75 -4.06
CA GLU M 55 -49.76 11.77 -4.15
C GLU M 55 -50.41 11.84 -2.77
N SER M 56 -49.60 11.94 -1.71
CA SER M 56 -50.09 12.05 -0.33
C SER M 56 -51.08 10.94 -0.01
N THR M 57 -50.77 9.73 -0.44
CA THR M 57 -51.66 8.59 -0.23
C THR M 57 -50.86 7.31 -0.22
N ILE M 58 -51.48 6.27 0.34
CA ILE M 58 -50.94 4.92 0.33
C ILE M 58 -51.90 4.08 -0.51
N VAL M 59 -51.42 3.58 -1.63
CA VAL M 59 -52.23 2.71 -2.48
C VAL M 59 -52.03 1.27 -2.05
N CYS M 60 -53.14 0.59 -1.77
CA CYS M 60 -53.15 -0.85 -1.54
C CYS M 60 -53.96 -1.51 -2.64
N ASN M 61 -53.47 -2.64 -3.13
CA ASN M 61 -54.16 -3.37 -4.18
C ASN M 61 -53.71 -4.82 -4.15
N SER M 62 -54.29 -5.62 -5.02
CA SER M 62 -53.90 -7.01 -5.23
C SER M 62 -53.58 -7.20 -6.70
N LEU M 63 -52.77 -8.23 -6.99
CA LEU M 63 -52.37 -8.53 -8.34
C LEU M 63 -52.57 -10.01 -8.58
N ASP M 64 -53.47 -10.34 -9.50
CA ASP M 64 -53.80 -11.71 -9.86
C ASP M 64 -53.51 -11.87 -11.36
N GLY M 65 -52.38 -12.51 -11.67
CA GLY M 65 -51.95 -12.62 -13.05
C GLY M 65 -51.46 -11.29 -13.61
N SER M 66 -52.16 -10.79 -14.63
CA SER M 66 -51.88 -9.47 -15.19
C SER M 66 -52.94 -8.45 -14.81
N ASN M 67 -53.86 -8.83 -13.93
CA ASN M 67 -54.99 -8.00 -13.55
C ASN M 67 -54.77 -7.43 -12.16
N TRP M 68 -54.65 -6.11 -12.07
CA TRP M 68 -54.67 -5.47 -10.77
C TRP M 68 -56.12 -5.41 -10.28
N GLY M 69 -56.30 -5.53 -8.98
CA GLY M 69 -57.62 -5.40 -8.40
C GLY M 69 -58.04 -3.95 -8.36
N GLN M 70 -59.04 -3.67 -7.55
CA GLN M 70 -59.49 -2.30 -7.34
C GLN M 70 -58.63 -1.65 -6.28
N GLU M 71 -58.08 -0.48 -6.59
CA GLU M 71 -57.21 0.18 -5.63
C GLU M 71 -57.99 0.62 -4.40
N GLN M 72 -57.32 0.57 -3.26
CA GLN M 72 -57.85 1.10 -2.01
C GLN M 72 -56.83 2.10 -1.49
N ARG M 73 -57.20 3.38 -1.48
CA ARG M 73 -56.29 4.43 -1.07
C ARG M 73 -56.56 4.86 0.36
N GLU M 74 -55.48 5.02 1.11
CA GLU M 74 -55.51 5.41 2.52
C GLU M 74 -54.71 6.69 2.64
N ASP M 75 -55.41 7.80 2.82
CA ASP M 75 -54.81 9.14 2.84
C ASP M 75 -54.04 9.43 4.13
N HIS M 76 -53.65 8.40 4.87
CA HIS M 76 -52.90 8.55 6.11
C HIS M 76 -51.42 8.25 5.86
N LEU M 77 -50.73 9.20 5.26
CA LEU M 77 -49.30 9.10 4.99
C LEU M 77 -48.56 10.09 5.88
N CYS M 78 -48.03 9.61 7.01
CA CYS M 78 -47.40 10.48 8.00
C CYS M 78 -45.92 10.14 8.20
N PHE M 79 -45.29 9.57 7.17
CA PHE M 79 -43.85 9.44 7.11
C PHE M 79 -43.36 10.00 5.78
N SER M 80 -42.08 10.35 5.75
CA SER M 80 -41.50 11.14 4.68
C SER M 80 -40.24 10.45 4.15
N PRO M 81 -39.77 10.84 2.97
CA PRO M 81 -38.48 10.30 2.51
C PRO M 81 -37.38 10.65 3.50
N GLY M 82 -36.40 9.76 3.62
CA GLY M 82 -35.36 9.90 4.61
C GLY M 82 -35.70 9.26 5.93
N SER M 83 -36.94 8.83 6.13
CA SER M 83 -37.40 8.34 7.42
C SER M 83 -37.05 6.87 7.61
N GLU M 84 -36.86 6.49 8.88
CA GLU M 84 -36.89 5.10 9.29
C GLU M 84 -38.32 4.77 9.71
N VAL M 85 -38.84 3.65 9.22
CA VAL M 85 -40.22 3.29 9.46
C VAL M 85 -40.32 1.83 9.88
N LYS M 86 -41.36 1.53 10.66
CA LYS M 86 -41.70 0.17 11.05
C LYS M 86 -43.15 -0.11 10.65
N PHE M 87 -43.38 -1.27 10.03
CA PHE M 87 -44.70 -1.71 9.67
C PHE M 87 -44.99 -3.07 10.29
N THR M 88 -46.23 -3.26 10.72
CA THR M 88 -46.72 -4.56 11.18
C THR M 88 -47.85 -4.98 10.26
N VAL M 89 -47.66 -6.08 9.55
CA VAL M 89 -48.66 -6.63 8.64
C VAL M 89 -49.22 -7.89 9.28
N THR M 90 -50.52 -7.92 9.49
CA THR M 90 -51.22 -9.10 9.98
C THR M 90 -52.01 -9.72 8.84
N PHE M 91 -51.78 -11.01 8.61
CA PHE M 91 -52.42 -11.74 7.52
C PHE M 91 -53.57 -12.54 8.11
N GLU M 92 -54.79 -12.14 7.78
CA GLU M 92 -55.98 -12.90 8.11
C GLU M 92 -56.63 -13.45 6.85
N SER M 93 -57.47 -14.47 7.04
CA SER M 93 -58.16 -15.07 5.90
C SER M 93 -59.09 -14.08 5.22
N ASP M 94 -59.72 -13.21 5.99
CA ASP M 94 -60.59 -12.18 5.43
C ASP M 94 -59.88 -10.88 5.13
N LYS M 95 -58.69 -10.66 5.69
CA LYS M 95 -58.26 -9.28 5.82
C LYS M 95 -56.74 -9.19 6.03
N PHE M 96 -56.17 -8.09 5.52
CA PHE M 96 -54.82 -7.67 5.87
C PHE M 96 -54.86 -6.44 6.76
N LYS M 97 -54.06 -6.48 7.82
CA LYS M 97 -54.02 -5.45 8.84
C LYS M 97 -52.60 -4.87 8.84
N VAL M 98 -52.49 -3.58 8.56
CA VAL M 98 -51.20 -2.92 8.44
C VAL M 98 -51.12 -1.83 9.51
N LYS M 99 -50.16 -1.96 10.42
CA LYS M 99 -49.94 -0.97 11.46
C LYS M 99 -48.85 0.01 10.99
N LEU M 100 -49.25 1.27 10.80
CA LEU M 100 -48.32 2.30 10.38
C LEU M 100 -47.41 2.71 11.54
N PRO M 101 -46.30 3.41 11.26
CA PRO M 101 -45.35 3.72 12.32
C PRO M 101 -45.93 4.51 13.49
N ASP M 102 -47.00 5.27 13.28
CA ASP M 102 -47.62 6.03 14.35
C ASP M 102 -48.77 5.28 15.01
N GLY M 103 -48.98 4.01 14.66
CA GLY M 103 -50.05 3.23 15.23
C GLY M 103 -51.32 3.19 14.40
N HIS M 104 -51.44 4.06 13.39
CA HIS M 104 -52.63 4.04 12.54
C HIS M 104 -52.73 2.72 11.80
N GLU M 105 -53.92 2.14 11.81
CA GLU M 105 -54.09 0.80 11.27
C GLU M 105 -54.91 0.85 9.99
N LEU M 106 -54.41 0.16 8.97
CA LEU M 106 -55.07 0.06 7.69
C LEU M 106 -55.67 -1.34 7.54
N THR M 107 -56.85 -1.40 6.94
CA THR M 107 -57.48 -2.66 6.61
C THR M 107 -57.66 -2.74 5.10
N PHE M 108 -57.32 -3.92 4.54
CA PHE M 108 -57.44 -4.18 3.11
C PHE M 108 -57.95 -5.61 2.97
N PRO M 109 -58.99 -5.83 2.16
CA PRO M 109 -59.53 -7.18 2.03
C PRO M 109 -58.54 -8.12 1.35
N ASN M 110 -58.51 -9.37 1.83
CA ASN M 110 -57.72 -10.42 1.22
C ASN M 110 -58.55 -11.12 0.14
N ARG M 111 -58.22 -10.83 -1.13
CA ARG M 111 -59.01 -11.27 -2.26
C ARG M 111 -58.55 -12.59 -2.88
N LEU M 112 -57.44 -13.18 -2.43
CA LEU M 112 -56.83 -14.31 -3.11
C LEU M 112 -56.80 -15.59 -2.27
N GLY M 113 -57.73 -15.74 -1.34
CA GLY M 113 -57.83 -16.99 -0.61
C GLY M 113 -56.96 -17.03 0.63
N HIS M 114 -56.97 -18.19 1.27
CA HIS M 114 -56.32 -18.39 2.56
C HIS M 114 -55.05 -19.24 2.47
N SER M 115 -54.48 -19.38 1.28
CA SER M 115 -53.23 -20.12 1.15
C SER M 115 -52.08 -19.36 1.81
N HIS M 116 -50.99 -20.07 2.04
CA HIS M 116 -49.86 -19.50 2.77
C HIS M 116 -49.07 -18.55 1.89
N LEU M 117 -48.54 -17.49 2.52
CA LEU M 117 -47.75 -16.50 1.83
C LEU M 117 -46.29 -16.90 1.85
N SER M 118 -45.67 -16.94 0.67
CA SER M 118 -44.29 -17.38 0.53
C SER M 118 -43.36 -16.33 -0.04
N TYR M 119 -43.88 -15.18 -0.47
CA TYR M 119 -43.12 -14.26 -1.30
C TYR M 119 -43.21 -12.85 -0.73
N LEU M 120 -42.07 -12.21 -0.58
CA LEU M 120 -41.97 -10.81 -0.15
C LEU M 120 -40.97 -10.11 -1.06
N SER M 121 -41.35 -8.94 -1.56
CA SER M 121 -40.47 -8.16 -2.43
C SER M 121 -40.64 -6.68 -2.13
N VAL M 122 -39.55 -5.93 -2.30
CA VAL M 122 -39.53 -4.50 -2.12
C VAL M 122 -39.07 -3.85 -3.41
N ARG M 123 -39.72 -2.74 -3.78
CA ARG M 123 -39.32 -1.96 -4.94
C ARG M 123 -39.30 -0.48 -4.58
N GLY M 124 -38.45 0.26 -5.30
CA GLY M 124 -38.36 1.69 -5.08
C GLY M 124 -37.38 2.04 -3.96
N GLY M 125 -37.57 3.24 -3.43
CA GLY M 125 -36.65 3.78 -2.46
C GLY M 125 -36.88 3.30 -1.04
N PHE M 126 -36.88 1.99 -0.85
CA PHE M 126 -37.00 1.39 0.47
C PHE M 126 -35.91 0.33 0.59
N ASN M 127 -35.07 0.47 1.62
CA ASN M 127 -33.99 -0.47 1.90
C ASN M 127 -34.41 -1.24 3.15
N MET M 128 -34.96 -2.44 2.95
CA MET M 128 -35.45 -3.20 4.09
C MET M 128 -34.27 -3.63 4.95
N SER M 129 -34.35 -3.29 6.24
CA SER M 129 -33.27 -3.61 7.17
C SER M 129 -33.59 -4.75 8.12
N SER M 130 -34.87 -5.06 8.35
CA SER M 130 -35.20 -6.19 9.20
C SER M 130 -36.63 -6.62 8.95
N PHE M 131 -36.89 -7.91 9.14
CA PHE M 131 -38.25 -8.38 9.29
C PHE M 131 -38.27 -9.57 10.24
N LYS M 132 -39.41 -9.75 10.90
CA LYS M 132 -39.60 -10.90 11.78
C LYS M 132 -40.99 -11.47 11.58
N LEU M 133 -41.05 -12.79 11.39
CA LEU M 133 -42.29 -13.47 11.08
C LEU M 133 -42.78 -14.21 12.31
N LYS M 134 -44.01 -13.91 12.72
CA LYS M 134 -44.60 -14.50 13.92
C LYS M 134 -45.96 -15.10 13.61
N MET N 4 -11.06 53.69 -19.97
CA MET N 4 -11.56 52.40 -19.50
C MET N 4 -10.79 52.07 -18.22
N THR N 5 -9.58 52.63 -18.11
CA THR N 5 -8.79 52.46 -16.89
C THR N 5 -9.51 53.13 -15.72
N GLY N 6 -9.57 52.42 -14.59
CA GLY N 6 -10.33 52.89 -13.46
C GLY N 6 -11.80 52.58 -13.56
N GLU N 7 -12.29 52.19 -14.73
CA GLU N 7 -13.69 51.83 -14.94
C GLU N 7 -13.87 50.38 -14.53
N LEU N 8 -14.00 50.19 -13.22
CA LEU N 8 -14.00 48.86 -12.60
C LEU N 8 -15.15 48.01 -13.10
N GLU N 9 -14.87 46.73 -13.33
CA GLU N 9 -15.93 45.73 -13.48
C GLU N 9 -15.61 44.57 -12.54
N VAL N 10 -16.62 44.12 -11.80
CA VAL N 10 -16.48 43.00 -10.88
C VAL N 10 -17.35 41.87 -11.39
N LYS N 11 -16.73 40.72 -11.64
CA LYS N 11 -17.40 39.56 -12.21
C LYS N 11 -17.50 38.44 -11.20
N ASN N 12 -18.41 37.51 -11.49
CA ASN N 12 -18.61 36.30 -10.69
C ASN N 12 -18.97 36.60 -9.25
N MET N 13 -19.68 37.70 -9.00
CA MET N 13 -20.27 37.88 -7.69
C MET N 13 -21.45 36.94 -7.54
N ASP N 14 -21.94 36.80 -6.30
CA ASP N 14 -23.13 36.01 -6.03
C ASP N 14 -24.01 36.85 -5.11
N MET N 15 -24.73 37.81 -5.69
CA MET N 15 -25.61 38.69 -4.95
C MET N 15 -27.02 38.12 -5.00
N LYS N 16 -27.50 37.69 -3.86
CA LYS N 16 -28.82 37.08 -3.68
C LYS N 16 -29.79 38.09 -3.07
N PRO N 17 -31.10 37.89 -3.30
CA PRO N 17 -32.09 38.78 -2.71
C PRO N 17 -31.90 38.93 -1.21
N GLY N 18 -31.97 40.16 -0.73
CA GLY N 18 -31.71 40.49 0.66
C GLY N 18 -30.31 40.97 0.93
N SER N 19 -29.41 40.87 -0.03
CA SER N 19 -28.03 41.28 0.19
C SER N 19 -27.86 42.75 -0.17
N THR N 20 -26.85 43.37 0.43
CA THR N 20 -26.56 44.78 0.25
C THR N 20 -25.12 44.97 -0.21
N LEU N 21 -24.90 45.97 -1.05
CA LEU N 21 -23.59 46.28 -1.61
C LEU N 21 -23.26 47.72 -1.28
N LYS N 22 -22.16 47.94 -0.56
CA LYS N 22 -21.70 49.28 -0.22
C LYS N 22 -20.53 49.66 -1.11
N ILE N 23 -20.62 50.81 -1.75
CA ILE N 23 -19.65 51.27 -2.73
C ILE N 23 -19.13 52.62 -2.29
N THR N 24 -17.80 52.75 -2.19
CA THR N 24 -17.18 54.03 -1.90
C THR N 24 -16.18 54.38 -2.99
N GLY N 25 -16.11 55.67 -3.31
CA GLY N 25 -15.19 56.17 -4.30
C GLY N 25 -15.27 57.67 -4.34
N SER N 26 -14.43 58.26 -5.19
CA SER N 26 -14.34 59.71 -5.33
C SER N 26 -14.78 60.10 -6.73
N ILE N 27 -15.68 61.07 -6.81
CA ILE N 27 -16.14 61.58 -8.10
C ILE N 27 -15.10 62.58 -8.59
N ALA N 28 -14.78 62.50 -9.88
CA ALA N 28 -13.67 63.29 -10.42
C ALA N 28 -14.06 64.76 -10.57
N ASP N 29 -13.09 65.64 -10.40
CA ASP N 29 -13.28 67.04 -10.75
C ASP N 29 -13.55 67.18 -12.23
N GLY N 30 -14.64 67.85 -12.57
CA GLY N 30 -14.94 68.13 -13.96
C GLY N 30 -15.65 67.04 -14.72
N THR N 31 -16.19 66.03 -14.04
CA THR N 31 -17.00 65.03 -14.71
C THR N 31 -18.46 65.47 -14.69
N ASP N 32 -19.16 65.20 -15.79
CA ASP N 32 -20.58 65.53 -15.89
C ASP N 32 -21.50 64.40 -15.46
N GLY N 33 -20.94 63.24 -15.12
CA GLY N 33 -21.75 62.12 -14.67
C GLY N 33 -20.96 60.84 -14.68
N PHE N 34 -21.58 59.80 -14.12
CA PHE N 34 -20.97 58.47 -14.07
C PHE N 34 -22.08 57.44 -13.98
N VAL N 35 -21.67 56.17 -14.04
CA VAL N 35 -22.60 55.06 -14.17
C VAL N 35 -22.19 53.94 -13.22
N ILE N 36 -23.16 53.38 -12.51
CA ILE N 36 -22.99 52.13 -11.78
C ILE N 36 -23.91 51.11 -12.43
N ASN N 37 -23.33 50.08 -13.04
CA ASN N 37 -24.10 49.03 -13.69
C ASN N 37 -24.01 47.76 -12.85
N LEU N 38 -25.16 47.13 -12.64
CA LEU N 38 -25.24 45.95 -11.80
C LEU N 38 -26.27 45.00 -12.40
N GLY N 39 -25.89 43.74 -12.58
CA GLY N 39 -26.77 42.79 -13.22
C GLY N 39 -26.10 41.45 -13.40
N GLN N 40 -26.49 40.76 -14.47
CA GLN N 40 -25.95 39.43 -14.76
C GLN N 40 -24.77 39.49 -15.71
N GLY N 41 -24.60 40.61 -16.40
CA GLY N 41 -23.51 40.74 -17.34
C GLY N 41 -23.61 42.05 -18.11
N THR N 42 -22.69 42.20 -19.06
CA THR N 42 -22.67 43.39 -19.91
C THR N 42 -23.93 43.49 -20.76
N ASP N 43 -24.60 42.36 -20.99
CA ASP N 43 -25.78 42.28 -21.83
C ASP N 43 -27.08 42.28 -21.05
N LYS N 44 -27.04 42.10 -19.73
CA LYS N 44 -28.27 42.09 -18.94
C LYS N 44 -28.05 42.92 -17.67
N LEU N 45 -28.47 44.19 -17.69
CA LEU N 45 -28.27 45.08 -16.56
C LEU N 45 -29.60 45.24 -15.83
N ASN N 46 -29.70 44.63 -14.65
CA ASN N 46 -30.89 44.80 -13.82
C ASN N 46 -31.01 46.24 -13.35
N LEU N 47 -29.89 46.86 -13.01
CA LEU N 47 -29.88 48.23 -12.50
C LEU N 47 -28.80 49.02 -13.23
N HIS N 48 -29.22 50.05 -13.97
CA HIS N 48 -28.32 51.02 -14.57
C HIS N 48 -28.50 52.33 -13.82
N PHE N 49 -27.51 52.70 -13.01
CA PHE N 49 -27.59 53.82 -12.09
C PHE N 49 -26.67 54.92 -12.60
N ASN N 50 -27.25 56.04 -13.05
CA ASN N 50 -26.51 57.03 -13.85
C ASN N 50 -26.82 58.44 -13.36
N PRO N 51 -26.14 58.90 -12.31
CA PRO N 51 -26.21 60.32 -11.95
C PRO N 51 -25.56 61.17 -13.04
N ARG N 52 -26.27 62.22 -13.46
CA ARG N 52 -25.80 63.14 -14.50
C ARG N 52 -25.79 64.55 -13.90
N PHE N 53 -24.61 65.05 -13.53
CA PHE N 53 -24.51 66.36 -12.90
C PHE N 53 -24.96 67.47 -13.85
N SER N 54 -24.65 67.35 -15.14
CA SER N 54 -25.09 68.37 -16.09
C SER N 54 -26.60 68.43 -16.24
N GLU N 55 -27.30 67.35 -15.95
CA GLU N 55 -28.75 67.31 -16.05
C GLU N 55 -29.44 67.38 -14.70
N SER N 56 -28.67 67.49 -13.61
CA SER N 56 -29.21 67.62 -12.25
C SER N 56 -30.26 66.54 -11.95
N THR N 57 -29.98 65.32 -12.37
CA THR N 57 -30.92 64.22 -12.16
C THR N 57 -30.16 62.90 -12.14
N ILE N 58 -30.83 61.88 -11.61
CA ILE N 58 -30.30 60.52 -11.59
C ILE N 58 -31.21 59.65 -12.46
N VAL N 59 -30.67 59.14 -13.55
CA VAL N 59 -31.40 58.22 -14.41
C VAL N 59 -31.11 56.80 -13.95
N CYS N 60 -32.18 56.04 -13.70
CA CYS N 60 -32.09 54.61 -13.47
C CYS N 60 -32.83 53.90 -14.59
N ASN N 61 -32.27 52.79 -15.07
CA ASN N 61 -32.91 52.03 -16.12
C ASN N 61 -32.43 50.58 -16.05
N SER N 62 -32.98 49.76 -16.93
CA SER N 62 -32.59 48.36 -17.07
C SER N 62 -32.20 48.09 -18.51
N LEU N 63 -31.39 47.05 -18.70
CA LEU N 63 -30.90 46.71 -20.02
C LEU N 63 -31.04 45.20 -20.22
N ASP N 64 -31.81 44.82 -21.24
CA ASP N 64 -32.01 43.42 -21.60
C ASP N 64 -31.45 43.24 -23.01
N GLY N 65 -30.24 42.69 -23.10
CA GLY N 65 -29.58 42.57 -24.39
C GLY N 65 -29.18 43.93 -24.93
N SER N 66 -29.77 44.32 -26.05
CA SER N 66 -29.55 45.63 -26.64
C SER N 66 -30.77 46.54 -26.48
N ASN N 67 -31.77 46.11 -25.72
CA ASN N 67 -33.02 46.84 -25.55
C ASN N 67 -33.03 47.49 -24.17
N TRP N 68 -33.01 48.81 -24.14
CA TRP N 68 -33.15 49.54 -22.88
C TRP N 68 -34.61 49.55 -22.44
N GLY N 69 -34.80 49.51 -21.12
CA GLY N 69 -36.11 49.65 -20.55
C GLY N 69 -36.58 51.09 -20.55
N GLN N 70 -37.54 51.37 -19.70
CA GLN N 70 -38.07 52.73 -19.56
C GLN N 70 -37.32 53.46 -18.46
N GLU N 71 -36.76 54.62 -18.78
CA GLU N 71 -35.93 55.34 -17.84
C GLU N 71 -36.75 55.88 -16.67
N GLN N 72 -36.12 55.92 -15.51
CA GLN N 72 -36.67 56.52 -14.31
C GLN N 72 -35.74 57.61 -13.82
N ARG N 73 -36.20 58.85 -13.84
CA ARG N 73 -35.38 59.98 -13.43
C ARG N 73 -35.75 60.40 -12.02
N GLU N 74 -34.74 60.63 -11.20
CA GLU N 74 -34.90 61.01 -9.81
C GLU N 74 -34.16 62.33 -9.64
N ASP N 75 -34.91 63.42 -9.58
CA ASP N 75 -34.40 64.79 -9.49
C ASP N 75 -33.64 65.04 -8.22
N HIS N 76 -33.40 64.02 -7.41
CA HIS N 76 -32.78 64.18 -6.10
C HIS N 76 -31.30 63.87 -6.22
N LEU N 77 -30.56 64.83 -6.78
CA LEU N 77 -29.10 64.76 -6.96
C LEU N 77 -28.48 65.78 -6.00
N CYS N 78 -28.03 65.31 -4.83
CA CYS N 78 -27.61 66.19 -3.74
C CYS N 78 -26.17 65.94 -3.33
N PHE N 79 -25.35 65.49 -4.28
CA PHE N 79 -23.89 65.43 -4.13
C PHE N 79 -23.19 66.10 -5.31
N SER N 80 -21.89 66.26 -5.20
CA SER N 80 -21.07 67.13 -5.95
C SER N 80 -20.04 66.37 -6.78
N PRO N 81 -19.65 66.89 -7.94
CA PRO N 81 -18.34 66.45 -8.52
C PRO N 81 -17.18 66.85 -7.59
N GLY N 82 -16.14 66.04 -7.55
CA GLY N 82 -15.03 66.28 -6.69
C GLY N 82 -15.19 65.84 -5.24
N SER N 83 -16.12 64.93 -4.94
CA SER N 83 -16.38 64.51 -3.57
C SER N 83 -16.10 63.01 -3.42
N GLU N 84 -16.11 62.55 -2.17
CA GLU N 84 -15.94 61.14 -1.85
C GLU N 84 -17.20 60.68 -1.14
N VAL N 85 -17.92 59.74 -1.75
CA VAL N 85 -19.28 59.43 -1.36
C VAL N 85 -19.47 57.92 -1.25
N LYS N 86 -20.57 57.53 -0.62
CA LYS N 86 -20.96 56.14 -0.43
C LYS N 86 -22.30 55.88 -1.07
N PHE N 87 -22.44 54.72 -1.70
CA PHE N 87 -23.72 54.22 -2.18
C PHE N 87 -23.96 52.84 -1.59
N THR N 88 -25.20 52.60 -1.18
CA THR N 88 -25.62 51.29 -0.71
C THR N 88 -26.77 50.80 -1.57
N VAL N 89 -26.56 49.68 -2.26
CA VAL N 89 -27.57 49.07 -3.12
C VAL N 89 -28.06 47.80 -2.44
N THR N 90 -29.37 47.73 -2.21
CA THR N 90 -30.00 46.54 -1.67
C THR N 90 -30.77 45.83 -2.79
N PHE N 91 -30.50 44.54 -2.95
CA PHE N 91 -31.11 43.75 -4.02
C PHE N 91 -32.25 42.95 -3.39
N GLU N 92 -33.47 43.32 -3.76
CA GLU N 92 -34.65 42.54 -3.45
C GLU N 92 -35.20 41.96 -4.74
N SER N 93 -36.02 40.92 -4.62
CA SER N 93 -36.55 40.26 -5.82
C SER N 93 -37.44 41.20 -6.62
N ASP N 94 -38.11 42.15 -5.97
CA ASP N 94 -39.00 43.06 -6.67
C ASP N 94 -38.37 44.40 -6.99
N LYS N 95 -37.44 44.89 -6.16
CA LYS N 95 -36.97 46.26 -6.28
C LYS N 95 -35.48 46.32 -5.96
N PHE N 96 -34.85 47.40 -6.43
CA PHE N 96 -33.55 47.83 -5.95
C PHE N 96 -33.70 49.01 -5.02
N LYS N 97 -32.83 49.06 -4.01
CA LYS N 97 -32.89 50.06 -2.95
C LYS N 97 -31.53 50.72 -2.84
N VAL N 98 -31.41 51.94 -3.36
CA VAL N 98 -30.14 52.65 -3.44
C VAL N 98 -30.16 53.79 -2.44
N LYS N 99 -29.40 53.62 -1.35
CA LYS N 99 -29.18 54.71 -0.40
C LYS N 99 -28.19 55.70 -0.99
N LEU N 100 -28.58 56.98 -1.03
CA LEU N 100 -27.68 58.00 -1.54
C LEU N 100 -26.81 58.56 -0.43
N PRO N 101 -25.72 59.24 -0.77
CA PRO N 101 -24.78 59.70 0.28
C PRO N 101 -25.41 60.59 1.33
N ASP N 102 -26.56 61.20 1.05
CA ASP N 102 -27.25 62.08 1.97
C ASP N 102 -28.29 61.39 2.84
N GLY N 103 -28.46 60.08 2.69
CA GLY N 103 -29.49 59.35 3.41
C GLY N 103 -30.77 59.18 2.63
N HIS N 104 -30.98 59.93 1.56
CA HIS N 104 -32.13 59.71 0.70
C HIS N 104 -32.01 58.35 0.03
N GLU N 105 -33.14 57.75 -0.31
CA GLU N 105 -33.17 56.40 -0.86
C GLU N 105 -33.98 56.39 -2.15
N LEU N 106 -33.35 55.92 -3.22
CA LEU N 106 -34.05 55.66 -4.47
C LEU N 106 -34.44 54.20 -4.54
N THR N 107 -35.61 53.93 -5.10
CA THR N 107 -36.06 52.58 -5.34
C THR N 107 -36.31 52.40 -6.83
N PHE N 108 -35.89 51.25 -7.36
CA PHE N 108 -36.02 50.96 -8.79
C PHE N 108 -36.51 49.53 -8.96
N PRO N 109 -37.54 49.30 -9.78
CA PRO N 109 -38.06 47.94 -9.91
C PRO N 109 -37.04 47.03 -10.58
N ASN N 110 -36.99 45.78 -10.11
CA ASN N 110 -36.19 44.74 -10.76
C ASN N 110 -37.06 44.07 -11.81
N ARG N 111 -36.80 44.40 -13.07
CA ARG N 111 -37.63 43.96 -14.18
C ARG N 111 -37.15 42.65 -14.82
N LEU N 112 -36.03 42.11 -14.34
CA LEU N 112 -35.34 41.03 -15.04
C LEU N 112 -35.27 39.74 -14.22
N GLY N 113 -36.23 39.54 -13.30
CA GLY N 113 -36.29 38.30 -12.56
C GLY N 113 -35.47 38.33 -11.28
N HIS N 114 -35.51 37.20 -10.57
CA HIS N 114 -34.91 37.09 -9.25
C HIS N 114 -33.54 36.42 -9.26
N SER N 115 -32.86 36.41 -10.40
CA SER N 115 -31.57 35.73 -10.48
C SER N 115 -30.51 36.44 -9.64
N HIS N 116 -29.50 35.67 -9.23
CA HIS N 116 -28.36 36.24 -8.53
C HIS N 116 -27.64 37.25 -9.42
N LEU N 117 -27.07 38.27 -8.79
CA LEU N 117 -26.35 39.31 -9.50
C LEU N 117 -24.85 38.97 -9.46
N SER N 118 -24.23 38.92 -10.65
CA SER N 118 -22.85 38.50 -10.77
C SER N 118 -21.93 39.55 -11.35
N TYR N 119 -22.47 40.67 -11.82
CA TYR N 119 -21.71 41.63 -12.61
C TYR N 119 -21.91 43.04 -12.06
N LEU N 120 -20.81 43.72 -11.78
CA LEU N 120 -20.81 45.10 -11.35
C LEU N 120 -19.77 45.82 -12.18
N SER N 121 -20.16 46.97 -12.73
CA SER N 121 -19.23 47.76 -13.54
C SER N 121 -19.46 49.24 -13.25
N VAL N 122 -18.38 50.01 -13.34
CA VAL N 122 -18.41 51.44 -13.11
C VAL N 122 -17.91 52.14 -14.37
N ARG N 123 -18.66 53.15 -14.81
CA ARG N 123 -18.32 53.94 -15.98
C ARG N 123 -18.20 55.41 -15.59
N GLY N 124 -17.60 56.19 -16.48
CA GLY N 124 -17.49 57.61 -16.24
C GLY N 124 -16.54 57.96 -15.10
N GLY N 125 -16.75 59.16 -14.57
CA GLY N 125 -15.86 59.75 -13.59
C GLY N 125 -16.08 59.35 -12.14
N PHE N 126 -16.05 58.05 -11.85
CA PHE N 126 -16.13 57.56 -10.48
C PHE N 126 -15.02 56.55 -10.28
N ASN N 127 -14.19 56.78 -9.26
CA ASN N 127 -13.08 55.89 -8.94
C ASN N 127 -13.41 55.13 -7.67
N MET N 128 -13.86 53.89 -7.83
CA MET N 128 -14.25 53.08 -6.70
C MET N 128 -13.00 52.77 -5.86
N SER N 129 -13.05 53.10 -4.57
CA SER N 129 -11.93 52.85 -3.69
C SER N 129 -12.18 51.68 -2.76
N SER N 130 -13.42 51.27 -2.57
CA SER N 130 -13.75 50.12 -1.75
C SER N 130 -15.13 49.62 -2.16
N PHE N 131 -15.33 48.31 -2.02
CA PHE N 131 -16.66 47.75 -2.08
C PHE N 131 -16.72 46.62 -1.07
N LYS N 132 -17.88 46.43 -0.45
CA LYS N 132 -18.09 45.30 0.42
C LYS N 132 -19.49 44.74 0.16
N LEU N 133 -19.60 43.42 0.26
CA LEU N 133 -20.80 42.70 -0.11
C LEU N 133 -21.30 41.91 1.09
N LYS N 134 -22.59 42.03 1.39
CA LYS N 134 -23.19 41.30 2.49
C LYS N 134 -24.57 40.77 2.10
N MET O 4 26.58 -0.28 4.61
CA MET O 4 26.04 -1.59 4.98
C MET O 4 25.46 -2.28 3.75
N THR O 5 24.97 -1.46 2.80
CA THR O 5 24.47 -1.99 1.53
C THR O 5 25.61 -2.57 0.71
N GLY O 6 25.33 -3.71 0.07
CA GLY O 6 26.31 -4.47 -0.66
C GLY O 6 27.12 -5.42 0.19
N GLU O 7 27.11 -5.24 1.51
CA GLU O 7 27.75 -6.18 2.42
C GLU O 7 26.73 -7.26 2.73
N LEU O 8 26.58 -8.20 1.80
CA LEU O 8 25.52 -9.19 1.89
C LEU O 8 25.68 -10.04 3.14
N GLU O 9 24.57 -10.35 3.78
CA GLU O 9 24.51 -11.28 4.89
C GLU O 9 23.53 -12.38 4.56
N VAL O 10 23.96 -13.62 4.72
CA VAL O 10 23.10 -14.79 4.51
C VAL O 10 23.02 -15.55 5.83
N LYS O 11 21.81 -15.64 6.38
CA LYS O 11 21.57 -16.39 7.60
C LYS O 11 20.76 -17.65 7.29
N ASN O 12 20.88 -18.62 8.19
CA ASN O 12 20.16 -19.89 8.11
C ASN O 12 20.56 -20.71 6.90
N MET O 13 21.83 -20.64 6.48
CA MET O 13 22.25 -21.61 5.48
C MET O 13 22.38 -22.98 6.10
N ASP O 14 22.52 -23.98 5.24
CA ASP O 14 22.75 -25.36 5.64
C ASP O 14 23.89 -25.91 4.80
N MET O 15 25.12 -25.49 5.13
CA MET O 15 26.31 -25.94 4.44
C MET O 15 26.95 -27.05 5.28
N LYS O 16 26.98 -28.26 4.73
CA LYS O 16 27.42 -29.45 5.42
C LYS O 16 28.79 -29.90 4.92
N PRO O 17 29.52 -30.70 5.70
CA PRO O 17 30.79 -31.25 5.21
C PRO O 17 30.62 -31.99 3.89
N GLY O 18 31.54 -31.73 2.97
CA GLY O 18 31.46 -32.28 1.63
C GLY O 18 30.83 -31.34 0.62
N SER O 19 30.26 -30.23 1.06
CA SER O 19 29.59 -29.28 0.19
C SER O 19 30.54 -28.22 -0.33
N THR O 20 30.15 -27.60 -1.45
CA THR O 20 30.92 -26.56 -2.10
C THR O 20 30.05 -25.31 -2.24
N LEU O 21 30.67 -24.15 -2.08
CA LEU O 21 29.97 -22.87 -2.17
C LEU O 21 30.65 -22.02 -3.24
N LYS O 22 29.94 -21.77 -4.33
CA LYS O 22 30.44 -20.97 -5.44
C LYS O 22 29.93 -19.54 -5.31
N ILE O 23 30.84 -18.58 -5.34
CA ILE O 23 30.52 -17.18 -5.09
C ILE O 23 31.09 -16.34 -6.22
N THR O 24 30.23 -15.52 -6.84
CA THR O 24 30.63 -14.57 -7.88
C THR O 24 30.23 -13.17 -7.48
N GLY O 25 31.07 -12.20 -7.86
CA GLY O 25 30.82 -10.80 -7.56
C GLY O 25 31.87 -9.95 -8.24
N SER O 26 31.74 -8.64 -8.05
CA SER O 26 32.65 -7.67 -8.66
C SER O 26 33.44 -6.96 -7.58
N ILE O 27 34.75 -6.87 -7.76
CA ILE O 27 35.59 -6.18 -6.79
C ILE O 27 35.52 -4.68 -7.06
N ALA O 28 35.31 -3.90 -6.00
CA ALA O 28 35.04 -2.48 -6.13
C ALA O 28 36.27 -1.73 -6.68
N ASP O 29 36.01 -0.56 -7.23
CA ASP O 29 37.07 0.22 -7.85
C ASP O 29 37.93 0.90 -6.80
N GLY O 30 39.25 0.73 -6.92
CA GLY O 30 40.15 1.39 -6.01
C GLY O 30 40.13 0.85 -4.59
N THR O 31 39.60 -0.34 -4.38
CA THR O 31 39.58 -0.94 -3.05
C THR O 31 40.88 -1.70 -2.81
N ASP O 32 41.32 -1.69 -1.55
CA ASP O 32 42.52 -2.39 -1.13
C ASP O 32 42.26 -3.83 -0.72
N GLY O 33 41.01 -4.28 -0.73
CA GLY O 33 40.72 -5.64 -0.36
C GLY O 33 39.25 -5.84 -0.14
N PHE O 34 38.89 -7.10 0.10
CA PHE O 34 37.52 -7.47 0.41
C PHE O 34 37.55 -8.72 1.27
N VAL O 35 36.38 -9.09 1.78
CA VAL O 35 36.28 -10.12 2.81
C VAL O 35 35.13 -11.05 2.47
N ILE O 36 35.38 -12.36 2.55
CA ILE O 36 34.34 -13.37 2.52
C ILE O 36 34.40 -14.13 3.84
N ASN O 37 33.35 -14.02 4.64
CA ASN O 37 33.27 -14.68 5.93
C ASN O 37 32.27 -15.83 5.87
N LEU O 38 32.66 -16.96 6.46
CA LEU O 38 31.83 -18.16 6.43
C LEU O 38 31.91 -18.84 7.79
N GLY O 39 30.76 -19.12 8.39
CA GLY O 39 30.73 -19.69 9.73
C GLY O 39 29.35 -19.84 10.35
N GLN O 40 29.29 -19.72 11.67
CA GLN O 40 28.04 -19.89 12.41
C GLN O 40 27.34 -18.56 12.75
N GLY O 41 28.03 -17.45 12.62
CA GLY O 41 27.44 -16.17 13.00
C GLY O 41 28.44 -15.05 12.80
N THR O 42 28.02 -13.85 13.22
CA THR O 42 28.83 -12.66 13.03
C THR O 42 30.15 -12.73 13.79
N ASP O 43 30.16 -13.38 14.95
CA ASP O 43 31.34 -13.46 15.79
C ASP O 43 31.97 -14.85 15.80
N LYS O 44 31.45 -15.79 15.01
CA LYS O 44 31.96 -17.16 14.94
C LYS O 44 32.27 -17.43 13.47
N LEU O 45 33.50 -17.12 13.08
CA LEU O 45 33.94 -17.21 11.69
C LEU O 45 34.88 -18.40 11.54
N ASN O 46 34.37 -19.47 10.93
CA ASN O 46 35.22 -20.61 10.62
C ASN O 46 36.26 -20.26 9.56
N LEU O 47 35.87 -19.48 8.56
CA LEU O 47 36.75 -19.09 7.47
C LEU O 47 36.60 -17.58 7.26
N HIS O 48 37.67 -16.85 7.50
CA HIS O 48 37.75 -15.43 7.20
C HIS O 48 38.70 -15.28 6.01
N PHE O 49 38.16 -14.97 4.84
CA PHE O 49 38.89 -14.98 3.58
C PHE O 49 39.03 -13.54 3.12
N ASN O 50 40.26 -13.04 3.13
CA ASN O 50 40.52 -11.60 3.03
C ASN O 50 41.66 -11.36 2.06
N PRO O 51 41.39 -11.31 0.75
CA PRO O 51 42.40 -10.83 -0.19
C PRO O 51 42.69 -9.35 0.07
N ARG O 52 43.96 -9.01 0.18
CA ARG O 52 44.40 -7.64 0.46
C ARG O 52 45.21 -7.15 -0.72
N PHE O 53 44.62 -6.28 -1.54
CA PHE O 53 45.34 -5.76 -2.70
C PHE O 53 46.45 -4.81 -2.25
N SER O 54 46.24 -4.08 -1.16
CA SER O 54 47.28 -3.20 -0.64
C SER O 54 48.49 -3.98 -0.14
N GLU O 55 48.31 -5.24 0.26
CA GLU O 55 49.41 -6.07 0.73
C GLU O 55 49.81 -7.16 -0.25
N SER O 56 49.16 -7.24 -1.42
CA SER O 56 49.46 -8.27 -2.42
C SER O 56 49.46 -9.66 -1.81
N THR O 57 48.47 -9.94 -0.96
CA THR O 57 48.38 -11.22 -0.28
C THR O 57 46.94 -11.51 0.10
N ILE O 58 46.67 -12.79 0.39
CA ILE O 58 45.37 -13.25 0.85
C ILE O 58 45.51 -13.76 2.27
N VAL O 59 44.84 -13.10 3.21
CA VAL O 59 44.82 -13.52 4.62
C VAL O 59 43.63 -14.42 4.87
N CYS O 60 43.89 -15.58 5.47
CA CYS O 60 42.85 -16.45 6.01
C CYS O 60 43.02 -16.53 7.51
N ASN O 61 41.90 -16.50 8.24
CA ASN O 61 41.93 -16.56 9.69
C ASN O 61 40.60 -17.12 10.19
N SER O 62 40.52 -17.31 11.51
CA SER O 62 39.29 -17.73 12.18
C SER O 62 38.99 -16.77 13.32
N LEU O 63 37.70 -16.68 13.68
CA LEU O 63 37.26 -15.78 14.73
C LEU O 63 36.25 -16.44 15.64
N ASP O 64 36.55 -16.50 16.94
CA ASP O 64 35.62 -16.98 17.95
C ASP O 64 35.32 -15.83 18.90
N GLY O 65 34.15 -15.22 18.74
CA GLY O 65 33.82 -14.04 19.52
C GLY O 65 34.64 -12.85 19.08
N SER O 66 35.50 -12.34 19.97
CA SER O 66 36.40 -11.25 19.64
C SER O 66 37.86 -11.71 19.53
N ASN O 67 38.12 -13.01 19.62
CA ASN O 67 39.49 -13.52 19.61
C ASN O 67 39.78 -14.12 18.23
N TRP O 68 40.67 -13.46 17.49
CA TRP O 68 41.15 -13.94 16.21
C TRP O 68 42.23 -14.99 16.40
N GLY O 69 42.29 -15.94 15.48
CA GLY O 69 43.37 -16.90 15.45
C GLY O 69 44.62 -16.26 14.89
N GLN O 70 45.54 -17.09 14.42
CA GLN O 70 46.71 -16.58 13.72
C GLN O 70 46.50 -16.67 12.21
N GLU O 71 46.95 -15.64 11.52
CA GLU O 71 46.70 -15.46 10.11
C GLU O 71 47.47 -16.48 9.27
N GLN O 72 46.87 -16.86 8.14
CA GLN O 72 47.53 -17.71 7.15
C GLN O 72 47.62 -16.92 5.86
N ARG O 73 48.84 -16.65 5.41
CA ARG O 73 49.08 -15.77 4.26
C ARG O 73 49.28 -16.59 3.00
N GLU O 74 48.61 -16.18 1.93
CA GLU O 74 48.68 -16.84 0.63
C GLU O 74 49.09 -15.78 -0.39
N ASP O 75 50.34 -15.82 -0.84
CA ASP O 75 50.84 -14.78 -1.74
C ASP O 75 50.37 -14.95 -3.18
N HIS O 76 49.48 -15.92 -3.44
CA HIS O 76 49.01 -16.20 -4.80
C HIS O 76 47.71 -15.46 -5.07
N LEU O 77 47.83 -14.16 -5.34
CA LEU O 77 46.70 -13.30 -5.66
C LEU O 77 46.78 -12.79 -7.10
N CYS O 78 45.95 -13.33 -8.01
CA CYS O 78 45.95 -12.98 -9.43
C CYS O 78 44.67 -12.28 -9.88
N PHE O 79 44.00 -11.53 -9.01
CA PHE O 79 42.88 -10.69 -9.42
C PHE O 79 43.07 -9.27 -8.90
N SER O 80 42.39 -8.32 -9.53
CA SER O 80 42.59 -6.90 -9.34
C SER O 80 41.24 -6.25 -9.07
N PRO O 81 41.21 -5.05 -8.53
CA PRO O 81 39.93 -4.34 -8.42
C PRO O 81 39.33 -4.17 -9.81
N GLY O 82 37.99 -4.21 -9.87
CA GLY O 82 37.28 -4.20 -11.13
C GLY O 82 37.01 -5.57 -11.70
N SER O 83 37.82 -6.56 -11.33
CA SER O 83 37.74 -7.87 -11.95
C SER O 83 36.39 -8.51 -11.70
N GLU O 84 36.09 -9.52 -12.52
CA GLU O 84 34.94 -10.40 -12.29
C GLU O 84 35.50 -11.73 -11.79
N VAL O 85 35.23 -12.06 -10.53
CA VAL O 85 35.89 -13.19 -9.89
C VAL O 85 34.87 -14.23 -9.47
N LYS O 86 35.37 -15.45 -9.24
CA LYS O 86 34.56 -16.58 -8.83
C LYS O 86 35.39 -17.41 -7.85
N PHE O 87 34.78 -17.77 -6.72
CA PHE O 87 35.44 -18.54 -5.68
C PHE O 87 34.62 -19.79 -5.37
N THR O 88 35.30 -20.90 -5.13
CA THR O 88 34.67 -22.14 -4.70
C THR O 88 35.25 -22.54 -3.35
N VAL O 89 34.39 -22.62 -2.34
CA VAL O 89 34.78 -23.05 -0.99
C VAL O 89 34.22 -24.45 -0.76
N THR O 90 35.10 -25.40 -0.48
CA THR O 90 34.71 -26.75 -0.13
C THR O 90 34.91 -26.93 1.38
N PHE O 91 33.86 -27.37 2.06
CA PHE O 91 33.87 -27.48 3.52
C PHE O 91 34.03 -28.94 3.94
N GLU O 92 35.17 -29.24 4.55
CA GLU O 92 35.33 -30.42 5.36
C GLU O 92 35.48 -29.99 6.81
N SER O 93 35.15 -30.91 7.71
CA SER O 93 35.16 -30.63 9.13
C SER O 93 36.56 -30.35 9.67
N ASP O 94 37.61 -30.69 8.91
CA ASP O 94 38.97 -30.43 9.37
C ASP O 94 39.72 -29.42 8.52
N LYS O 95 39.30 -29.16 7.29
CA LYS O 95 39.93 -28.12 6.50
C LYS O 95 38.93 -27.55 5.50
N PHE O 96 39.14 -26.28 5.17
CA PHE O 96 38.45 -25.62 4.08
C PHE O 96 39.31 -25.70 2.82
N LYS O 97 38.67 -25.61 1.67
CA LYS O 97 39.36 -25.52 0.39
C LYS O 97 38.77 -24.37 -0.40
N VAL O 98 39.61 -23.42 -0.79
CA VAL O 98 39.19 -22.26 -1.56
C VAL O 98 39.89 -22.33 -2.91
N LYS O 99 39.11 -22.56 -3.96
CA LYS O 99 39.63 -22.53 -5.32
C LYS O 99 39.52 -21.10 -5.86
N LEU O 100 40.64 -20.56 -6.30
CA LEU O 100 40.74 -19.17 -6.72
C LEU O 100 40.30 -19.02 -8.17
N PRO O 101 40.03 -17.78 -8.62
CA PRO O 101 39.50 -17.60 -9.99
C PRO O 101 40.41 -18.14 -11.08
N ASP O 102 41.71 -18.28 -10.85
CA ASP O 102 42.60 -18.83 -11.86
C ASP O 102 42.80 -20.34 -11.70
N GLY O 103 42.09 -20.98 -10.79
CA GLY O 103 42.24 -22.40 -10.56
C GLY O 103 43.16 -22.78 -9.40
N HIS O 104 43.91 -21.83 -8.87
CA HIS O 104 44.77 -22.12 -7.73
C HIS O 104 43.92 -22.50 -6.52
N GLU O 105 44.33 -23.53 -5.80
CA GLU O 105 43.55 -24.08 -4.69
C GLU O 105 44.37 -24.01 -3.41
N LEU O 106 43.80 -23.41 -2.37
CA LEU O 106 44.43 -23.32 -1.06
C LEU O 106 43.53 -23.94 -0.01
N THR O 107 44.13 -24.30 1.12
CA THR O 107 43.43 -24.96 2.22
C THR O 107 43.70 -24.21 3.52
N PHE O 108 42.68 -24.14 4.36
CA PHE O 108 42.75 -23.46 5.65
C PHE O 108 42.08 -24.37 6.68
N PRO O 109 42.73 -24.61 7.82
CA PRO O 109 42.16 -25.56 8.79
C PRO O 109 40.86 -25.04 9.37
N ASN O 110 39.94 -25.98 9.61
CA ASN O 110 38.70 -25.67 10.31
C ASN O 110 39.05 -25.83 11.79
N ARG O 111 39.31 -24.70 12.45
CA ARG O 111 39.84 -24.69 13.80
C ARG O 111 38.74 -24.63 14.85
N LEU O 112 37.49 -24.47 14.43
CA LEU O 112 36.37 -24.16 15.32
C LEU O 112 35.31 -25.24 15.32
N GLY O 113 35.69 -26.49 15.08
CA GLY O 113 34.74 -27.58 15.18
C GLY O 113 34.01 -27.88 13.90
N HIS O 114 33.21 -28.94 13.96
CA HIS O 114 32.76 -29.62 12.75
C HIS O 114 31.25 -29.57 12.54
N SER O 115 30.57 -28.58 13.12
CA SER O 115 29.16 -28.39 12.85
C SER O 115 28.96 -27.89 11.41
N HIS O 116 27.70 -27.68 11.05
CA HIS O 116 27.39 -27.12 9.74
C HIS O 116 27.77 -25.64 9.70
N LEU O 117 27.79 -25.09 8.48
CA LEU O 117 27.99 -23.66 8.28
C LEU O 117 26.66 -23.03 7.91
N SER O 118 26.26 -22.00 8.65
CA SER O 118 24.97 -21.36 8.45
C SER O 118 25.06 -19.89 8.08
N TYR O 119 26.25 -19.30 8.11
CA TYR O 119 26.39 -17.84 8.03
C TYR O 119 27.43 -17.49 6.98
N LEU O 120 27.07 -16.58 6.09
CA LEU O 120 27.98 -16.05 5.09
C LEU O 120 27.84 -14.54 5.06
N SER O 121 28.96 -13.83 5.07
CA SER O 121 28.94 -12.38 5.00
C SER O 121 30.10 -11.91 4.13
N VAL O 122 29.86 -10.80 3.44
CA VAL O 122 30.86 -10.17 2.58
C VAL O 122 31.06 -8.74 3.05
N ARG O 123 32.32 -8.34 3.20
CA ARG O 123 32.68 -6.99 3.58
C ARG O 123 33.76 -6.47 2.66
N GLY O 124 34.03 -5.17 2.75
CA GLY O 124 35.03 -4.58 1.89
C GLY O 124 34.51 -4.40 0.46
N GLY O 125 35.45 -4.30 -0.46
CA GLY O 125 35.13 -3.98 -1.83
C GLY O 125 34.72 -5.19 -2.67
N PHE O 126 33.71 -5.93 -2.23
CA PHE O 126 33.17 -7.05 -2.98
C PHE O 126 31.65 -6.96 -2.97
N ASN O 127 31.04 -6.92 -4.16
CA ASN O 127 29.59 -6.93 -4.29
C ASN O 127 29.21 -8.27 -4.91
N MET O 128 28.80 -9.21 -4.06
CA MET O 128 28.46 -10.55 -4.52
C MET O 128 27.18 -10.54 -5.34
N SER O 129 27.25 -11.13 -6.54
CA SER O 129 26.12 -11.19 -7.45
C SER O 129 25.45 -12.56 -7.50
N SER O 130 26.11 -13.60 -6.99
CA SER O 130 25.52 -14.93 -6.96
C SER O 130 26.18 -15.77 -5.88
N PHE O 131 25.43 -16.72 -5.34
CA PHE O 131 26.01 -17.77 -4.52
C PHE O 131 25.30 -19.07 -4.87
N LYS O 132 25.98 -20.18 -4.67
CA LYS O 132 25.43 -21.48 -5.03
C LYS O 132 25.98 -22.53 -4.08
N LEU O 133 25.10 -23.34 -3.52
CA LEU O 133 25.49 -24.44 -2.65
C LEU O 133 25.16 -25.77 -3.33
N LYS O 134 26.02 -26.76 -3.09
CA LYS O 134 25.81 -28.09 -3.66
C LYS O 134 26.20 -29.16 -2.64
N MET P 4 48.02 56.13 -3.11
CA MET P 4 47.23 54.96 -2.73
C MET P 4 46.35 54.50 -3.89
N THR P 5 45.93 55.45 -4.72
CA THR P 5 45.17 55.10 -5.91
C THR P 5 46.07 54.34 -6.88
N GLY P 6 45.55 53.25 -7.44
CA GLY P 6 46.32 52.38 -8.29
C GLY P 6 47.18 51.37 -7.57
N GLU P 7 47.37 51.51 -6.26
CA GLU P 7 48.13 50.55 -5.45
C GLU P 7 47.19 49.42 -5.04
N LEU P 8 47.02 48.47 -5.95
CA LEU P 8 46.02 47.42 -5.81
C LEU P 8 46.26 46.56 -4.58
N GLU P 9 45.16 46.16 -3.94
CA GLU P 9 45.15 45.19 -2.85
C GLU P 9 44.22 44.04 -3.21
N VAL P 10 44.70 42.81 -3.04
CA VAL P 10 43.87 41.62 -3.24
C VAL P 10 43.81 40.88 -1.92
N LYS P 11 42.61 40.78 -1.35
CA LYS P 11 42.40 40.13 -0.06
C LYS P 11 41.56 38.87 -0.24
N ASN P 12 41.60 38.03 0.81
CA ASN P 12 40.81 36.80 0.88
C ASN P 12 41.12 35.85 -0.29
N MET P 13 42.36 35.81 -0.73
CA MET P 13 42.76 34.76 -1.65
C MET P 13 42.84 33.43 -0.89
N ASP P 14 42.94 32.35 -1.66
CA ASP P 14 43.13 31.01 -1.08
C ASP P 14 44.28 30.34 -1.83
N MET P 15 45.49 30.81 -1.56
CA MET P 15 46.71 30.27 -2.14
C MET P 15 47.34 29.34 -1.12
N LYS P 16 47.19 28.05 -1.33
CA LYS P 16 47.70 27.02 -0.45
C LYS P 16 49.04 26.51 -0.96
N PRO P 17 49.77 25.74 -0.15
CA PRO P 17 51.04 25.17 -0.63
C PRO P 17 50.87 24.42 -1.94
N GLY P 18 51.77 24.68 -2.87
CA GLY P 18 51.70 24.09 -4.19
C GLY P 18 51.04 24.96 -5.25
N SER P 19 50.39 26.05 -4.87
CA SER P 19 49.72 26.88 -5.84
C SER P 19 50.70 27.92 -6.40
N THR P 20 50.38 28.41 -7.60
CA THR P 20 51.23 29.36 -8.29
C THR P 20 50.45 30.62 -8.62
N LEU P 21 51.14 31.76 -8.57
CA LEU P 21 50.53 33.07 -8.79
C LEU P 21 51.26 33.76 -9.93
N LYS P 22 50.51 34.14 -10.96
CA LYS P 22 51.03 34.81 -12.14
C LYS P 22 50.57 36.27 -12.11
N ILE P 23 51.52 37.20 -12.17
CA ILE P 23 51.22 38.63 -12.08
C ILE P 23 51.83 39.36 -13.27
N THR P 24 50.99 40.13 -13.97
CA THR P 24 51.43 40.98 -15.07
C THR P 24 51.07 42.42 -14.75
N GLY P 25 51.94 43.33 -15.15
CA GLY P 25 51.73 44.75 -14.93
C GLY P 25 52.81 45.53 -15.63
N SER P 26 52.70 46.85 -15.55
CA SER P 26 53.63 47.75 -16.22
C SER P 26 54.40 48.55 -15.17
N ILE P 27 55.72 48.60 -15.32
CA ILE P 27 56.56 49.37 -14.42
C ILE P 27 56.55 50.82 -14.88
N ALA P 28 56.32 51.74 -13.93
CA ALA P 28 56.19 53.14 -14.26
C ALA P 28 57.52 53.71 -14.76
N ASP P 29 57.43 54.63 -15.73
CA ASP P 29 58.61 55.26 -16.30
C ASP P 29 59.46 55.90 -15.23
N GLY P 30 60.76 55.58 -15.22
CA GLY P 30 61.67 56.32 -14.37
C GLY P 30 61.51 56.10 -12.88
N THR P 31 60.88 55.01 -12.47
CA THR P 31 60.67 54.74 -11.06
C THR P 31 61.90 54.11 -10.42
N ASP P 32 62.06 54.37 -9.12
CA ASP P 32 63.20 53.86 -8.38
C ASP P 32 62.98 52.43 -7.89
N GLY P 33 61.79 51.90 -8.03
CA GLY P 33 61.50 50.55 -7.59
C GLY P 33 60.01 50.35 -7.46
N PHE P 34 59.65 49.10 -7.15
CA PHE P 34 58.27 48.76 -6.88
C PHE P 34 58.26 47.55 -5.95
N VAL P 35 57.07 47.23 -5.44
CA VAL P 35 56.94 46.23 -4.38
C VAL P 35 55.77 45.32 -4.68
N ILE P 36 55.98 44.01 -4.56
CA ILE P 36 54.92 43.02 -4.56
C ILE P 36 54.97 42.31 -3.21
N ASN P 37 53.91 42.46 -2.42
CA ASN P 37 53.80 41.86 -1.10
C ASN P 37 52.82 40.71 -1.11
N LEU P 38 53.18 39.61 -0.45
CA LEU P 38 52.33 38.42 -0.45
C LEU P 38 52.39 37.80 0.95
N GLY P 39 51.23 37.54 1.54
CA GLY P 39 51.20 37.04 2.90
C GLY P 39 49.81 36.85 3.51
N GLN P 40 49.72 37.06 4.83
CA GLN P 40 48.47 36.84 5.57
C GLN P 40 47.66 38.10 5.75
N GLY P 41 48.27 39.27 5.61
CA GLY P 41 47.58 40.52 5.86
C GLY P 41 48.55 41.67 5.72
N THR P 42 48.07 42.87 6.07
CA THR P 42 48.88 44.07 5.88
C THR P 42 50.13 44.07 6.74
N ASP P 43 50.10 43.44 7.92
CA ASP P 43 51.25 43.44 8.81
C ASP P 43 51.96 42.09 8.88
N LYS P 44 51.50 41.10 8.11
CA LYS P 44 52.08 39.75 8.15
C LYS P 44 52.42 39.37 6.72
N LEU P 45 53.63 39.69 6.28
CA LEU P 45 54.07 39.51 4.90
C LEU P 45 55.08 38.39 4.80
N ASN P 46 54.65 37.25 4.24
CA ASN P 46 55.55 36.13 4.02
C ASN P 46 56.62 36.47 2.98
N LEU P 47 56.23 37.19 1.92
CA LEU P 47 57.15 37.55 0.84
C LEU P 47 57.01 39.03 0.53
N HIS P 48 58.08 39.78 0.74
CA HIS P 48 58.18 41.18 0.35
C HIS P 48 59.15 41.23 -0.82
N PHE P 49 58.63 41.46 -2.03
CA PHE P 49 59.40 41.35 -3.26
C PHE P 49 59.56 42.76 -3.82
N ASN P 50 60.80 43.26 -3.80
CA ASN P 50 61.07 44.69 -3.99
C ASN P 50 62.23 44.89 -4.94
N PRO P 51 61.96 44.88 -6.25
CA PRO P 51 62.99 45.31 -7.20
C PRO P 51 63.32 46.78 -7.02
N ARG P 52 64.61 47.08 -6.91
CA ARG P 52 65.09 48.45 -6.72
C ARG P 52 66.04 48.78 -7.87
N PHE P 53 65.55 49.55 -8.84
CA PHE P 53 66.38 49.94 -9.98
C PHE P 53 67.53 50.85 -9.54
N SER P 54 67.30 51.68 -8.53
CA SER P 54 68.36 52.56 -8.05
C SER P 54 69.52 51.76 -7.44
N GLU P 55 69.24 50.56 -6.93
CA GLU P 55 70.28 49.72 -6.33
C GLU P 55 70.66 48.53 -7.21
N SER P 56 70.09 48.41 -8.41
CA SER P 56 70.39 47.30 -9.33
C SER P 56 70.28 45.95 -8.63
N THR P 57 69.26 45.80 -7.81
CA THR P 57 69.06 44.56 -7.06
C THR P 57 67.59 44.40 -6.73
N ILE P 58 67.23 43.17 -6.38
CA ILE P 58 65.88 42.83 -5.94
C ILE P 58 65.96 42.41 -4.48
N VAL P 59 65.34 43.18 -3.61
CA VAL P 59 65.32 42.88 -2.18
C VAL P 59 64.10 42.03 -1.87
N CYS P 60 64.33 40.91 -1.18
CA CYS P 60 63.26 40.09 -0.63
C CYS P 60 63.37 40.11 0.90
N ASN P 61 62.23 40.19 1.57
CA ASN P 61 62.22 40.23 3.03
C ASN P 61 60.87 39.73 3.53
N SER P 62 60.75 39.64 4.85
CA SER P 62 59.51 39.27 5.50
C SER P 62 59.18 40.31 6.57
N LEU P 63 57.89 40.40 6.90
CA LEU P 63 57.41 41.34 7.90
C LEU P 63 56.44 40.62 8.82
N ASP P 64 56.76 40.56 10.10
CA ASP P 64 55.91 39.93 11.11
C ASP P 64 55.51 41.03 12.10
N GLY P 65 54.28 41.52 11.96
CA GLY P 65 53.84 42.65 12.75
C GLY P 65 54.53 43.92 12.31
N SER P 66 55.34 44.49 13.20
CA SER P 66 56.15 45.66 12.88
C SER P 66 57.63 45.30 12.76
N ASN P 67 57.96 44.01 12.78
CA ASN P 67 59.34 43.54 12.79
C ASN P 67 59.71 43.02 11.41
N TRP P 68 60.63 43.71 10.74
CA TRP P 68 61.17 43.20 9.49
C TRP P 68 62.23 42.14 9.75
N GLY P 69 62.28 41.15 8.87
CA GLY P 69 63.31 40.14 8.90
C GLY P 69 64.61 40.66 8.32
N GLN P 70 65.48 39.72 7.94
CA GLN P 70 66.76 40.05 7.32
C GLN P 70 66.59 40.08 5.81
N GLU P 71 67.01 41.19 5.20
CA GLU P 71 66.89 41.32 3.75
C GLU P 71 67.79 40.34 3.05
N GLN P 72 67.32 39.84 1.91
CA GLN P 72 68.10 39.00 1.02
C GLN P 72 68.09 39.65 -0.36
N ARG P 73 69.26 40.09 -0.82
CA ARG P 73 69.36 40.80 -2.09
C ARG P 73 69.84 39.86 -3.18
N GLU P 74 69.17 39.93 -4.34
CA GLU P 74 69.44 39.08 -5.49
C GLU P 74 69.78 40.02 -6.64
N ASP P 75 71.05 40.10 -7.02
CA ASP P 75 71.44 41.01 -8.10
C ASP P 75 71.23 40.37 -9.47
N HIS P 76 69.97 39.99 -9.70
CA HIS P 76 69.49 39.59 -11.02
C HIS P 76 68.28 40.47 -11.33
N LEU P 77 68.55 41.73 -11.60
CA LEU P 77 67.56 42.73 -11.99
C LEU P 77 67.86 43.05 -13.45
N CYS P 78 67.16 42.36 -14.35
CA CYS P 78 67.45 42.46 -15.78
C CYS P 78 66.24 42.97 -16.56
N PHE P 79 65.37 43.71 -15.90
CA PHE P 79 64.30 44.44 -16.55
C PHE P 79 64.34 45.89 -16.09
N SER P 80 63.70 46.75 -16.88
CA SER P 80 63.84 48.19 -16.70
C SER P 80 62.47 48.84 -16.60
N PRO P 81 62.40 50.02 -15.98
CA PRO P 81 61.12 50.75 -15.95
C PRO P 81 60.66 51.12 -17.35
N GLY P 82 59.34 51.20 -17.52
CA GLY P 82 58.80 51.52 -18.82
C GLY P 82 57.76 50.59 -19.39
N SER P 83 57.91 49.28 -19.18
CA SER P 83 57.12 48.32 -19.96
C SER P 83 56.57 47.24 -19.04
N GLU P 84 56.03 46.19 -19.67
CA GLU P 84 55.32 45.13 -18.97
C GLU P 84 56.27 43.99 -18.62
N VAL P 85 56.26 43.58 -17.35
CA VAL P 85 56.97 42.41 -16.89
C VAL P 85 55.96 41.38 -16.41
N LYS P 86 56.40 40.14 -16.30
CA LYS P 86 55.56 39.04 -15.84
C LYS P 86 56.33 38.23 -14.82
N PHE P 87 55.81 38.18 -13.60
CA PHE P 87 56.39 37.41 -12.51
C PHE P 87 55.49 36.22 -12.21
N THR P 88 56.11 35.08 -11.91
CA THR P 88 55.39 33.90 -11.44
C THR P 88 55.91 33.55 -10.05
N VAL P 89 55.02 33.59 -9.06
CA VAL P 89 55.36 33.24 -7.69
C VAL P 89 54.76 31.87 -7.41
N THR P 90 55.60 30.91 -7.05
CA THR P 90 55.17 29.58 -6.67
C THR P 90 55.32 29.44 -5.16
N PHE P 91 54.25 29.00 -4.51
CA PHE P 91 54.18 28.95 -3.06
C PHE P 91 54.41 27.52 -2.56
N GLU P 92 55.52 27.32 -1.86
CA GLU P 92 55.79 26.10 -1.10
C GLU P 92 55.73 26.42 0.38
N SER P 93 55.49 25.38 1.19
CA SER P 93 55.47 25.58 2.63
C SER P 93 56.87 25.93 3.15
N ASP P 94 57.90 25.35 2.54
CA ASP P 94 59.26 25.60 2.99
C ASP P 94 59.78 26.93 2.50
N LYS P 95 59.39 27.37 1.30
CA LYS P 95 60.05 28.49 0.65
C LYS P 95 59.13 29.09 -0.40
N PHE P 96 59.57 30.20 -0.97
CA PHE P 96 58.95 30.83 -2.12
C PHE P 96 59.85 30.70 -3.35
N LYS P 97 59.24 30.47 -4.50
CA LYS P 97 59.93 30.48 -5.78
C LYS P 97 59.33 31.58 -6.65
N VAL P 98 60.17 32.48 -7.13
CA VAL P 98 59.73 33.59 -7.96
C VAL P 98 60.44 33.46 -9.30
N LYS P 99 59.67 33.36 -10.38
CA LYS P 99 60.25 33.26 -11.71
C LYS P 99 60.21 34.63 -12.39
N LEU P 100 61.37 35.20 -12.67
CA LEU P 100 61.51 36.50 -13.30
C LEU P 100 61.20 36.45 -14.80
N PRO P 101 61.02 37.61 -15.45
CA PRO P 101 60.63 37.60 -16.87
C PRO P 101 61.61 36.88 -17.79
N ASP P 102 62.88 36.75 -17.44
CA ASP P 102 63.81 36.01 -18.28
C ASP P 102 63.96 34.55 -17.87
N GLY P 103 63.17 34.08 -16.91
CA GLY P 103 63.18 32.69 -16.48
C GLY P 103 64.03 32.36 -15.28
N HIS P 104 64.92 33.25 -14.83
CA HIS P 104 65.69 32.97 -13.64
C HIS P 104 64.77 32.91 -12.42
N GLU P 105 64.81 31.80 -11.70
CA GLU P 105 63.94 31.58 -10.54
C GLU P 105 64.69 31.95 -9.26
N LEU P 106 64.03 32.75 -8.43
CA LEU P 106 64.57 33.17 -7.15
C LEU P 106 63.90 32.39 -6.03
N THR P 107 64.68 31.97 -5.04
CA THR P 107 64.14 31.28 -3.89
C THR P 107 64.24 32.18 -2.66
N PHE P 108 63.17 32.20 -1.86
CA PHE P 108 63.14 32.99 -0.64
C PHE P 108 62.45 32.13 0.41
N PRO P 109 63.07 31.92 1.56
CA PRO P 109 62.46 31.08 2.60
C PRO P 109 61.26 31.75 3.25
N ASN P 110 60.29 30.93 3.64
CA ASN P 110 59.17 31.37 4.46
C ASN P 110 59.53 31.25 5.94
N ARG P 111 59.72 32.39 6.59
CA ARG P 111 60.16 32.49 7.96
C ARG P 111 58.99 32.53 8.95
N LEU P 112 57.75 32.50 8.46
CA LEU P 112 56.57 32.89 9.21
C LEU P 112 55.47 31.83 9.37
N GLY P 113 55.77 30.54 9.20
CA GLY P 113 54.75 29.54 9.45
C GLY P 113 53.78 29.46 8.29
N HIS P 114 52.92 28.45 8.20
CA HIS P 114 51.98 28.45 7.08
C HIS P 114 50.59 28.00 7.45
N SER P 115 49.70 28.98 7.56
CA SER P 115 48.34 28.86 7.03
C SER P 115 48.48 29.05 5.52
N HIS P 116 47.39 29.40 4.85
CA HIS P 116 47.49 29.71 3.43
C HIS P 116 47.99 31.15 3.24
N LEU P 117 48.05 31.59 2.00
CA LEU P 117 48.31 32.99 1.68
C LEU P 117 47.03 33.61 1.15
N SER P 118 46.62 34.72 1.78
CA SER P 118 45.35 35.37 1.45
C SER P 118 45.50 36.81 0.98
N TYR P 119 46.69 37.39 1.03
CA TYR P 119 46.85 38.83 0.87
C TYR P 119 47.93 39.14 -0.15
N LEU P 120 47.60 40.01 -1.10
CA LEU P 120 48.53 40.52 -2.10
C LEU P 120 48.37 42.01 -2.21
N SER P 121 49.48 42.75 -2.21
CA SER P 121 49.44 44.19 -2.36
C SER P 121 50.60 44.65 -3.24
N VAL P 122 50.37 45.71 -4.00
CA VAL P 122 51.36 46.29 -4.89
C VAL P 122 51.55 47.75 -4.53
N ARG P 123 52.81 48.18 -4.44
CA ARG P 123 53.16 49.55 -4.13
C ARG P 123 54.25 50.02 -5.09
N GLY P 124 54.50 51.33 -5.09
CA GLY P 124 55.53 51.89 -5.93
C GLY P 124 55.10 52.00 -7.39
N GLY P 125 56.10 52.07 -8.26
CA GLY P 125 55.84 52.30 -9.67
C GLY P 125 55.49 51.03 -10.43
N PHE P 126 54.48 50.32 -9.95
CA PHE P 126 53.98 49.13 -10.64
C PHE P 126 52.46 49.20 -10.66
N ASN P 127 51.87 49.12 -11.86
CA ASN P 127 50.42 49.10 -12.01
C ASN P 127 50.02 47.70 -12.49
N MET P 128 49.54 46.87 -11.57
CA MET P 128 49.18 45.51 -11.91
C MET P 128 47.97 45.49 -12.83
N SER P 129 48.07 44.78 -13.95
CA SER P 129 46.98 44.70 -14.91
C SER P 129 46.26 43.36 -14.91
N SER P 130 46.89 42.30 -14.39
CA SER P 130 46.24 41.00 -14.33
C SER P 130 46.96 40.11 -13.32
N PHE P 131 46.21 39.16 -12.76
CA PHE P 131 46.81 38.06 -12.03
C PHE P 131 46.04 36.79 -12.35
N LYS P 132 46.66 35.65 -12.06
CA LYS P 132 46.01 34.35 -12.24
C LYS P 132 46.50 33.41 -11.15
N LEU P 133 45.56 32.85 -10.39
CA LEU P 133 45.88 31.84 -9.40
C LEU P 133 45.57 30.46 -9.98
N LYS P 134 46.42 29.48 -9.67
CA LYS P 134 46.29 28.15 -10.25
C LYS P 134 46.52 27.05 -9.24
C2 BGC Q . 6.29 16.38 -1.91
C3 BGC Q . 5.16 17.13 -2.52
C4 BGC Q . 4.02 17.04 -1.64
C5 BGC Q . 4.32 17.79 -0.39
C6 BGC Q . 3.08 17.92 0.50
C1 BGC Q . 6.67 16.93 -0.51
O1 BGC Q . 7.49 16.11 0.08
O2 BGC Q . 7.45 16.50 -2.77
O3 BGC Q . 4.82 16.59 -3.85
O4 BGC Q . 2.74 17.43 -2.34
O5 BGC Q . 5.39 17.11 0.34
O6 BGC Q . 2.99 16.77 1.31
C1 GAL Q . 1.69 16.60 -1.96
C2 GAL Q . 0.36 17.32 -2.15
C3 GAL Q . -0.80 16.64 -2.77
C4 GAL Q . -0.48 15.44 -3.57
C5 GAL Q . 0.66 14.57 -3.10
C6 GAL Q . 1.09 13.66 -4.21
O2 GAL Q . 0.00 18.15 -1.02
O3 GAL Q . -1.49 17.59 -3.62
O4 GAL Q . -0.32 15.79 -4.97
O5 GAL Q . 1.85 15.24 -2.50
O6 GAL Q . 1.94 12.69 -3.67
C2 BGC R . -15.56 -39.18 9.96
C3 BGC R . -16.76 -38.66 9.26
C4 BGC R . -17.94 -38.85 10.09
C5 BGC R . -17.80 -37.96 11.28
C6 BGC R . -19.00 -37.93 12.20
C1 BGC R . -15.33 -38.46 11.31
O1 BGC R . -14.43 -39.11 12.01
O2 BGC R . -14.41 -38.98 9.12
O3 BGC R . -16.94 -39.30 7.94
O4 BGC R . -19.20 -38.71 9.26
O5 BGC R . -16.64 -38.40 12.09
O6 BGC R . -18.55 -37.91 13.54
C1 GAL R . -20.38 -39.12 9.92
C2 GAL R . -21.60 -38.38 9.35
C3 GAL R . -22.57 -39.14 8.54
C4 GAL R . -22.08 -40.45 8.02
C5 GAL R . -21.18 -41.28 8.92
C6 GAL R . -20.20 -42.08 8.14
O2 GAL R . -22.26 -37.57 10.37
O3 GAL R . -22.99 -38.32 7.43
O4 GAL R . -21.47 -40.27 6.71
O5 GAL R . -20.53 -40.57 10.07
O6 GAL R . -19.68 -43.05 9.00
C2 BGC S . 53.99 -4.70 7.44
C3 BGC S . 52.55 -4.43 7.23
C4 BGC S . 52.28 -4.02 5.87
C5 BGC S . 52.69 -5.07 4.91
C6 BGC S . 52.35 -4.64 3.49
C1 BGC S . 54.57 -5.73 6.43
O1 BGC S . 55.87 -5.74 6.50
O2 BGC S . 54.19 -5.21 8.77
O3 BGC S . 52.10 -3.37 8.17
O4 BGC S . 50.80 -3.74 5.71
O5 BGC S . 54.14 -5.34 5.02
O6 BGC S . 53.14 -3.52 3.16
C1 GAL S . 50.60 -2.44 5.28
C2 GAL S . 49.08 -2.20 5.25
C3 GAL S . 48.70 -0.77 5.13
C4 GAL S . 49.41 0.08 6.10
C5 GAL S . 50.91 -0.09 5.97
C6 GAL S . 51.60 0.78 6.99
O2 GAL S . 48.53 -2.92 4.11
O3 GAL S . 47.26 -0.65 5.35
O4 GAL S . 49.00 -0.30 7.44
O5 GAL S . 51.31 -1.51 6.17
O6 GAL S . 52.97 0.52 6.93
C2 BGC T . 32.52 -59.72 17.82
C3 BGC T . 31.08 -59.79 18.14
C4 BGC T . 30.25 -59.54 16.99
C5 BGC T . 30.59 -60.35 15.79
C6 BGC T . 29.89 -59.76 14.57
C1 BGC T . 32.88 -60.73 16.70
O1 BGC T . 34.15 -60.65 16.40
O2 BGC T . 33.30 -60.04 19.00
O3 BGC T . 30.74 -58.78 19.16
O4 BGC T . 28.80 -59.69 17.38
O5 BGC T . 32.03 -60.36 15.50
O6 BGC T . 30.24 -58.40 14.46
C1 GAL T . 28.04 -58.71 16.74
C2 GAL T . 26.55 -58.94 16.97
C3 GAL T . 25.68 -57.74 17.04
C4 GAL T . 26.31 -56.53 17.58
C5 GAL T . 27.72 -56.24 17.11
C6 GAL T . 28.36 -55.18 17.95
O2 GAL T . 26.01 -59.87 15.99
O3 GAL T . 24.48 -58.06 17.80
O4 GAL T . 26.18 -56.44 19.02
O5 GAL T . 28.64 -57.41 17.01
O6 GAL T . 29.74 -55.32 17.86
C2 BGC U . -6.51 -16.26 2.82
C3 BGC U . -5.28 -16.97 3.24
C4 BGC U . -4.53 -16.20 4.21
C5 BGC U . -5.32 -15.84 5.41
C6 BGC U . -4.55 -14.85 6.28
C1 BGC U . -7.42 -15.97 4.04
O1 BGC U . -8.46 -15.27 3.66
O2 BGC U . -7.23 -17.09 1.89
O3 BGC U . -4.42 -17.22 2.05
O4 BGC U . -3.24 -16.92 4.55
O5 BGC U . -6.59 -15.19 5.05
O6 BGC U . -4.38 -13.67 5.53
C1 GAL U . -2.20 -16.02 4.76
C2 GAL U . -0.98 -16.73 5.35
C3 GAL U . 0.39 -16.28 4.99
C4 GAL U . 0.52 -15.50 3.75
C5 GAL U . -0.66 -14.69 3.25
C6 GAL U . -0.55 -14.46 1.77
O2 GAL U . -1.12 -16.91 6.79
O3 GAL U . 1.26 -17.44 4.94
O4 GAL U . 1.02 -16.35 2.68
O5 GAL U . -2.03 -15.17 3.59
O6 GAL U . -1.45 -13.44 1.44
C2 BGC V . 14.00 40.99 -1.59
C3 BGC V . 15.27 40.32 -1.95
C4 BGC V . 16.33 40.82 -1.10
C5 BGC V . 16.09 40.46 0.32
C6 BGC V . 17.07 41.17 1.23
C1 BGC V . 13.59 40.66 -0.14
O1 BGC V . 12.60 41.44 0.21
O2 BGC V . 12.95 40.56 -2.49
O3 BGC V . 15.60 40.58 -3.36
O4 BGC V . 17.67 40.38 -1.67
O5 BGC V . 14.77 40.89 0.80
O6 BGC V . 16.56 42.46 1.48
C1 GAL V . 18.72 41.19 -1.25
C2 GAL V . 20.01 40.37 -1.14
C3 GAL V . 21.27 41.01 -1.57
C4 GAL V . 21.15 41.82 -2.81
C5 GAL V . 19.85 42.55 -3.03
C6 GAL V . 19.31 42.44 -4.42
O2 GAL V . 20.17 39.82 0.20
O3 GAL V . 22.26 39.97 -1.78
O4 GAL V . 21.46 40.97 -3.95
O5 GAL V . 18.80 42.46 -1.97
O6 GAL V . 19.04 43.73 -4.85
C2 BGC W . -52.42 3.25 -12.07
C3 BGC W . -51.42 2.80 -11.07
C4 BGC W . -50.34 1.98 -11.60
C5 BGC W . -49.81 2.41 -12.93
C6 BGC W . -49.04 1.27 -13.57
C1 BGC W . -51.76 3.93 -13.28
O1 BGC W . -52.66 4.29 -14.15
O2 BGC W . -53.29 4.20 -11.43
O3 BGC W . -52.11 2.03 -10.00
O4 BGC W . -49.32 1.94 -10.55
O5 BGC W . -50.84 2.88 -13.87
O6 BGC W . -49.88 0.58 -14.45
C1 GAL W . -48.49 0.87 -10.79
C2 GAL W . -47.42 1.47 -9.90
C3 GAL W . -47.02 0.84 -8.67
C4 GAL W . -48.29 0.46 -7.97
C5 GAL W . -49.25 -0.40 -8.78
C6 GAL W . -50.68 -0.21 -8.37
O2 GAL W . -46.35 2.02 -10.65
O3 GAL W . -46.34 1.83 -7.85
O4 GAL W . -48.93 1.66 -7.48
O5 GAL W . -49.14 -0.35 -10.28
O6 GAL W . -51.50 -0.71 -9.37
C2 BGC X . -31.83 59.31 -24.73
C3 BGC X . -30.74 59.18 -23.74
C4 BGC X . -29.93 58.00 -24.02
C5 BGC X . -29.26 58.15 -25.34
C6 BGC X . -28.50 56.91 -25.77
C1 BGC X . -31.26 59.48 -26.16
O1 BGC X . -32.24 59.38 -27.02
O2 BGC X . -32.64 60.46 -24.44
O3 BGC X . -31.27 59.12 -22.37
O4 BGC X . -29.04 57.74 -22.81
O5 BGC X . -30.23 58.38 -26.42
O6 BGC X . -29.42 56.02 -26.35
C1 GAL X . -28.27 56.57 -22.88
C2 GAL X . -26.94 56.78 -22.16
C3 GAL X . -26.61 55.88 -21.02
C4 GAL X . -27.77 55.30 -20.29
C5 GAL X . -29.04 55.05 -21.07
C6 GAL X . -30.24 55.61 -20.38
O2 GAL X . -25.83 56.90 -23.09
O3 GAL X . -25.82 56.64 -20.07
O4 GAL X . -28.04 56.09 -19.10
O5 GAL X . -29.02 55.36 -22.52
O6 GAL X . -31.30 54.77 -20.72
#